data_7XQB
#
_entry.id   7XQB
#
_cell.length_a   1.00
_cell.length_b   1.00
_cell.length_c   1.00
_cell.angle_alpha   90.00
_cell.angle_beta   90.00
_cell.angle_gamma   90.00
#
_symmetry.space_group_name_H-M   'P 1'
#
loop_
_entity.id
_entity.type
_entity.pdbx_description
1 polymer 'Gap junction alpha-1 protein'
2 non-polymer TETRADECANE
3 non-polymer 'CHOLESTEROL HEMISUCCINATE'
4 non-polymer PHOSPHATIDYLETHANOLAMINE
#
_entity_poly.entity_id   1
_entity_poly.type   'polypeptide(L)'
_entity_poly.pdbx_seq_one_letter_code
;MGDWSALGKLLDKVQAYSTAGGKVWLSVLFIFRILLLGTAVESAWGDEQSAFRCNTQQPGCENVCYDKSFPISHVRFWVL
QIIFVSVPTLLYLAHVFYVMRKEEKLNKKEEELKVAQTDGVNVDMHLKQIEIKKFKYGIEEHGKVKMRGGLLRTYIISIL
FKSIFEVAFLLIQWYIYGFSLSAVYTCKRDPCPHQVDCFLSRPTEKTIFIIFMLVVSLVSLALNIIELFYVFFKGVKDRV
KGKSDPYHATSGALSPAKDCGSQKYAYFNGCSSPTAPLSPMSPPGYKLVTGDRNNSSCRNYNKQASEQNWANYSAEQNRM
GQAGSTISNSHAQPFDFPDDNQNSKKLAAGHELQPLAIVDQRPSSRASSRASSRPRPDDLEI
;
_entity_poly.pdbx_strand_id   A,G,B,C,D,E,F,H,I,J,K,L
#
# COMPACT_ATOMS: atom_id res chain seq x y z
N GLY A 2 -21.58 12.38 65.44
CA GLY A 2 -21.89 11.61 64.25
C GLY A 2 -21.83 10.11 64.49
N ASP A 3 -22.66 9.62 65.40
CA ASP A 3 -22.71 8.19 65.72
C ASP A 3 -23.58 7.47 64.71
N TRP A 4 -23.05 6.39 64.13
CA TRP A 4 -23.77 5.61 63.12
C TRP A 4 -24.43 4.40 63.79
N SER A 5 -25.47 4.69 64.58
CA SER A 5 -26.20 3.66 65.30
C SER A 5 -27.38 3.11 64.52
N ALA A 6 -28.04 3.93 63.70
CA ALA A 6 -29.13 3.43 62.88
C ALA A 6 -28.64 2.43 61.84
N LEU A 7 -27.43 2.64 61.31
CA LEU A 7 -26.82 1.66 60.43
C LEU A 7 -26.63 0.34 61.15
N GLY A 8 -26.19 0.39 62.41
CA GLY A 8 -26.03 -0.84 63.18
C GLY A 8 -27.35 -1.55 63.40
N LYS A 9 -28.40 -0.80 63.72
CA LYS A 9 -29.72 -1.41 63.89
C LYS A 9 -30.18 -2.09 62.60
N LEU A 10 -30.04 -1.39 61.47
CA LEU A 10 -30.45 -1.96 60.20
C LEU A 10 -29.63 -3.22 59.88
N LEU A 11 -28.33 -3.17 60.12
CA LEU A 11 -27.48 -4.33 59.85
C LEU A 11 -27.87 -5.51 60.70
N ASP A 12 -28.13 -5.28 62.00
CA ASP A 12 -28.52 -6.36 62.87
C ASP A 12 -29.86 -6.95 62.47
N LYS A 13 -30.81 -6.10 62.07
CA LYS A 13 -32.11 -6.60 61.65
C LYS A 13 -32.01 -7.42 60.36
N VAL A 14 -31.18 -6.97 59.42
CA VAL A 14 -31.06 -7.65 58.14
C VAL A 14 -30.44 -9.03 58.31
N GLN A 15 -29.45 -9.15 59.19
CA GLN A 15 -28.67 -10.38 59.36
C GLN A 15 -29.11 -11.16 60.60
N ALA A 16 -30.39 -11.14 60.91
CA ALA A 16 -30.88 -11.80 62.13
C ALA A 16 -30.85 -13.32 61.98
N TYR A 17 -31.22 -13.84 60.81
CA TYR A 17 -31.36 -15.28 60.61
C TYR A 17 -30.12 -15.92 59.99
N SER A 18 -29.06 -15.16 59.77
CA SER A 18 -27.87 -15.69 59.11
C SER A 18 -26.93 -16.33 60.13
N THR A 19 -26.07 -17.20 59.62
CA THR A 19 -25.06 -17.86 60.44
C THR A 19 -23.89 -16.91 60.69
N ALA A 20 -22.96 -17.36 61.54
CA ALA A 20 -21.78 -16.55 61.84
C ALA A 20 -20.83 -16.51 60.65
N GLY A 21 -20.59 -17.65 60.01
CA GLY A 21 -19.68 -17.67 58.87
C GLY A 21 -20.20 -16.90 57.68
N GLY A 22 -21.50 -17.02 57.39
CA GLY A 22 -22.07 -16.36 56.23
C GLY A 22 -21.93 -14.86 56.25
N LYS A 23 -21.77 -14.27 57.44
CA LYS A 23 -21.61 -12.83 57.54
C LYS A 23 -20.25 -12.35 57.06
N VAL A 24 -19.32 -13.27 56.77
CA VAL A 24 -17.93 -12.90 56.50
C VAL A 24 -17.54 -13.31 55.08
N TRP A 25 -17.61 -14.61 54.80
CA TRP A 25 -17.14 -15.12 53.51
C TRP A 25 -17.98 -14.55 52.36
N LEU A 26 -19.30 -14.52 52.53
CA LEU A 26 -20.16 -14.06 51.45
C LEU A 26 -19.97 -12.57 51.18
N SER A 27 -19.66 -11.79 52.22
CA SER A 27 -19.39 -10.37 52.02
C SER A 27 -18.04 -10.14 51.36
N VAL A 28 -17.01 -10.87 51.77
CA VAL A 28 -15.69 -10.69 51.18
C VAL A 28 -15.65 -11.18 49.74
N LEU A 29 -16.42 -12.21 49.42
CA LEU A 29 -16.40 -12.76 48.07
C LEU A 29 -16.93 -11.74 47.06
N PHE A 30 -17.92 -10.94 47.45
CA PHE A 30 -18.43 -9.92 46.55
C PHE A 30 -17.36 -8.89 46.20
N ILE A 31 -16.60 -8.44 47.20
CA ILE A 31 -15.53 -7.49 46.96
C ILE A 31 -14.46 -8.11 46.08
N PHE A 32 -14.07 -9.35 46.38
CA PHE A 32 -13.11 -10.06 45.55
C PHE A 32 -13.58 -10.11 44.09
N ARG A 33 -14.85 -10.46 43.89
CA ARG A 33 -15.41 -10.59 42.55
C ARG A 33 -15.35 -9.26 41.81
N ILE A 34 -15.82 -8.18 42.43
CA ILE A 34 -15.87 -6.90 41.72
C ILE A 34 -14.46 -6.39 41.44
N LEU A 35 -13.53 -6.56 42.38
CA LEU A 35 -12.17 -6.11 42.14
C LEU A 35 -11.53 -6.87 40.98
N LEU A 36 -11.66 -8.20 40.99
CA LEU A 36 -11.09 -8.99 39.90
C LEU A 36 -11.72 -8.63 38.56
N LEU A 37 -13.04 -8.44 38.55
CA LEU A 37 -13.72 -8.10 37.30
C LEU A 37 -13.28 -6.75 36.77
N GLY A 38 -13.13 -5.76 37.65
CA GLY A 38 -12.85 -4.40 37.20
C GLY A 38 -11.40 -4.14 36.89
N THR A 39 -10.47 -4.86 37.52
CA THR A 39 -9.06 -4.54 37.37
C THR A 39 -8.40 -5.35 36.26
N ALA A 40 -8.46 -6.68 36.34
CA ALA A 40 -7.64 -7.54 35.49
C ALA A 40 -8.33 -7.93 34.18
N VAL A 41 -9.50 -8.58 34.28
CA VAL A 41 -10.09 -9.20 33.09
C VAL A 41 -10.54 -8.14 32.09
N GLU A 42 -11.02 -7.00 32.57
CA GLU A 42 -11.62 -6.02 31.68
C GLU A 42 -10.63 -5.48 30.64
N SER A 43 -9.33 -5.53 30.94
CA SER A 43 -8.32 -5.04 30.01
C SER A 43 -7.85 -6.10 29.01
N ALA A 44 -8.00 -7.38 29.35
CA ALA A 44 -7.57 -8.43 28.43
C ALA A 44 -8.52 -8.57 27.25
N TRP A 45 -9.78 -8.16 27.41
CA TRP A 45 -10.79 -8.24 26.37
C TRP A 45 -10.89 -6.98 25.53
N GLY A 46 -10.00 -6.01 25.74
CA GLY A 46 -10.11 -4.75 25.02
C GLY A 46 -9.92 -4.91 23.52
N ASP A 47 -8.85 -5.57 23.11
CA ASP A 47 -8.56 -5.80 21.70
C ASP A 47 -9.09 -7.16 21.22
N GLU A 48 -10.39 -7.40 21.44
CA GLU A 48 -10.98 -8.67 21.06
C GLU A 48 -11.44 -8.68 19.61
N GLN A 49 -11.70 -7.53 19.02
CA GLN A 49 -12.13 -7.43 17.63
C GLN A 49 -11.10 -6.78 16.73
N SER A 50 -10.25 -5.91 17.26
CA SER A 50 -9.23 -5.28 16.45
C SER A 50 -8.09 -6.22 16.11
N ALA A 51 -7.78 -7.17 17.00
CA ALA A 51 -6.73 -8.14 16.77
C ALA A 51 -7.24 -9.47 16.25
N PHE A 52 -8.52 -9.54 15.88
CA PHE A 52 -9.10 -10.73 15.29
C PHE A 52 -8.88 -10.70 13.79
N ARG A 53 -8.25 -11.76 13.26
CA ARG A 53 -7.83 -11.80 11.88
C ARG A 53 -8.31 -13.07 11.21
N CYS A 54 -8.64 -12.96 9.92
CA CYS A 54 -9.06 -14.08 9.10
C CYS A 54 -8.25 -14.07 7.80
N ASN A 55 -8.08 -15.25 7.22
CA ASN A 55 -7.28 -15.42 6.01
C ASN A 55 -8.21 -15.40 4.81
N THR A 56 -8.36 -14.23 4.19
CA THR A 56 -9.17 -14.09 2.99
C THR A 56 -9.06 -12.65 2.49
N GLN A 57 -9.46 -12.45 1.24
CA GLN A 57 -9.59 -11.12 0.65
C GLN A 57 -11.02 -10.64 0.57
N GLN A 58 -12.00 -11.48 0.90
CA GLN A 58 -13.40 -11.11 0.75
C GLN A 58 -13.78 -10.05 1.76
N PRO A 59 -14.28 -8.89 1.34
CA PRO A 59 -14.74 -7.87 2.30
C PRO A 59 -16.03 -8.29 2.97
N GLY A 60 -16.01 -8.37 4.29
CA GLY A 60 -17.18 -8.70 5.08
C GLY A 60 -17.14 -10.02 5.80
N CYS A 61 -16.14 -10.87 5.53
CA CYS A 61 -16.09 -12.17 6.18
C CYS A 61 -15.66 -12.04 7.64
N GLU A 62 -14.76 -11.11 7.94
CA GLU A 62 -14.29 -10.95 9.32
C GLU A 62 -15.44 -10.58 10.25
N ASN A 63 -16.28 -9.64 9.84
CA ASN A 63 -17.37 -9.18 10.70
C ASN A 63 -18.33 -10.32 11.02
N VAL A 64 -18.79 -11.02 9.98
CA VAL A 64 -19.77 -12.07 10.19
C VAL A 64 -19.16 -13.23 10.98
N CYS A 65 -17.89 -13.55 10.72
CA CYS A 65 -17.28 -14.66 11.43
C CYS A 65 -17.04 -14.33 12.90
N TYR A 66 -16.66 -13.08 13.20
CA TYR A 66 -16.56 -12.67 14.59
C TYR A 66 -17.91 -12.72 15.28
N ASP A 67 -18.96 -12.22 14.61
CA ASP A 67 -20.29 -12.25 15.21
C ASP A 67 -20.75 -13.68 15.45
N LYS A 68 -20.34 -14.61 14.59
CA LYS A 68 -20.72 -16.00 14.76
C LYS A 68 -19.94 -16.66 15.90
N SER A 69 -18.66 -16.30 16.05
CA SER A 69 -17.85 -16.91 17.09
C SER A 69 -18.25 -16.39 18.48
N PHE A 70 -18.51 -15.10 18.60
CA PHE A 70 -18.78 -14.45 19.89
C PHE A 70 -20.12 -13.73 19.84
N PRO A 71 -21.22 -14.46 20.04
CA PRO A 71 -22.53 -13.79 20.12
C PRO A 71 -22.65 -12.83 21.29
N ILE A 72 -21.87 -13.02 22.35
CA ILE A 72 -21.85 -12.08 23.47
C ILE A 72 -20.55 -12.29 24.22
N SER A 73 -19.91 -11.18 24.57
CA SER A 73 -18.63 -11.23 25.26
C SER A 73 -18.78 -11.77 26.67
N HIS A 74 -17.69 -12.35 27.18
CA HIS A 74 -17.72 -12.95 28.51
C HIS A 74 -17.87 -11.89 29.59
N VAL A 75 -17.20 -10.75 29.43
CA VAL A 75 -17.22 -9.73 30.49
C VAL A 75 -18.63 -9.22 30.72
N ARG A 76 -19.37 -8.96 29.65
CA ARG A 76 -20.73 -8.45 29.79
C ARG A 76 -21.67 -9.53 30.33
N PHE A 77 -21.43 -10.79 29.95
CA PHE A 77 -22.16 -11.90 30.54
C PHE A 77 -21.96 -11.94 32.05
N TRP A 78 -20.72 -11.75 32.50
CA TRP A 78 -20.43 -11.77 33.93
C TRP A 78 -21.03 -10.56 34.64
N VAL A 79 -21.04 -9.40 33.97
CA VAL A 79 -21.68 -8.22 34.56
C VAL A 79 -23.16 -8.47 34.77
N LEU A 80 -23.83 -9.03 33.76
CA LEU A 80 -25.23 -9.39 33.92
C LEU A 80 -25.41 -10.40 35.06
N GLN A 81 -24.53 -11.40 35.11
CA GLN A 81 -24.63 -12.42 36.15
C GLN A 81 -24.54 -11.82 37.54
N ILE A 82 -23.58 -10.91 37.75
CA ILE A 82 -23.38 -10.33 39.07
C ILE A 82 -24.45 -9.30 39.40
N ILE A 83 -25.08 -8.70 38.39
CA ILE A 83 -26.19 -7.79 38.66
C ILE A 83 -27.44 -8.55 39.06
N PHE A 84 -27.75 -9.63 38.34
CA PHE A 84 -28.96 -10.40 38.64
C PHE A 84 -28.88 -11.12 39.97
N VAL A 85 -27.68 -11.33 40.51
CA VAL A 85 -27.52 -12.08 41.75
C VAL A 85 -27.63 -11.20 42.99
N SER A 86 -27.52 -9.87 42.84
CA SER A 86 -27.43 -8.97 43.98
C SER A 86 -28.66 -8.12 44.22
N VAL A 87 -29.64 -8.14 43.32
CA VAL A 87 -30.82 -7.29 43.44
C VAL A 87 -31.76 -7.80 44.53
N PRO A 88 -31.91 -9.12 44.73
CA PRO A 88 -32.82 -9.56 45.80
C PRO A 88 -32.44 -9.05 47.17
N THR A 89 -31.14 -9.00 47.46
CA THR A 89 -30.70 -8.49 48.75
C THR A 89 -31.06 -7.03 48.91
N LEU A 90 -30.89 -6.23 47.84
CA LEU A 90 -31.25 -4.82 47.92
C LEU A 90 -32.75 -4.64 48.14
N LEU A 91 -33.56 -5.45 47.46
CA LEU A 91 -35.01 -5.40 47.68
C LEU A 91 -35.35 -5.72 49.12
N TYR A 92 -34.75 -6.78 49.66
CA TYR A 92 -35.00 -7.15 51.05
C TYR A 92 -34.57 -6.05 52.02
N LEU A 93 -33.43 -5.42 51.74
CA LEU A 93 -32.94 -4.35 52.59
C LEU A 93 -33.91 -3.17 52.60
N ALA A 94 -34.41 -2.78 51.43
CA ALA A 94 -35.37 -1.70 51.37
C ALA A 94 -36.65 -2.06 52.11
N HIS A 95 -37.12 -3.30 51.94
CA HIS A 95 -38.31 -3.75 52.65
C HIS A 95 -38.12 -3.63 54.16
N VAL A 96 -36.97 -4.07 54.66
CA VAL A 96 -36.70 -4.00 56.10
C VAL A 96 -36.64 -2.54 56.56
N PHE A 97 -36.00 -1.68 55.76
CA PHE A 97 -35.92 -0.27 56.10
C PHE A 97 -37.32 0.34 56.29
N TYR A 98 -38.19 0.13 55.31
CA TYR A 98 -39.53 0.70 55.40
C TYR A 98 -40.32 0.09 56.55
N VAL A 99 -40.18 -1.22 56.78
CA VAL A 99 -40.89 -1.86 57.88
C VAL A 99 -40.44 -1.26 59.22
N MET A 100 -39.13 -1.06 59.38
CA MET A 100 -38.64 -0.47 60.63
C MET A 100 -39.17 0.94 60.83
N ARG A 101 -39.18 1.75 59.76
CA ARG A 101 -39.73 3.10 59.90
C ARG A 101 -41.19 3.07 60.31
N LYS A 102 -41.97 2.19 59.68
CA LYS A 102 -43.40 2.09 60.03
C LYS A 102 -43.58 1.63 61.48
N GLU A 103 -42.77 0.67 61.92
CA GLU A 103 -42.89 0.20 63.31
C GLU A 103 -42.55 1.31 64.28
N GLU A 104 -41.51 2.10 64.00
CA GLU A 104 -41.17 3.21 64.88
C GLU A 104 -42.30 4.22 64.94
N LYS A 105 -42.89 4.55 63.78
CA LYS A 105 -44.01 5.49 63.78
C LYS A 105 -45.19 4.95 64.60
N LEU A 106 -45.49 3.66 64.44
CA LEU A 106 -46.58 3.06 65.21
C LEU A 106 -46.30 3.13 66.70
N ASN A 107 -45.07 2.79 67.09
CA ASN A 107 -44.73 2.80 68.51
C ASN A 107 -44.88 4.19 69.12
N LYS A 108 -44.42 5.22 68.40
CA LYS A 108 -44.51 6.56 68.95
C LYS A 108 -45.92 7.13 68.88
N LYS A 109 -46.74 6.68 67.92
CA LYS A 109 -48.07 7.25 67.77
C LYS A 109 -49.04 6.71 68.82
N GLU A 110 -49.17 5.38 68.91
CA GLU A 110 -50.16 4.76 69.76
C GLU A 110 -49.64 4.52 71.18
N GLU A 111 -48.63 5.28 71.61
CA GLU A 111 -48.15 5.23 72.99
C GLU A 111 -47.96 6.64 73.53
N GLU A 112 -48.70 7.60 73.01
CA GLU A 112 -48.59 8.99 73.43
C GLU A 112 -49.09 9.17 74.85
N ARG A 148 -41.08 -15.28 64.07
CA ARG A 148 -40.97 -15.86 62.73
C ARG A 148 -42.21 -15.55 61.90
N GLY A 149 -42.02 -14.83 60.79
CA GLY A 149 -43.13 -14.41 59.95
C GLY A 149 -42.74 -14.11 58.53
N GLY A 150 -43.28 -13.01 57.99
CA GLY A 150 -43.07 -12.71 56.58
C GLY A 150 -41.62 -12.48 56.22
N LEU A 151 -40.86 -11.85 57.12
CA LEU A 151 -39.46 -11.54 56.82
C LEU A 151 -38.66 -12.82 56.56
N LEU A 152 -38.90 -13.86 57.35
CA LEU A 152 -38.23 -15.13 57.13
C LEU A 152 -38.57 -15.70 55.76
N ARG A 153 -39.85 -15.61 55.37
CA ARG A 153 -40.25 -16.11 54.06
C ARG A 153 -39.56 -15.33 52.94
N THR A 154 -39.47 -14.02 53.07
CA THR A 154 -38.78 -13.22 52.06
C THR A 154 -37.30 -13.57 51.99
N TYR A 155 -36.67 -13.78 53.15
CA TYR A 155 -35.27 -14.20 53.17
C TYR A 155 -35.08 -15.51 52.43
N ILE A 156 -35.95 -16.48 52.70
CA ILE A 156 -35.84 -17.78 52.04
C ILE A 156 -36.01 -17.63 50.54
N ILE A 157 -36.99 -16.82 50.12
CA ILE A 157 -37.25 -16.64 48.69
C ILE A 157 -36.03 -16.02 48.01
N SER A 158 -35.44 -15.00 48.62
CA SER A 158 -34.27 -14.35 48.04
C SER A 158 -33.11 -15.34 47.91
N ILE A 159 -32.87 -16.12 48.96
CA ILE A 159 -31.77 -17.08 48.93
C ILE A 159 -32.01 -18.12 47.83
N LEU A 160 -33.26 -18.53 47.64
CA LEU A 160 -33.56 -19.48 46.57
C LEU A 160 -33.29 -18.88 45.21
N PHE A 161 -33.74 -17.64 44.99
CA PHE A 161 -33.60 -17.02 43.68
C PHE A 161 -32.13 -16.77 43.32
N LYS A 162 -31.30 -16.44 44.30
CA LYS A 162 -29.88 -16.24 43.99
C LYS A 162 -29.26 -17.52 43.42
N SER A 163 -29.52 -18.65 44.08
CA SER A 163 -29.00 -19.93 43.59
C SER A 163 -29.58 -20.27 42.23
N ILE A 164 -30.88 -20.01 42.03
CA ILE A 164 -31.50 -20.30 40.75
C ILE A 164 -30.79 -19.55 39.63
N PHE A 165 -30.53 -18.26 39.85
CA PHE A 165 -29.85 -17.47 38.83
C PHE A 165 -28.44 -17.99 38.58
N GLU A 166 -27.70 -18.32 39.65
CA GLU A 166 -26.36 -18.87 39.48
C GLU A 166 -26.39 -20.09 38.59
N VAL A 167 -27.27 -21.05 38.90
CA VAL A 167 -27.33 -22.29 38.14
C VAL A 167 -27.71 -22.01 36.68
N ALA A 168 -28.69 -21.13 36.47
CA ALA A 168 -29.12 -20.84 35.11
C ALA A 168 -27.99 -20.26 34.28
N PHE A 169 -27.25 -19.29 34.85
CA PHE A 169 -26.16 -18.69 34.10
C PHE A 169 -25.06 -19.70 33.82
N LEU A 170 -24.74 -20.55 34.80
CA LEU A 170 -23.73 -21.58 34.56
C LEU A 170 -24.14 -22.51 33.42
N LEU A 171 -25.40 -22.95 33.42
CA LEU A 171 -25.87 -23.85 32.37
C LEU A 171 -25.82 -23.18 31.01
N ILE A 172 -26.25 -21.91 30.92
CA ILE A 172 -26.21 -21.21 29.64
C ILE A 172 -24.77 -21.10 29.14
N GLN A 173 -23.85 -20.72 30.03
CA GLN A 173 -22.46 -20.61 29.61
C GLN A 173 -21.91 -21.95 29.14
N TRP A 174 -22.24 -23.03 29.84
CA TRP A 174 -21.78 -24.35 29.41
C TRP A 174 -22.33 -24.70 28.04
N TYR A 175 -23.61 -24.39 27.79
CA TYR A 175 -24.21 -24.75 26.51
C TYR A 175 -23.62 -23.94 25.36
N ILE A 176 -23.40 -22.64 25.57
CA ILE A 176 -23.03 -21.78 24.45
C ILE A 176 -21.55 -21.89 24.14
N TYR A 177 -20.69 -21.73 25.15
CA TYR A 177 -19.26 -21.63 24.95
C TYR A 177 -18.50 -22.86 25.42
N GLY A 178 -18.69 -23.25 26.68
CA GLY A 178 -17.83 -24.22 27.32
C GLY A 178 -16.99 -23.55 28.39
N PHE A 179 -15.80 -24.07 28.63
CA PHE A 179 -14.88 -23.47 29.59
C PHE A 179 -13.46 -23.49 29.05
N SER A 180 -13.31 -23.12 27.79
CA SER A 180 -11.99 -23.04 27.16
C SER A 180 -12.13 -22.33 25.82
N LEU A 181 -11.00 -21.89 25.28
CA LEU A 181 -10.94 -21.22 23.99
C LEU A 181 -9.81 -21.80 23.17
N SER A 182 -10.04 -21.96 21.87
CA SER A 182 -9.05 -22.46 20.93
C SER A 182 -8.54 -21.32 20.06
N ALA A 183 -7.31 -21.45 19.59
CA ALA A 183 -6.66 -20.37 18.87
C ALA A 183 -7.18 -20.22 17.45
N VAL A 184 -7.64 -21.30 16.82
CA VAL A 184 -8.06 -21.30 15.43
C VAL A 184 -9.55 -21.62 15.37
N TYR A 185 -10.28 -20.85 14.57
CA TYR A 185 -11.72 -21.01 14.39
C TYR A 185 -12.01 -21.21 12.92
N THR A 186 -12.98 -22.06 12.61
CA THR A 186 -13.38 -22.36 11.24
C THR A 186 -14.76 -21.78 10.99
N CYS A 187 -14.88 -20.97 9.95
CA CYS A 187 -16.08 -20.19 9.65
C CYS A 187 -16.65 -20.64 8.32
N LYS A 188 -17.96 -20.90 8.29
CA LYS A 188 -18.68 -21.32 7.10
C LYS A 188 -19.96 -20.52 6.94
N ARG A 189 -19.84 -19.20 7.03
CA ARG A 189 -20.96 -18.28 6.88
C ARG A 189 -20.73 -17.40 5.66
N ASP A 190 -21.80 -17.13 4.92
CA ASP A 190 -21.70 -16.27 3.76
C ASP A 190 -21.35 -14.84 4.19
N PRO A 191 -20.64 -14.09 3.33
CA PRO A 191 -20.19 -14.42 1.97
C PRO A 191 -18.83 -15.12 1.91
N CYS A 192 -18.33 -15.69 3.00
CA CYS A 192 -17.03 -16.36 2.97
C CYS A 192 -17.10 -17.56 2.03
N PRO A 193 -16.13 -17.72 1.10
CA PRO A 193 -16.21 -18.80 0.11
C PRO A 193 -15.75 -20.15 0.64
N HIS A 194 -16.71 -21.03 0.90
CA HIS A 194 -16.55 -22.45 1.20
C HIS A 194 -15.95 -22.76 2.56
N GLN A 195 -15.21 -21.82 3.13
CA GLN A 195 -14.65 -21.97 4.48
C GLN A 195 -13.67 -20.83 4.74
N VAL A 196 -13.33 -20.58 6.00
CA VAL A 196 -12.29 -19.62 6.32
C VAL A 196 -11.69 -19.99 7.67
N ASP A 197 -10.38 -19.80 7.80
CA ASP A 197 -9.68 -19.94 9.06
C ASP A 197 -9.43 -18.57 9.67
N CYS A 198 -9.79 -18.43 10.94
CA CYS A 198 -9.65 -17.17 11.66
C CYS A 198 -8.90 -17.43 12.96
N PHE A 199 -8.24 -16.39 13.46
CA PHE A 199 -7.33 -16.50 14.60
C PHE A 199 -7.73 -15.51 15.68
N LEU A 200 -7.69 -15.96 16.93
CA LEU A 200 -8.15 -15.20 18.08
C LEU A 200 -6.99 -14.49 18.76
N SER A 201 -7.34 -13.64 19.72
CA SER A 201 -6.38 -12.87 20.51
C SER A 201 -6.39 -13.36 21.95
N ARG A 202 -5.20 -13.64 22.49
CA ARG A 202 -5.03 -14.07 23.87
C ARG A 202 -5.95 -15.22 24.24
N PRO A 203 -5.83 -16.37 23.56
CA PRO A 203 -6.71 -17.51 23.86
C PRO A 203 -6.32 -18.32 25.07
N THR A 204 -5.20 -18.01 25.75
CA THR A 204 -4.75 -18.76 26.90
C THR A 204 -5.03 -18.07 28.23
N GLU A 205 -4.85 -16.75 28.28
CA GLU A 205 -5.17 -16.00 29.49
C GLU A 205 -6.66 -16.09 29.82
N LYS A 206 -7.49 -15.97 28.78
CA LYS A 206 -8.93 -15.95 28.97
C LYS A 206 -9.42 -17.27 29.57
N THR A 207 -8.80 -18.39 29.19
CA THR A 207 -9.15 -19.66 29.80
C THR A 207 -8.88 -19.65 31.31
N ILE A 208 -7.75 -19.10 31.71
CA ILE A 208 -7.40 -19.01 33.12
C ILE A 208 -8.46 -18.20 33.87
N PHE A 209 -8.82 -17.04 33.33
CA PHE A 209 -9.80 -16.20 34.00
C PHE A 209 -11.17 -16.87 34.04
N ILE A 210 -11.54 -17.59 32.97
CA ILE A 210 -12.81 -18.31 32.96
C ILE A 210 -12.85 -19.33 34.08
N ILE A 211 -11.75 -20.08 34.27
CA ILE A 211 -11.71 -21.08 35.32
C ILE A 211 -11.81 -20.42 36.68
N PHE A 212 -11.10 -19.30 36.88
CA PHE A 212 -11.21 -18.57 38.14
C PHE A 212 -12.66 -18.22 38.45
N MET A 213 -13.36 -17.63 37.47
CA MET A 213 -14.73 -17.20 37.71
C MET A 213 -15.65 -18.40 37.97
N LEU A 214 -15.42 -19.51 37.28
CA LEU A 214 -16.20 -20.71 37.54
C LEU A 214 -16.05 -21.17 38.98
N VAL A 215 -14.80 -21.19 39.48
CA VAL A 215 -14.57 -21.60 40.87
C VAL A 215 -15.29 -20.67 41.82
N VAL A 216 -15.20 -19.36 41.58
CA VAL A 216 -15.86 -18.39 42.46
C VAL A 216 -17.36 -18.65 42.49
N SER A 217 -17.96 -18.87 41.32
CA SER A 217 -19.41 -19.10 41.26
C SER A 217 -19.80 -20.35 42.03
N LEU A 218 -19.03 -21.43 41.88
CA LEU A 218 -19.35 -22.66 42.60
C LEU A 218 -19.28 -22.44 44.11
N VAL A 219 -18.24 -21.73 44.57
CA VAL A 219 -18.12 -21.45 46.00
C VAL A 219 -19.32 -20.68 46.50
N SER A 220 -19.74 -19.65 45.75
CA SER A 220 -20.89 -18.87 46.15
C SER A 220 -22.15 -19.73 46.24
N LEU A 221 -22.35 -20.61 45.25
CA LEU A 221 -23.53 -21.47 45.27
C LEU A 221 -23.55 -22.36 46.50
N ALA A 222 -22.41 -22.97 46.82
CA ALA A 222 -22.34 -23.84 48.00
C ALA A 222 -22.65 -23.06 49.27
N LEU A 223 -22.04 -21.88 49.42
CA LEU A 223 -22.28 -21.08 50.62
C LEU A 223 -23.73 -20.65 50.74
N ASN A 224 -24.41 -20.43 49.60
CA ASN A 224 -25.82 -20.08 49.67
C ASN A 224 -26.69 -21.28 50.04
N ILE A 225 -26.35 -22.48 49.55
CA ILE A 225 -27.15 -23.66 49.90
C ILE A 225 -27.02 -23.99 51.38
N ILE A 226 -25.83 -23.78 51.94
CA ILE A 226 -25.63 -24.09 53.36
C ILE A 226 -26.62 -23.29 54.22
N GLU A 227 -26.84 -22.03 53.88
CA GLU A 227 -27.75 -21.19 54.67
C GLU A 227 -29.17 -21.74 54.63
N LEU A 228 -29.63 -22.18 53.46
CA LEU A 228 -30.97 -22.76 53.36
C LEU A 228 -31.09 -23.99 54.23
N PHE A 229 -30.09 -24.87 54.18
CA PHE A 229 -30.15 -26.07 55.00
C PHE A 229 -30.20 -25.73 56.47
N TYR A 230 -29.36 -24.79 56.91
CA TYR A 230 -29.33 -24.40 58.31
C TYR A 230 -30.68 -23.82 58.74
N VAL A 231 -31.25 -22.93 57.93
CA VAL A 231 -32.52 -22.31 58.27
C VAL A 231 -33.62 -23.35 58.39
N PHE A 232 -33.70 -24.26 57.42
CA PHE A 232 -34.76 -25.26 57.47
C PHE A 232 -34.59 -26.20 58.65
N PHE A 233 -33.35 -26.58 58.97
CA PHE A 233 -33.15 -27.43 60.14
C PHE A 233 -33.59 -26.72 61.42
N LYS A 234 -33.23 -25.44 61.57
CA LYS A 234 -33.66 -24.71 62.76
C LYS A 234 -35.17 -24.60 62.82
N GLY A 235 -35.81 -24.34 61.67
CA GLY A 235 -37.26 -24.19 61.66
C GLY A 235 -38.01 -25.49 61.87
N VAL A 236 -37.39 -26.63 61.56
CA VAL A 236 -38.05 -27.92 61.74
C VAL A 236 -37.83 -28.46 63.15
N LYS A 237 -36.60 -28.42 63.66
CA LYS A 237 -36.35 -28.98 64.99
C LYS A 237 -37.09 -28.20 66.07
N ASP A 238 -37.26 -26.89 65.89
CA ASP A 238 -37.99 -26.07 66.85
C ASP A 238 -38.98 -25.16 66.14
N GLY B 2 20.69 -12.41 -65.79
CA GLY B 2 19.66 -11.76 -65.01
C GLY B 2 19.61 -10.26 -65.24
N ASP B 3 19.35 -9.87 -66.49
CA ASP B 3 19.28 -8.46 -66.84
C ASP B 3 17.88 -7.93 -66.52
N TRP B 4 17.82 -6.81 -65.80
CA TRP B 4 16.55 -6.20 -65.41
C TRP B 4 16.19 -5.09 -66.38
N SER B 5 15.83 -5.50 -67.60
CA SER B 5 15.46 -4.55 -68.65
C SER B 5 13.98 -4.22 -68.68
N ALA B 6 13.12 -5.18 -68.33
CA ALA B 6 11.69 -4.91 -68.29
C ALA B 6 11.36 -3.89 -67.19
N LEU B 7 12.09 -3.95 -66.07
CA LEU B 7 11.94 -2.92 -65.05
C LEU B 7 12.30 -1.55 -65.60
N GLY B 8 13.36 -1.46 -66.40
CA GLY B 8 13.72 -0.20 -67.01
C GLY B 8 12.65 0.31 -67.96
N LYS B 9 12.09 -0.58 -68.77
CA LYS B 9 11.01 -0.17 -69.67
C LYS B 9 9.81 0.36 -68.89
N LEU B 10 9.41 -0.37 -67.84
CA LEU B 10 8.28 0.08 -67.04
C LEU B 10 8.56 1.42 -66.38
N LEU B 11 9.78 1.59 -65.85
CA LEU B 11 10.13 2.85 -65.20
C LEU B 11 10.11 4.00 -66.20
N ASP B 12 10.64 3.79 -67.41
CA ASP B 12 10.65 4.85 -68.40
C ASP B 12 9.23 5.20 -68.84
N LYS B 13 8.37 4.19 -68.99
CA LYS B 13 6.99 4.45 -69.39
C LYS B 13 6.23 5.21 -68.30
N VAL B 14 6.46 4.85 -67.04
CA VAL B 14 5.73 5.48 -65.94
C VAL B 14 6.12 6.95 -65.80
N GLN B 15 7.40 7.27 -65.98
CA GLN B 15 7.93 8.61 -65.76
C GLN B 15 8.15 9.36 -67.06
N ALA B 16 7.26 9.17 -68.05
CA ALA B 16 7.44 9.81 -69.35
C ALA B 16 7.14 11.30 -69.28
N TYR B 17 6.11 11.70 -68.54
CA TYR B 17 5.66 13.08 -68.51
C TYR B 17 6.23 13.88 -67.35
N SER B 18 7.09 13.28 -66.54
CA SER B 18 7.62 13.96 -65.36
C SER B 18 8.84 14.79 -65.71
N THR B 19 9.13 15.76 -64.84
CA THR B 19 10.30 16.61 -65.00
C THR B 19 11.55 15.87 -64.51
N ALA B 20 12.70 16.50 -64.73
CA ALA B 20 13.95 15.92 -64.29
C ALA B 20 14.08 15.96 -62.76
N GLY B 21 13.74 17.09 -62.15
CA GLY B 21 13.85 17.19 -60.71
C GLY B 21 12.89 16.29 -59.97
N GLY B 22 11.65 16.20 -60.45
CA GLY B 22 10.64 15.41 -59.77
C GLY B 22 11.01 13.94 -59.65
N LYS B 23 11.88 13.44 -60.51
CA LYS B 23 12.31 12.05 -60.44
C LYS B 23 13.23 11.78 -59.26
N VAL B 24 13.68 12.81 -58.56
CA VAL B 24 14.72 12.65 -57.54
C VAL B 24 14.18 13.05 -56.16
N TRP B 25 13.76 14.31 -56.03
CA TRP B 25 13.35 14.82 -54.73
C TRP B 25 12.12 14.07 -54.20
N LEU B 26 11.14 13.84 -55.07
CA LEU B 26 9.91 13.19 -54.65
C LEU B 26 10.16 11.74 -54.24
N SER B 27 11.11 11.08 -54.89
CA SER B 27 11.44 9.70 -54.51
C SER B 27 12.20 9.66 -53.20
N VAL B 28 13.16 10.56 -53.01
CA VAL B 28 13.95 10.56 -51.78
C VAL B 28 13.10 10.98 -50.58
N LEU B 29 12.13 11.86 -50.79
CA LEU B 29 11.30 12.34 -49.69
C LEU B 29 10.48 11.21 -49.09
N PHE B 30 10.01 10.28 -49.93
CA PHE B 30 9.25 9.14 -49.41
C PHE B 30 10.10 8.28 -48.48
N ILE B 31 11.35 8.01 -48.87
CA ILE B 31 12.24 7.23 -48.03
C ILE B 31 12.53 7.96 -46.73
N PHE B 32 12.81 9.27 -46.83
CA PHE B 32 13.02 10.08 -45.63
C PHE B 32 11.83 9.97 -44.70
N ARG B 33 10.62 10.10 -45.25
CA ARG B 33 9.41 10.08 -44.46
C ARG B 33 9.25 8.74 -43.73
N ILE B 34 9.38 7.64 -44.46
CA ILE B 34 9.15 6.34 -43.83
C ILE B 34 10.21 6.04 -42.79
N LEU B 35 11.48 6.39 -43.07
CA LEU B 35 12.53 6.16 -42.09
C LEU B 35 12.27 6.95 -40.81
N LEU B 36 11.97 8.24 -40.96
CA LEU B 36 11.71 9.06 -39.78
C LEU B 36 10.51 8.55 -39.00
N LEU B 37 9.44 8.14 -39.70
CA LEU B 37 8.26 7.64 -39.03
C LEU B 37 8.54 6.35 -38.28
N GLY B 38 9.31 5.44 -38.89
CA GLY B 38 9.50 4.13 -38.29
C GLY B 38 10.56 4.08 -37.22
N THR B 39 11.54 4.97 -37.26
CA THR B 39 12.66 4.88 -36.33
C THR B 39 12.46 5.72 -35.07
N ALA B 40 12.24 7.02 -35.24
CA ALA B 40 12.30 7.96 -34.12
C ALA B 40 10.95 8.17 -33.44
N VAL B 41 9.95 8.63 -34.19
CA VAL B 41 8.72 9.09 -33.58
C VAL B 41 7.95 7.93 -32.94
N GLU B 42 8.01 6.74 -33.56
CA GLU B 42 7.18 5.64 -33.09
C GLU B 42 7.50 5.22 -31.67
N SER B 43 8.72 5.49 -31.19
CA SER B 43 9.10 5.12 -29.84
C SER B 43 8.77 6.18 -28.80
N ALA B 44 8.62 7.44 -29.21
CA ALA B 44 8.30 8.49 -28.27
C ALA B 44 6.85 8.43 -27.83
N TRP B 45 5.98 7.82 -28.64
CA TRP B 45 4.57 7.71 -28.34
C TRP B 45 4.21 6.40 -27.64
N GLY B 46 5.21 5.60 -27.26
CA GLY B 46 4.92 4.31 -26.67
C GLY B 46 4.21 4.42 -25.33
N ASP B 47 4.76 5.22 -24.42
CA ASP B 47 4.16 5.42 -23.11
C ASP B 47 3.26 6.65 -23.07
N GLU B 48 2.29 6.70 -23.98
CA GLU B 48 1.39 7.84 -24.05
C GLU B 48 0.21 7.71 -23.11
N GLN B 49 -0.16 6.49 -22.71
CA GLN B 49 -1.26 6.27 -21.79
C GLN B 49 -0.81 5.74 -20.44
N SER B 50 0.31 5.05 -20.37
CA SER B 50 0.80 4.53 -19.09
C SER B 50 1.40 5.64 -18.22
N ALA B 51 1.97 6.66 -18.83
CA ALA B 51 2.57 7.77 -18.10
C ALA B 51 1.65 8.98 -18.02
N PHE B 52 0.39 8.82 -18.43
CA PHE B 52 -0.60 9.89 -18.32
C PHE B 52 -1.26 9.82 -16.95
N ARG B 53 -1.20 10.93 -16.21
CA ARG B 53 -1.63 10.97 -14.82
C ARG B 53 -2.59 12.12 -14.59
N CYS B 54 -3.55 11.89 -13.70
CA CYS B 54 -4.53 12.88 -13.30
C CYS B 54 -4.60 12.93 -11.79
N ASN B 55 -4.97 14.10 -11.26
CA ASN B 55 -5.01 14.34 -9.81
C ASN B 55 -6.44 14.12 -9.34
N THR B 56 -6.72 12.90 -8.86
CA THR B 56 -8.02 12.58 -8.29
C THR B 56 -7.98 11.15 -7.75
N GLN B 57 -8.97 10.83 -6.93
CA GLN B 57 -9.19 9.47 -6.44
C GLN B 57 -10.34 8.77 -7.16
N GLN B 58 -11.08 9.45 -8.01
CA GLN B 58 -12.24 8.87 -8.64
C GLN B 58 -11.82 7.80 -9.64
N PRO B 59 -12.29 6.57 -9.51
CA PRO B 59 -11.96 5.54 -10.52
C PRO B 59 -12.72 5.78 -11.81
N GLY B 60 -11.97 5.93 -12.90
CA GLY B 60 -12.55 6.09 -14.23
C GLY B 60 -12.32 7.45 -14.86
N CYS B 61 -11.80 8.43 -14.12
CA CYS B 61 -11.60 9.76 -14.70
C CYS B 61 -10.42 9.77 -15.67
N GLU B 62 -9.36 9.00 -15.38
CA GLU B 62 -8.19 8.99 -16.25
C GLU B 62 -8.55 8.48 -17.64
N ASN B 63 -9.31 7.40 -17.72
CA ASN B 63 -9.66 6.82 -19.01
C ASN B 63 -10.44 7.81 -19.87
N VAL B 64 -11.51 8.38 -19.30
CA VAL B 64 -12.37 9.28 -20.07
C VAL B 64 -11.61 10.55 -20.44
N CYS B 65 -10.78 11.05 -19.54
CA CYS B 65 -10.05 12.28 -19.84
C CYS B 65 -8.98 12.06 -20.91
N TYR B 66 -8.31 10.91 -20.89
CA TYR B 66 -7.39 10.58 -21.97
C TYR B 66 -8.12 10.46 -23.29
N ASP B 67 -9.26 9.76 -23.29
CA ASP B 67 -10.02 9.61 -24.54
C ASP B 67 -10.51 10.96 -25.05
N LYS B 68 -10.79 11.90 -24.16
CA LYS B 68 -11.21 13.23 -24.57
C LYS B 68 -10.05 14.05 -25.12
N SER B 69 -8.87 13.90 -24.52
CA SER B 69 -7.73 14.68 -24.97
C SER B 69 -7.21 14.18 -26.31
N PHE B 70 -7.14 12.87 -26.50
CA PHE B 70 -6.54 12.25 -27.68
C PHE B 70 -7.55 11.33 -28.36
N PRO B 71 -8.46 11.88 -29.17
CA PRO B 71 -9.37 11.01 -29.92
C PRO B 71 -8.68 10.11 -30.91
N ILE B 72 -7.48 10.46 -31.37
CA ILE B 72 -6.69 9.61 -32.26
C ILE B 72 -5.24 10.05 -32.17
N SER B 73 -4.34 9.07 -32.05
CA SER B 73 -2.93 9.36 -31.90
C SER B 73 -2.36 9.95 -33.18
N HIS B 74 -1.28 10.71 -33.03
CA HIS B 74 -0.65 11.36 -34.18
C HIS B 74 0.00 10.35 -35.11
N VAL B 75 0.63 9.31 -34.57
CA VAL B 75 1.36 8.36 -35.39
C VAL B 75 0.42 7.63 -36.34
N ARG B 76 -0.74 7.22 -35.86
CA ARG B 76 -1.69 6.51 -36.71
C ARG B 76 -2.33 7.45 -37.72
N PHE B 77 -2.55 8.71 -37.34
CA PHE B 77 -2.99 9.73 -38.29
C PHE B 77 -1.99 9.86 -39.42
N TRP B 78 -0.70 9.91 -39.11
CA TRP B 78 0.33 10.03 -40.14
C TRP B 78 0.42 8.78 -41.00
N VAL B 79 0.22 7.61 -40.39
CA VAL B 79 0.22 6.37 -41.17
C VAL B 79 -0.92 6.39 -42.19
N LEU B 80 -2.11 6.79 -41.75
CA LEU B 80 -3.23 6.93 -42.69
C LEU B 80 -2.90 7.95 -43.77
N GLN B 81 -2.30 9.09 -43.38
CA GLN B 81 -1.98 10.12 -44.34
C GLN B 81 -1.04 9.61 -45.41
N ILE B 82 0.01 8.88 -45.01
CA ILE B 82 0.99 8.41 -45.98
C ILE B 82 0.47 7.23 -46.79
N ILE B 83 -0.51 6.49 -46.27
CA ILE B 83 -1.12 5.43 -47.07
C ILE B 83 -2.04 6.00 -48.13
N PHE B 84 -2.87 6.99 -47.76
CA PHE B 84 -3.81 7.57 -48.71
C PHE B 84 -3.11 8.35 -49.81
N VAL B 85 -1.86 8.78 -49.60
CA VAL B 85 -1.17 9.61 -50.58
C VAL B 85 -0.43 8.78 -51.63
N SER B 86 -0.21 7.48 -51.38
CA SER B 86 0.64 6.67 -52.23
C SER B 86 -0.11 5.64 -53.07
N VAL B 87 -1.42 5.47 -52.86
CA VAL B 87 -2.17 4.45 -53.58
C VAL B 87 -2.42 4.86 -55.04
N PRO B 88 -2.64 6.14 -55.35
CA PRO B 88 -2.87 6.49 -56.76
C PRO B 88 -1.70 6.11 -57.66
N THR B 89 -0.47 6.28 -57.18
CA THR B 89 0.69 5.91 -57.98
C THR B 89 0.72 4.41 -58.25
N LEU B 90 0.38 3.61 -57.23
CA LEU B 90 0.35 2.16 -57.42
C LEU B 90 -0.72 1.76 -58.43
N LEU B 91 -1.89 2.40 -58.36
CA LEU B 91 -2.94 2.13 -59.33
C LEU B 91 -2.47 2.47 -60.75
N TYR B 92 -1.84 3.63 -60.91
CA TYR B 92 -1.34 4.03 -62.22
C TYR B 92 -0.27 3.06 -62.73
N LEU B 93 0.60 2.60 -61.83
CA LEU B 93 1.65 1.66 -62.22
C LEU B 93 1.05 0.34 -62.71
N ALA B 94 0.06 -0.17 -62.00
CA ALA B 94 -0.60 -1.40 -62.43
C ALA B 94 -1.29 -1.21 -63.77
N HIS B 95 -1.96 -0.07 -63.95
CA HIS B 95 -2.61 0.22 -65.22
C HIS B 95 -1.60 0.20 -66.37
N VAL B 96 -0.45 0.85 -66.17
CA VAL B 96 0.57 0.89 -67.21
C VAL B 96 1.11 -0.51 -67.48
N PHE B 97 1.32 -1.29 -66.43
CA PHE B 97 1.80 -2.67 -66.60
C PHE B 97 0.87 -3.47 -67.50
N TYR B 98 -0.43 -3.45 -67.18
CA TYR B 98 -1.38 -4.22 -67.97
C TYR B 98 -1.48 -3.69 -69.40
N VAL B 99 -1.45 -2.37 -69.56
CA VAL B 99 -1.51 -1.80 -70.91
C VAL B 99 -0.32 -2.24 -71.74
N MET B 100 0.88 -2.24 -71.14
CA MET B 100 2.06 -2.67 -71.86
C MET B 100 1.97 -4.13 -72.27
N ARG B 101 1.50 -4.99 -71.35
CA ARG B 101 1.34 -6.40 -71.70
C ARG B 101 0.37 -6.58 -72.86
N LYS B 102 -0.77 -5.87 -72.82
CA LYS B 102 -1.74 -5.98 -73.90
C LYS B 102 -1.16 -5.49 -75.22
N GLU B 103 -0.42 -4.38 -75.20
CA GLU B 103 0.19 -3.87 -76.42
C GLU B 103 1.19 -4.86 -77.00
N GLU B 104 2.00 -5.49 -76.15
CA GLU B 104 2.94 -6.49 -76.63
C GLU B 104 2.20 -7.67 -77.27
N LYS B 105 1.13 -8.14 -76.62
CA LYS B 105 0.37 -9.24 -77.20
C LYS B 105 -0.22 -8.85 -78.55
N LEU B 106 -0.77 -7.64 -78.65
CA LEU B 106 -1.33 -7.19 -79.92
C LEU B 106 -0.25 -7.13 -81.00
N ASN B 107 0.92 -6.59 -80.66
CA ASN B 107 1.98 -6.47 -81.65
C ASN B 107 2.42 -7.83 -82.17
N LYS B 108 2.55 -8.81 -81.27
CA LYS B 108 3.01 -10.13 -81.71
C LYS B 108 1.91 -10.91 -82.41
N LYS B 109 0.63 -10.65 -82.09
CA LYS B 109 -0.45 -11.43 -82.68
C LYS B 109 -0.74 -11.00 -84.11
N GLU B 110 -1.02 -9.70 -84.31
CA GLU B 110 -1.44 -9.19 -85.61
C GLU B 110 -0.27 -8.82 -86.51
N GLU B 111 0.91 -9.38 -86.27
CA GLU B 111 2.06 -9.19 -87.15
C GLU B 111 2.74 -10.53 -87.43
N GLU B 112 2.00 -11.62 -87.36
CA GLU B 112 2.54 -12.95 -87.58
C GLU B 112 2.96 -13.14 -89.04
N ARG B 148 -0.37 11.71 -76.78
CA ARG B 148 -1.11 12.24 -75.64
C ARG B 148 -2.53 11.70 -75.64
N GLY B 149 -2.88 10.96 -74.57
CA GLY B 149 -4.18 10.34 -74.47
C GLY B 149 -4.60 10.02 -73.06
N GLY B 150 -5.16 8.83 -72.85
CA GLY B 150 -5.73 8.50 -71.56
C GLY B 150 -4.71 8.48 -70.44
N LEU B 151 -3.50 8.03 -70.74
CA LEU B 151 -2.47 7.93 -69.69
C LEU B 151 -2.16 9.30 -69.10
N LEU B 152 -2.09 10.33 -69.94
CA LEU B 152 -1.86 11.68 -69.44
C LEU B 152 -2.99 12.12 -68.52
N ARG B 153 -4.23 11.82 -68.89
CA ARG B 153 -5.37 12.17 -68.05
C ARG B 153 -5.30 11.47 -66.71
N THR B 154 -4.95 10.19 -66.71
CA THR B 154 -4.82 9.46 -65.45
C THR B 154 -3.72 10.04 -64.59
N TYR B 155 -2.59 10.41 -65.21
CA TYR B 155 -1.50 11.03 -64.47
C TYR B 155 -1.96 12.32 -63.81
N ILE B 156 -2.66 13.15 -64.56
CA ILE B 156 -3.15 14.41 -64.01
C ILE B 156 -4.10 14.17 -62.86
N ILE B 157 -5.01 13.20 -63.00
CA ILE B 157 -5.98 12.92 -61.95
C ILE B 157 -5.26 12.46 -60.69
N SER B 158 -4.29 11.57 -60.82
CA SER B 158 -3.55 11.09 -59.66
C SER B 158 -2.83 12.24 -58.95
N ILE B 159 -2.18 13.11 -59.73
CA ILE B 159 -1.45 14.22 -59.13
C ILE B 159 -2.41 15.15 -58.40
N LEU B 160 -3.61 15.35 -58.96
CA LEU B 160 -4.59 16.19 -58.29
C LEU B 160 -5.03 15.56 -56.98
N PHE B 161 -5.32 14.27 -56.99
CA PHE B 161 -5.85 13.62 -55.79
C PHE B 161 -4.81 13.59 -54.66
N LYS B 162 -3.53 13.43 -54.99
CA LYS B 162 -2.51 13.45 -53.95
C LYS B 162 -2.53 14.78 -53.19
N SER B 163 -2.55 15.89 -53.92
CA SER B 163 -2.59 17.20 -53.30
C SER B 163 -3.89 17.40 -52.51
N ILE B 164 -5.01 16.91 -53.05
CA ILE B 164 -6.28 17.04 -52.35
C ILE B 164 -6.19 16.35 -50.98
N PHE B 165 -5.67 15.13 -50.96
CA PHE B 165 -5.54 14.41 -49.70
C PHE B 165 -4.61 15.14 -48.74
N GLU B 166 -3.47 15.62 -49.24
CA GLU B 166 -2.55 16.37 -48.38
C GLU B 166 -3.27 17.53 -47.71
N VAL B 167 -3.97 18.35 -48.50
CA VAL B 167 -4.64 19.53 -47.95
C VAL B 167 -5.71 19.12 -46.95
N ALA B 168 -6.49 18.09 -47.27
CA ALA B 168 -7.55 17.67 -46.37
C ALA B 168 -6.99 17.23 -45.02
N PHE B 169 -5.93 16.42 -45.04
CA PHE B 169 -5.35 15.96 -43.78
C PHE B 169 -4.77 17.11 -42.99
N LEU B 170 -4.10 18.07 -43.66
CA LEU B 170 -3.57 19.22 -42.95
C LEU B 170 -4.68 20.02 -42.28
N LEU B 171 -5.78 20.25 -43.00
CA LEU B 171 -6.89 21.01 -42.44
C LEU B 171 -7.50 20.29 -41.24
N ILE B 172 -7.69 18.97 -41.35
CA ILE B 172 -8.27 18.23 -40.23
C ILE B 172 -7.36 18.32 -39.01
N GLN B 173 -6.05 18.14 -39.22
CA GLN B 173 -5.12 18.22 -38.09
C GLN B 173 -5.14 19.60 -37.46
N TRP B 174 -5.20 20.65 -38.27
CA TRP B 174 -5.28 22.01 -37.73
C TRP B 174 -6.54 22.19 -36.91
N TYR B 175 -7.67 21.69 -37.40
CA TYR B 175 -8.93 21.89 -36.68
C TYR B 175 -8.97 21.12 -35.37
N ILE B 176 -8.47 19.87 -35.35
CA ILE B 176 -8.65 19.03 -34.18
C ILE B 176 -7.62 19.35 -33.10
N TYR B 177 -6.34 19.38 -33.46
CA TYR B 177 -5.26 19.50 -32.48
C TYR B 177 -4.58 20.86 -32.54
N GLY B 178 -4.09 21.27 -33.69
CA GLY B 178 -3.20 22.40 -33.79
C GLY B 178 -1.81 21.93 -34.18
N PHE B 179 -0.77 22.64 -33.74
CA PHE B 179 0.59 22.24 -34.01
C PHE B 179 1.46 22.44 -32.77
N SER B 180 0.94 22.05 -31.61
CA SER B 180 1.68 22.15 -30.36
C SER B 180 0.93 21.37 -29.30
N LEU B 181 1.63 21.07 -28.19
CA LEU B 181 1.05 20.37 -27.06
C LEU B 181 1.44 21.07 -25.77
N SER B 182 0.50 21.12 -24.84
CA SER B 182 0.72 21.73 -23.54
C SER B 182 0.81 20.65 -22.47
N ALA B 183 1.55 20.95 -21.40
CA ALA B 183 1.85 19.95 -20.38
C ALA B 183 0.66 19.65 -19.48
N VAL B 184 -0.23 20.61 -19.28
CA VAL B 184 -1.35 20.47 -18.36
C VAL B 184 -2.65 20.56 -19.14
N TYR B 185 -3.57 19.64 -18.86
CA TYR B 185 -4.87 19.57 -19.51
C TYR B 185 -5.96 19.64 -18.45
N THR B 186 -7.06 20.32 -18.78
CA THR B 186 -8.19 20.48 -17.88
C THR B 186 -9.36 19.68 -18.41
N CYS B 187 -9.91 18.81 -17.58
CA CYS B 187 -10.93 17.84 -17.96
C CYS B 187 -12.21 18.12 -17.18
N LYS B 188 -13.33 18.17 -17.91
CA LYS B 188 -14.65 18.41 -17.33
C LYS B 188 -15.66 17.41 -17.87
N ARG B 189 -15.30 16.13 -17.83
CA ARG B 189 -16.15 15.05 -18.27
C ARG B 189 -16.50 14.15 -17.10
N ASP B 190 -17.75 13.68 -17.06
CA ASP B 190 -18.18 12.79 -16.00
C ASP B 190 -17.42 11.46 -16.09
N PRO B 191 -17.20 10.79 -14.95
CA PRO B 191 -17.63 11.12 -13.59
C PRO B 191 -16.67 12.02 -12.82
N CYS B 192 -15.74 12.71 -13.47
CA CYS B 192 -14.81 13.57 -12.76
C CYS B 192 -15.58 14.70 -12.07
N PRO B 193 -15.33 14.98 -10.77
CA PRO B 193 -16.11 15.97 -10.04
C PRO B 193 -15.66 17.41 -10.29
N HIS B 194 -16.44 18.13 -11.09
CA HIS B 194 -16.36 19.58 -11.30
C HIS B 194 -15.16 20.04 -12.12
N GLN B 195 -14.09 19.26 -12.14
CA GLN B 195 -12.91 19.55 -12.95
C GLN B 195 -11.79 18.60 -12.57
N VAL B 196 -10.77 18.47 -13.41
CA VAL B 196 -9.59 17.71 -13.06
C VAL B 196 -8.42 18.23 -13.86
N ASP B 197 -7.24 18.25 -13.23
CA ASP B 197 -5.99 18.58 -13.90
C ASP B 197 -5.24 17.29 -14.21
N CYS B 198 -4.80 17.15 -15.46
CA CYS B 198 -4.09 15.97 -15.92
C CYS B 198 -2.78 16.41 -16.59
N PHE B 199 -1.80 15.51 -16.59
CA PHE B 199 -0.46 15.82 -17.04
C PHE B 199 -0.02 14.82 -18.10
N LEU B 200 0.63 15.34 -19.15
CA LEU B 200 1.02 14.57 -20.32
C LEU B 200 2.46 14.09 -20.21
N SER B 201 2.84 13.24 -21.15
CA SER B 201 4.17 12.67 -21.24
C SER B 201 4.89 13.23 -22.46
N ARG B 202 6.11 13.71 -22.26
CA ARG B 202 6.95 14.24 -23.33
C ARG B 202 6.22 15.25 -24.21
N PRO B 203 5.77 16.37 -23.64
CA PRO B 203 5.03 17.37 -24.43
C PRO B 203 5.91 18.29 -25.25
N THR B 204 7.23 18.19 -25.18
CA THR B 204 8.13 19.06 -25.92
C THR B 204 8.75 18.40 -27.14
N GLU B 205 9.13 17.13 -27.03
CA GLU B 205 9.65 16.40 -28.18
C GLU B 205 8.61 16.26 -29.27
N LYS B 206 7.38 15.97 -28.88
CA LYS B 206 6.30 15.73 -29.83
C LYS B 206 6.03 16.98 -30.66
N THR B 207 6.15 18.16 -30.06
CA THR B 207 6.00 19.40 -30.82
C THR B 207 7.05 19.49 -31.92
N ILE B 208 8.29 19.15 -31.59
CA ILE B 208 9.37 19.19 -32.58
C ILE B 208 9.06 18.26 -33.74
N PHE B 209 8.64 17.03 -33.44
CA PHE B 209 8.34 16.08 -34.49
C PHE B 209 7.14 16.53 -35.33
N ILE B 210 6.14 17.13 -34.68
CA ILE B 210 4.98 17.64 -35.41
C ILE B 210 5.41 18.70 -36.42
N ILE B 211 6.28 19.61 -35.98
CA ILE B 211 6.75 20.66 -36.89
C ILE B 211 7.53 20.06 -38.05
N PHE B 212 8.38 19.08 -37.76
CA PHE B 212 9.12 18.41 -38.83
C PHE B 212 8.16 17.84 -39.87
N MET B 213 7.14 17.10 -39.42
CA MET B 213 6.21 16.48 -40.36
C MET B 213 5.43 17.52 -41.15
N LEU B 214 5.06 18.63 -40.50
CA LEU B 214 4.37 19.70 -41.21
C LEU B 214 5.24 20.24 -42.35
N VAL B 215 6.51 20.49 -42.07
CA VAL B 215 7.40 21.00 -43.11
C VAL B 215 7.50 20.00 -44.26
N VAL B 216 7.65 18.72 -43.94
CA VAL B 216 7.75 17.71 -44.99
C VAL B 216 6.50 17.72 -45.87
N SER B 217 5.33 17.79 -45.24
CA SER B 217 4.07 17.78 -46.00
C SER B 217 3.98 18.99 -46.91
N LEU B 218 4.36 20.18 -46.42
CA LEU B 218 4.30 21.37 -47.25
C LEU B 218 5.24 21.24 -48.45
N VAL B 219 6.45 20.72 -48.23
CA VAL B 219 7.38 20.55 -49.33
C VAL B 219 6.80 19.61 -50.38
N SER B 220 6.20 18.50 -49.94
CA SER B 220 5.62 17.56 -50.88
C SER B 220 4.50 18.22 -51.69
N LEU B 221 3.65 19.01 -51.02
CA LEU B 221 2.55 19.67 -51.72
C LEU B 221 3.08 20.60 -52.81
N ALA B 222 4.10 21.40 -52.47
CA ALA B 222 4.66 22.32 -53.45
C ALA B 222 5.25 21.57 -54.64
N LEU B 223 6.01 20.51 -54.37
CA LEU B 223 6.61 19.75 -55.45
C LEU B 223 5.55 19.10 -56.34
N ASN B 224 4.41 18.72 -55.77
CA ASN B 224 3.34 18.16 -56.59
C ASN B 224 2.65 19.21 -57.43
N ILE B 225 2.47 20.43 -56.90
CA ILE B 225 1.82 21.48 -57.68
C ILE B 225 2.69 21.90 -58.87
N ILE B 226 4.01 21.92 -58.66
CA ILE B 226 4.91 22.31 -59.74
C ILE B 226 4.71 21.42 -60.96
N GLU B 227 4.55 20.12 -60.75
CA GLU B 227 4.37 19.20 -61.86
C GLU B 227 3.10 19.50 -62.65
N LEU B 228 2.00 19.80 -61.96
CA LEU B 228 0.77 20.16 -62.64
C LEU B 228 0.96 21.40 -63.49
N PHE B 229 1.60 22.43 -62.93
CA PHE B 229 1.81 23.65 -63.71
C PHE B 229 2.65 23.37 -64.94
N TYR B 230 3.73 22.60 -64.79
CA TYR B 230 4.59 22.28 -65.92
C TYR B 230 3.83 21.51 -67.00
N VAL B 231 3.04 20.52 -66.60
CA VAL B 231 2.30 19.71 -67.55
C VAL B 231 1.30 20.56 -68.32
N PHE B 232 0.56 21.42 -67.61
CA PHE B 232 -0.44 22.23 -68.28
C PHE B 232 0.21 23.25 -69.21
N PHE B 233 1.33 23.83 -68.81
CA PHE B 233 2.01 24.76 -69.71
C PHE B 233 2.48 24.05 -70.97
N LYS B 234 3.06 22.86 -70.84
CA LYS B 234 3.49 22.12 -72.03
C LYS B 234 2.29 21.77 -72.91
N GLY B 235 1.17 21.36 -72.31
CA GLY B 235 0.01 21.00 -73.10
C GLY B 235 -0.70 22.17 -73.75
N VAL B 236 -0.54 23.37 -73.20
CA VAL B 236 -1.17 24.55 -73.77
C VAL B 236 -0.30 25.18 -74.85
N LYS B 237 0.99 25.37 -74.59
CA LYS B 237 1.84 26.01 -75.58
C LYS B 237 1.97 25.18 -76.85
N ASP B 238 1.93 23.86 -76.73
CA ASP B 238 2.00 22.98 -77.90
C ASP B 238 0.93 21.89 -77.82
N GLY C 2 -24.98 14.46 63.86
CA GLY C 2 -25.32 14.49 62.45
C GLY C 2 -26.52 13.62 62.12
N ASP C 3 -27.66 13.91 62.73
CA ASP C 3 -28.87 13.15 62.48
C ASP C 3 -29.57 13.66 61.22
N TRP C 4 -29.90 12.73 60.32
CA TRP C 4 -30.54 13.07 59.05
C TRP C 4 -32.05 12.88 59.18
N SER C 5 -32.67 13.78 59.95
CA SER C 5 -34.11 13.74 60.18
C SER C 5 -34.91 14.54 59.17
N ALA C 6 -34.36 15.66 58.69
CA ALA C 6 -35.05 16.43 57.67
C ALA C 6 -35.19 15.65 56.36
N LEU C 7 -34.17 14.84 56.03
CA LEU C 7 -34.29 13.96 54.89
C LEU C 7 -35.44 12.97 55.08
N GLY C 8 -35.59 12.44 56.29
CA GLY C 8 -36.71 11.55 56.56
C GLY C 8 -38.06 12.24 56.41
N LYS C 9 -38.16 13.47 56.91
CA LYS C 9 -39.41 14.21 56.76
C LYS C 9 -39.74 14.44 55.29
N LEU C 10 -38.74 14.87 54.51
CA LEU C 10 -38.96 15.10 53.09
C LEU C 10 -39.36 13.81 52.38
N LEU C 11 -38.70 12.70 52.70
CA LEU C 11 -39.01 11.43 52.07
C LEU C 11 -40.43 10.99 52.41
N ASP C 12 -40.84 11.14 53.67
CA ASP C 12 -42.19 10.75 54.06
C ASP C 12 -43.23 11.62 53.37
N LYS C 13 -42.95 12.93 53.25
CA LYS C 13 -43.90 13.82 52.59
C LYS C 13 -44.02 13.50 51.11
N VAL C 14 -42.90 13.19 50.46
CA VAL C 14 -42.92 12.93 49.03
C VAL C 14 -43.70 11.65 48.71
N GLN C 15 -43.54 10.62 49.54
CA GLN C 15 -44.12 9.30 49.29
C GLN C 15 -45.37 9.07 50.12
N ALA C 16 -46.18 10.11 50.34
CA ALA C 16 -47.36 9.97 51.18
C ALA C 16 -48.46 9.17 50.49
N TYR C 17 -48.66 9.38 49.19
CA TYR C 17 -49.75 8.77 48.46
C TYR C 17 -49.36 7.49 47.72
N SER C 18 -48.11 7.04 47.87
CA SER C 18 -47.65 5.87 47.15
C SER C 18 -47.98 4.58 47.90
N THR C 19 -48.00 3.48 47.16
CA THR C 19 -48.22 2.17 47.74
C THR C 19 -46.95 1.65 48.41
N ALA C 20 -47.08 0.51 49.08
CA ALA C 20 -45.93 -0.09 49.73
C ALA C 20 -44.95 -0.68 48.71
N GLY C 21 -45.48 -1.39 47.71
CA GLY C 21 -44.60 -1.98 46.71
C GLY C 21 -43.89 -0.95 45.86
N GLY C 22 -44.59 0.11 45.46
CA GLY C 22 -43.99 1.11 44.59
C GLY C 22 -42.78 1.80 45.18
N LYS C 23 -42.66 1.79 46.51
CA LYS C 23 -41.51 2.39 47.16
C LYS C 23 -40.22 1.58 46.98
N VAL C 24 -40.32 0.36 46.43
CA VAL C 24 -39.19 -0.55 46.40
C VAL C 24 -38.80 -0.88 44.96
N TRP C 25 -39.73 -1.46 44.21
CA TRP C 25 -39.42 -1.92 42.86
C TRP C 25 -39.05 -0.75 41.96
N LEU C 26 -39.81 0.34 42.04
CA LEU C 26 -39.55 1.48 41.16
C LEU C 26 -38.22 2.14 41.47
N SER C 27 -37.81 2.13 42.74
CA SER C 27 -36.51 2.68 43.10
C SER C 27 -35.36 1.79 42.66
N VAL C 28 -35.51 0.47 42.84
CA VAL C 28 -34.44 -0.45 42.45
C VAL C 28 -34.30 -0.51 40.94
N LEU C 29 -35.40 -0.37 40.21
CA LEU C 29 -35.34 -0.45 38.75
C LEU C 29 -34.50 0.67 38.16
N PHE C 30 -34.56 1.86 38.75
CA PHE C 30 -33.76 2.97 38.27
C PHE C 30 -32.27 2.67 38.40
N ILE C 31 -31.85 2.11 39.55
CA ILE C 31 -30.46 1.76 39.75
C ILE C 31 -30.04 0.68 38.76
N PHE C 32 -30.88 -0.34 38.60
CA PHE C 32 -30.61 -1.39 37.63
C PHE C 32 -30.40 -0.80 36.24
N ARG C 33 -31.29 0.11 35.85
CA ARG C 33 -31.23 0.71 34.52
C ARG C 33 -29.92 1.47 34.32
N ILE C 34 -29.58 2.34 35.27
CA ILE C 34 -28.38 3.16 35.09
C ILE C 34 -27.12 2.30 35.10
N LEU C 35 -27.07 1.30 35.98
CA LEU C 35 -25.90 0.43 36.01
C LEU C 35 -25.73 -0.32 34.69
N LEU C 36 -26.82 -0.92 34.19
CA LEU C 36 -26.74 -1.65 32.93
C LEU C 36 -26.35 -0.72 31.79
N LEU C 37 -26.92 0.48 31.76
CA LEU C 37 -26.61 1.42 30.68
C LEU C 37 -25.14 1.84 30.73
N GLY C 38 -24.61 2.10 31.93
CA GLY C 38 -23.27 2.66 32.02
C GLY C 38 -22.16 1.63 31.93
N THR C 39 -22.43 0.38 32.31
CA THR C 39 -21.36 -0.62 32.38
C THR C 39 -21.24 -1.43 31.09
N ALA C 40 -22.31 -2.08 30.67
CA ALA C 40 -22.22 -3.09 29.61
C ALA C 40 -22.44 -2.51 28.22
N VAL C 41 -23.61 -1.91 27.98
CA VAL C 41 -24.00 -1.55 26.62
C VAL C 41 -23.09 -0.46 26.05
N GLU C 42 -22.65 0.47 26.89
CA GLU C 42 -21.92 1.63 26.39
C GLU C 42 -20.62 1.24 25.70
N SER C 43 -20.04 0.09 26.04
CA SER C 43 -18.80 -0.35 25.43
C SER C 43 -19.00 -1.14 24.15
N ALA C 44 -20.18 -1.75 23.96
CA ALA C 44 -20.43 -2.52 22.75
C ALA C 44 -20.65 -1.62 21.55
N TRP C 45 -21.07 -0.38 21.78
CA TRP C 45 -21.34 0.57 20.71
C TRP C 45 -20.13 1.46 20.39
N GLY C 46 -18.98 1.19 21.00
CA GLY C 46 -17.83 2.06 20.80
C GLY C 46 -17.34 2.06 19.37
N ASP C 47 -17.11 0.87 18.80
CA ASP C 47 -16.64 0.74 17.43
C ASP C 47 -17.80 0.53 16.46
N GLU C 48 -18.76 1.44 16.49
CA GLU C 48 -19.93 1.33 15.62
C GLU C 48 -19.69 1.93 14.24
N GLN C 49 -18.74 2.86 14.11
CA GLN C 49 -18.43 3.47 12.83
C GLN C 49 -17.06 3.10 12.31
N SER C 50 -16.11 2.76 13.18
CA SER C 50 -14.78 2.36 12.73
C SER C 50 -14.77 0.97 12.14
N ALA C 51 -15.64 0.07 12.62
CA ALA C 51 -15.72 -1.28 12.12
C ALA C 51 -16.84 -1.47 11.11
N PHE C 52 -17.46 -0.39 10.66
CA PHE C 52 -18.48 -0.44 9.63
C PHE C 52 -17.81 -0.38 8.27
N ARG C 53 -18.11 -1.37 7.43
CA ARG C 53 -17.42 -1.54 6.15
C ARG C 53 -18.43 -1.71 5.03
N CYS C 54 -18.07 -1.18 3.86
CA CYS C 54 -18.87 -1.29 2.65
C CYS C 54 -17.98 -1.75 1.51
N ASN C 55 -18.58 -2.44 0.54
CA ASN C 55 -17.86 -3.01 -0.60
C ASN C 55 -17.94 -2.03 -1.76
N THR C 56 -16.92 -1.19 -1.90
CA THR C 56 -16.83 -0.25 -3.01
C THR C 56 -15.51 0.49 -2.94
N GLN C 57 -15.15 1.13 -4.04
CA GLN C 57 -13.99 2.02 -4.10
C GLN C 57 -14.38 3.49 -4.09
N GLN C 58 -15.66 3.80 -4.15
CA GLN C 58 -16.10 5.19 -4.25
C GLN C 58 -15.84 5.91 -2.94
N PRO C 59 -15.08 7.01 -2.94
CA PRO C 59 -14.89 7.78 -1.69
C PRO C 59 -16.15 8.53 -1.32
N GLY C 60 -16.66 8.27 -0.12
CA GLY C 60 -17.81 8.95 0.41
C GLY C 60 -19.05 8.11 0.59
N CYS C 61 -19.06 6.88 0.08
CA CYS C 61 -20.26 6.05 0.21
C CYS C 61 -20.43 5.52 1.63
N GLU C 62 -19.33 5.21 2.32
CA GLU C 62 -19.42 4.70 3.68
C GLU C 62 -20.09 5.71 4.61
N ASN C 63 -19.68 6.98 4.53
CA ASN C 63 -20.23 7.99 5.41
C ASN C 63 -21.73 8.14 5.23
N VAL C 64 -22.17 8.32 3.99
CA VAL C 64 -23.58 8.55 3.72
C VAL C 64 -24.40 7.30 4.06
N CYS C 65 -23.87 6.12 3.78
CA CYS C 65 -24.61 4.91 4.07
C CYS C 65 -24.74 4.67 5.56
N TYR C 66 -23.68 4.96 6.33
CA TYR C 66 -23.79 4.87 7.78
C TYR C 66 -24.81 5.88 8.31
N ASP C 67 -24.76 7.11 7.81
CA ASP C 67 -25.72 8.12 8.27
C ASP C 67 -27.15 7.72 7.92
N LYS C 68 -27.34 7.02 6.80
CA LYS C 68 -28.67 6.56 6.42
C LYS C 68 -29.13 5.39 7.28
N SER C 69 -28.21 4.50 7.64
CA SER C 69 -28.60 3.33 8.44
C SER C 69 -28.90 3.72 9.88
N PHE C 70 -28.10 4.61 10.46
CA PHE C 70 -28.19 4.97 11.88
C PHE C 70 -28.37 6.48 12.01
N PRO C 71 -29.59 6.99 11.86
CA PRO C 71 -29.82 8.42 12.09
C PRO C 71 -29.55 8.84 13.52
N ILE C 72 -29.64 7.94 14.49
CA ILE C 72 -29.31 8.24 15.87
C ILE C 72 -29.01 6.93 16.58
N SER C 73 -27.93 6.92 17.37
CA SER C 73 -27.50 5.72 18.05
C SER C 73 -28.49 5.35 19.15
N HIS C 74 -28.51 4.05 19.47
CA HIS C 74 -29.44 3.55 20.48
C HIS C 74 -29.10 4.07 21.87
N VAL C 75 -27.80 4.14 22.19
CA VAL C 75 -27.40 4.53 23.55
C VAL C 75 -27.85 5.95 23.87
N ARG C 76 -27.69 6.87 22.92
CA ARG C 76 -28.10 8.24 23.16
C ARG C 76 -29.62 8.38 23.19
N PHE C 77 -30.32 7.58 22.38
CA PHE C 77 -31.77 7.50 22.47
C PHE C 77 -32.21 7.08 23.86
N TRP C 78 -31.55 6.08 24.43
CA TRP C 78 -31.90 5.61 25.76
C TRP C 78 -31.54 6.64 26.83
N VAL C 79 -30.44 7.36 26.65
CA VAL C 79 -30.09 8.41 27.59
C VAL C 79 -31.16 9.50 27.60
N LEU C 80 -31.61 9.91 26.41
CA LEU C 80 -32.70 10.88 26.34
C LEU C 80 -33.96 10.31 27.00
N GLN C 81 -34.27 9.04 26.74
CA GLN C 81 -35.46 8.43 27.30
C GLN C 81 -35.42 8.45 28.83
N ILE C 82 -34.29 8.09 29.42
CA ILE C 82 -34.19 8.04 30.87
C ILE C 82 -34.09 9.43 31.49
N ILE C 83 -33.63 10.43 30.74
CA ILE C 83 -33.63 11.79 31.26
C ILE C 83 -35.05 12.36 31.26
N PHE C 84 -35.79 12.16 30.17
CA PHE C 84 -37.13 12.73 30.09
C PHE C 84 -38.10 12.07 31.06
N VAL C 85 -37.80 10.87 31.55
CA VAL C 85 -38.70 10.16 32.44
C VAL C 85 -38.52 10.52 33.91
N SER C 86 -37.40 11.16 34.27
CA SER C 86 -37.05 11.37 35.66
C SER C 86 -37.16 12.82 36.12
N VAL C 87 -37.41 13.76 35.20
CA VAL C 87 -37.44 15.18 35.56
C VAL C 87 -38.72 15.53 36.32
N PRO C 88 -39.88 14.93 36.01
CA PRO C 88 -41.08 15.29 36.77
C PRO C 88 -40.95 15.03 38.25
N THR C 89 -40.30 13.92 38.63
CA THR C 89 -40.12 13.62 40.04
C THR C 89 -39.25 14.68 40.72
N LEU C 90 -38.19 15.12 40.03
CA LEU C 90 -37.33 16.16 40.60
C LEU C 90 -38.10 17.47 40.77
N LEU C 91 -38.92 17.83 39.79
CA LEU C 91 -39.74 19.02 39.92
C LEU C 91 -40.67 18.92 41.12
N TYR C 92 -41.34 17.77 41.27
CA TYR C 92 -42.25 17.58 42.39
C TYR C 92 -41.51 17.65 43.73
N LEU C 93 -40.31 17.07 43.78
CA LEU C 93 -39.51 17.09 45.00
C LEU C 93 -39.14 18.52 45.38
N ALA C 94 -38.71 19.31 44.41
CA ALA C 94 -38.39 20.72 44.70
C ALA C 94 -39.62 21.48 45.16
N HIS C 95 -40.76 21.24 44.51
CA HIS C 95 -42.01 21.88 44.94
C HIS C 95 -42.33 21.56 46.39
N VAL C 96 -42.22 20.29 46.76
CA VAL C 96 -42.51 19.88 48.13
C VAL C 96 -41.53 20.53 49.10
N PHE C 97 -40.24 20.57 48.73
CA PHE C 97 -39.24 21.19 49.58
C PHE C 97 -39.60 22.64 49.89
N TYR C 98 -39.90 23.42 48.84
CA TYR C 98 -40.23 24.83 49.05
C TYR C 98 -41.52 24.99 49.85
N VAL C 99 -42.52 24.15 49.57
CA VAL C 99 -43.77 24.23 50.31
C VAL C 99 -43.54 23.97 51.80
N MET C 100 -42.72 22.97 52.11
CA MET C 100 -42.44 22.66 53.51
C MET C 100 -41.72 23.82 54.19
N ARG C 101 -40.74 24.42 53.51
CA ARG C 101 -40.05 25.57 54.10
C ARG C 101 -41.02 26.71 54.37
N LYS C 102 -41.91 27.00 53.42
CA LYS C 102 -42.88 28.07 53.61
C LYS C 102 -43.82 27.77 54.76
N GLU C 103 -44.28 26.52 54.86
CA GLU C 103 -45.17 26.15 55.97
C GLU C 103 -44.48 26.30 57.32
N GLU C 104 -43.21 25.89 57.40
CA GLU C 104 -42.48 26.06 58.66
C GLU C 104 -42.34 27.54 59.02
N LYS C 105 -42.02 28.38 58.03
CA LYS C 105 -41.92 29.81 58.31
C LYS C 105 -43.24 30.38 58.79
N LEU C 106 -44.35 29.99 58.14
CA LEU C 106 -45.66 30.46 58.55
C LEU C 106 -45.97 30.03 59.98
N ASN C 107 -45.70 28.76 60.30
CA ASN C 107 -45.99 28.26 61.64
C ASN C 107 -45.22 29.02 62.70
N LYS C 108 -43.94 29.30 62.45
CA LYS C 108 -43.15 30.00 63.46
C LYS C 108 -43.46 31.49 63.51
N LYS C 109 -43.92 32.08 62.41
CA LYS C 109 -44.16 33.52 62.40
C LYS C 109 -45.47 33.88 63.10
N GLU C 110 -46.57 33.27 62.67
CA GLU C 110 -47.89 33.63 63.18
C GLU C 110 -48.27 32.87 64.43
N GLU C 111 -47.30 32.35 65.18
CA GLU C 111 -47.55 31.72 66.47
C GLU C 111 -46.56 32.21 67.51
N GLU C 112 -46.05 33.43 67.34
CA GLU C 112 -45.07 34.00 68.25
C GLU C 112 -45.69 34.29 69.60
N ARG C 148 -56.25 16.36 51.02
CA ARG C 148 -56.18 16.17 49.58
C ARG C 148 -56.34 17.50 48.84
N GLY C 149 -55.30 17.88 48.11
CA GLY C 149 -55.30 19.16 47.41
C GLY C 149 -54.35 19.22 46.22
N GLY C 150 -53.62 20.32 46.11
CA GLY C 150 -52.80 20.53 44.92
C GLY C 150 -51.71 19.50 44.77
N LEU C 151 -51.13 19.05 45.88
CA LEU C 151 -50.02 18.09 45.81
C LEU C 151 -50.47 16.80 45.15
N LEU C 152 -51.67 16.32 45.49
CA LEU C 152 -52.20 15.12 44.85
C LEU C 152 -52.34 15.32 43.35
N ARG C 153 -52.83 16.48 42.93
CA ARG C 153 -52.98 16.76 41.51
C ARG C 153 -51.63 16.76 40.80
N THR C 154 -50.62 17.37 41.42
CA THR C 154 -49.28 17.37 40.83
C THR C 154 -48.73 15.96 40.72
N TYR C 155 -48.94 15.15 41.75
CA TYR C 155 -48.50 13.76 41.72
C TYR C 155 -49.14 13.01 40.55
N ILE C 156 -50.45 13.19 40.38
CA ILE C 156 -51.15 12.51 39.30
C ILE C 156 -50.62 12.97 37.95
N ILE C 157 -50.38 14.27 37.80
CA ILE C 157 -49.89 14.79 36.53
C ILE C 157 -48.52 14.22 36.20
N SER C 158 -47.63 14.18 37.20
CA SER C 158 -46.30 13.63 36.98
C SER C 158 -46.38 12.16 36.57
N ILE C 159 -47.21 11.38 37.26
CA ILE C 159 -47.33 9.96 36.94
C ILE C 159 -47.87 9.78 35.53
N LEU C 160 -48.79 10.64 35.11
CA LEU C 160 -49.32 10.56 33.76
C LEU C 160 -48.24 10.85 32.73
N PHE C 161 -47.46 11.91 32.97
CA PHE C 161 -46.46 12.33 31.99
C PHE C 161 -45.36 11.30 31.84
N LYS C 162 -44.97 10.62 32.92
CA LYS C 162 -43.95 9.58 32.80
C LYS C 162 -44.38 8.49 31.84
N SER C 163 -45.62 7.99 32.01
CA SER C 163 -46.14 6.97 31.12
C SER C 163 -46.26 7.47 29.69
N ILE C 164 -46.70 8.73 29.52
CA ILE C 164 -46.81 9.29 28.19
C ILE C 164 -45.46 9.26 27.48
N PHE C 165 -44.41 9.70 28.17
CA PHE C 165 -43.09 9.71 27.57
C PHE C 165 -42.62 8.28 27.24
N GLU C 166 -42.85 7.34 28.16
CA GLU C 166 -42.47 5.95 27.88
C GLU C 166 -43.12 5.46 26.59
N VAL C 167 -44.43 5.65 26.47
CA VAL C 167 -45.15 5.16 25.30
C VAL C 167 -44.64 5.85 24.03
N ALA C 168 -44.43 7.16 24.10
CA ALA C 168 -43.98 7.89 22.92
C ALA C 168 -42.63 7.38 22.45
N PHE C 169 -41.68 7.19 23.37
CA PHE C 169 -40.37 6.71 22.98
C PHE C 169 -40.44 5.30 22.41
N LEU C 170 -41.25 4.43 23.01
CA LEU C 170 -41.39 3.08 22.48
C LEU C 170 -41.94 3.11 21.06
N LEU C 171 -42.96 3.93 20.81
CA LEU C 171 -43.55 4.01 19.48
C LEU C 171 -42.54 4.53 18.46
N ILE C 172 -41.78 5.57 18.82
CA ILE C 172 -40.78 6.11 17.90
C ILE C 172 -39.74 5.05 17.58
N GLN C 173 -39.26 4.33 18.59
CA GLN C 173 -38.26 3.29 18.35
C GLN C 173 -38.82 2.20 17.44
N TRP C 174 -40.07 1.80 17.67
CA TRP C 174 -40.68 0.79 16.81
C TRP C 174 -40.77 1.27 15.37
N TYR C 175 -41.14 2.54 15.17
CA TYR C 175 -41.32 3.05 13.82
C TYR C 175 -39.97 3.17 13.09
N ILE C 176 -38.93 3.63 13.78
CA ILE C 176 -37.69 3.95 13.10
C ILE C 176 -36.84 2.70 12.86
N TYR C 177 -36.61 1.92 13.91
CA TYR C 177 -35.67 0.80 13.85
C TYR C 177 -36.38 -0.55 13.88
N GLY C 178 -37.21 -0.78 14.90
CA GLY C 178 -37.71 -2.11 15.18
C GLY C 178 -37.10 -2.63 16.47
N PHE C 179 -36.93 -3.94 16.58
CA PHE C 179 -36.31 -4.54 17.75
C PHE C 179 -35.35 -5.65 17.34
N SER C 180 -34.55 -5.39 16.31
CA SER C 180 -33.56 -6.36 15.84
C SER C 180 -32.63 -5.65 14.86
N LEU C 181 -31.48 -6.28 14.61
CA LEU C 181 -30.50 -5.78 13.65
C LEU C 181 -30.04 -6.91 12.75
N SER C 182 -29.84 -6.59 11.48
CA SER C 182 -29.35 -7.53 10.49
C SER C 182 -27.91 -7.22 10.14
N ALA C 183 -27.17 -8.26 9.74
CA ALA C 183 -25.74 -8.12 9.51
C ALA C 183 -25.41 -7.38 8.22
N VAL C 184 -26.28 -7.47 7.21
CA VAL C 184 -26.02 -6.90 5.89
C VAL C 184 -27.06 -5.82 5.62
N TYR C 185 -26.60 -4.68 5.13
CA TYR C 185 -27.45 -3.55 4.80
C TYR C 185 -27.25 -3.17 3.34
N THR C 186 -28.34 -2.77 2.68
CA THR C 186 -28.30 -2.38 1.27
C THR C 186 -28.53 -0.88 1.17
N CYS C 187 -27.61 -0.19 0.49
CA CYS C 187 -27.57 1.26 0.43
C CYS C 187 -27.76 1.71 -1.01
N LYS C 188 -28.67 2.67 -1.21
CA LYS C 188 -28.97 3.23 -2.52
C LYS C 188 -29.00 4.75 -2.45
N ARG C 189 -27.96 5.34 -1.86
CA ARG C 189 -27.82 6.77 -1.74
C ARG C 189 -26.60 7.24 -2.52
N ASP C 190 -26.73 8.39 -3.18
CA ASP C 190 -25.61 8.94 -3.93
C ASP C 190 -24.47 9.33 -2.97
N PRO C 191 -23.22 9.27 -3.43
CA PRO C 191 -22.76 8.92 -4.79
C PRO C 191 -22.53 7.43 -5.02
N CYS C 192 -23.06 6.55 -4.19
CA CYS C 192 -22.85 5.12 -4.39
C CYS C 192 -23.49 4.69 -5.71
N PRO C 193 -22.75 3.93 -6.56
CA PRO C 193 -23.29 3.58 -7.89
C PRO C 193 -24.24 2.40 -7.87
N HIS C 194 -25.53 2.70 -8.01
CA HIS C 194 -26.63 1.77 -8.27
C HIS C 194 -27.01 0.89 -7.08
N GLN C 195 -26.08 0.68 -6.14
CA GLN C 195 -26.36 -0.06 -4.93
C GLN C 195 -25.05 -0.33 -4.20
N VAL C 196 -25.11 -0.68 -2.92
CA VAL C 196 -23.91 -1.09 -2.19
C VAL C 196 -24.33 -1.99 -1.04
N ASP C 197 -23.52 -3.00 -0.76
CA ASP C 197 -23.68 -3.87 0.39
C ASP C 197 -22.71 -3.43 1.49
N CYS C 198 -23.24 -3.25 2.70
CA CYS C 198 -22.45 -2.83 3.84
C CYS C 198 -22.68 -3.79 4.99
N PHE C 199 -21.70 -3.86 5.89
CA PHE C 199 -21.68 -4.85 6.96
C PHE C 199 -21.52 -4.16 8.30
N LEU C 200 -22.27 -4.62 9.29
CA LEU C 200 -22.33 -4.02 10.61
C LEU C 200 -21.39 -4.72 11.58
N SER C 201 -21.26 -4.12 12.76
CA SER C 201 -20.43 -4.64 13.84
C SER C 201 -21.32 -5.12 14.99
N ARG C 202 -21.05 -6.34 15.46
CA ARG C 202 -21.77 -6.92 16.59
C ARG C 202 -23.28 -6.82 16.45
N PRO C 203 -23.86 -7.42 15.39
CA PRO C 203 -25.31 -7.33 15.19
C PRO C 203 -26.13 -8.29 16.05
N THR C 204 -25.52 -9.14 16.85
CA THR C 204 -26.24 -10.11 17.67
C THR C 204 -26.33 -9.71 19.14
N GLU C 205 -25.24 -9.18 19.70
CA GLU C 205 -25.26 -8.70 21.08
C GLU C 205 -26.25 -7.54 21.24
N LYS C 206 -26.26 -6.63 20.28
CA LYS C 206 -27.11 -5.45 20.37
C LYS C 206 -28.58 -5.83 20.39
N THR C 207 -28.96 -6.88 19.67
CA THR C 207 -30.34 -7.34 19.74
C THR C 207 -30.71 -7.79 21.15
N ILE C 208 -29.79 -8.52 21.81
CA ILE C 208 -30.03 -8.97 23.17
C ILE C 208 -30.25 -7.78 24.09
N PHE C 209 -29.37 -6.79 24.00
CA PHE C 209 -29.50 -5.62 24.87
C PHE C 209 -30.78 -4.84 24.56
N ILE C 210 -31.15 -4.74 23.29
CA ILE C 210 -32.39 -4.07 22.93
C ILE C 210 -33.58 -4.75 23.59
N ILE C 211 -33.61 -6.08 23.54
CA ILE C 211 -34.72 -6.81 24.15
C ILE C 211 -34.75 -6.59 25.66
N PHE C 212 -33.57 -6.62 26.29
CA PHE C 212 -33.51 -6.34 27.72
C PHE C 212 -34.14 -4.98 28.05
N MET C 213 -33.73 -3.94 27.32
CA MET C 213 -34.24 -2.61 27.61
C MET C 213 -35.74 -2.51 27.36
N LEU C 214 -36.22 -3.19 26.31
CA LEU C 214 -37.66 -3.21 26.05
C LEU C 214 -38.42 -3.80 27.24
N VAL C 215 -37.93 -4.93 27.76
CA VAL C 215 -38.60 -5.55 28.90
C VAL C 215 -38.61 -4.60 30.10
N VAL C 216 -37.47 -3.95 30.36
CA VAL C 216 -37.40 -3.03 31.49
C VAL C 216 -38.43 -1.91 31.33
N SER C 217 -38.53 -1.35 30.13
CA SER C 217 -39.46 -0.26 29.89
C SER C 217 -40.90 -0.70 30.11
N LEU C 218 -41.25 -1.89 29.62
CA LEU C 218 -42.61 -2.38 29.81
C LEU C 218 -42.93 -2.56 31.29
N VAL C 219 -41.97 -3.12 32.05
CA VAL C 219 -42.19 -3.30 33.49
C VAL C 219 -42.43 -1.96 34.16
N SER C 220 -41.62 -0.96 33.81
CA SER C 220 -41.79 0.36 34.41
C SER C 220 -43.16 0.94 34.09
N LEU C 221 -43.60 0.79 32.83
CA LEU C 221 -44.91 1.33 32.45
C LEU C 221 -46.03 0.68 33.26
N ALA C 222 -45.98 -0.65 33.41
CA ALA C 222 -47.02 -1.34 34.17
C ALA C 222 -47.02 -0.87 35.62
N LEU C 223 -45.84 -0.78 36.24
CA LEU C 223 -45.78 -0.35 37.62
C LEU C 223 -46.28 1.08 37.79
N ASN C 224 -46.09 1.93 36.79
CA ASN C 224 -46.62 3.29 36.89
C ASN C 224 -48.14 3.33 36.73
N ILE C 225 -48.70 2.49 35.86
CA ILE C 225 -50.15 2.48 35.68
C ILE C 225 -50.85 1.98 36.94
N ILE C 226 -50.24 1.00 37.62
CA ILE C 226 -50.85 0.45 38.83
C ILE C 226 -51.08 1.57 39.85
N GLU C 227 -50.12 2.47 40.00
CA GLU C 227 -50.25 3.55 40.97
C GLU C 227 -51.43 4.45 40.65
N LEU C 228 -51.61 4.79 39.38
CA LEU C 228 -52.75 5.62 38.99
C LEU C 228 -54.06 4.93 39.33
N PHE C 229 -54.17 3.64 39.01
CA PHE C 229 -55.40 2.93 39.31
C PHE C 229 -55.67 2.92 40.81
N TYR C 230 -54.65 2.65 41.61
CA TYR C 230 -54.82 2.63 43.06
C TYR C 230 -55.26 3.98 43.58
N VAL C 231 -54.62 5.05 43.12
CA VAL C 231 -54.95 6.40 43.60
C VAL C 231 -56.39 6.74 43.25
N PHE C 232 -56.80 6.47 42.01
CA PHE C 232 -58.15 6.82 41.61
C PHE C 232 -59.18 6.00 42.37
N PHE C 233 -58.91 4.72 42.60
CA PHE C 233 -59.85 3.92 43.38
C PHE C 233 -59.99 4.46 44.79
N LYS C 234 -58.87 4.81 45.44
CA LYS C 234 -58.95 5.38 46.78
C LYS C 234 -59.72 6.69 46.78
N GLY C 235 -59.47 7.55 45.77
CA GLY C 235 -60.15 8.83 45.72
C GLY C 235 -61.62 8.74 45.38
N VAL C 236 -62.04 7.67 44.72
CA VAL C 236 -63.45 7.51 44.36
C VAL C 236 -64.23 6.82 45.48
N LYS C 237 -63.70 5.73 46.04
CA LYS C 237 -64.45 5.04 47.08
C LYS C 237 -64.63 5.90 48.33
N ASP C 238 -63.66 6.76 48.63
CA ASP C 238 -63.76 7.65 49.78
C ASP C 238 -63.37 9.07 49.40
N GLY D 2 -24.39 18.74 62.94
CA GLY D 2 -24.07 19.27 61.64
C GLY D 2 -25.29 19.85 60.93
N ASP D 3 -25.90 20.86 61.53
CA ASP D 3 -27.07 21.50 60.94
C ASP D 3 -26.64 22.54 59.91
N TRP D 4 -27.22 22.46 58.72
CA TRP D 4 -26.87 23.37 57.62
C TRP D 4 -27.89 24.51 57.58
N SER D 5 -27.81 25.38 58.59
CA SER D 5 -28.72 26.52 58.69
C SER D 5 -28.20 27.78 58.00
N ALA D 6 -26.88 27.99 57.99
CA ALA D 6 -26.32 29.13 57.28
C ALA D 6 -26.55 29.03 55.78
N LEU D 7 -26.50 27.81 55.24
CA LEU D 7 -26.85 27.61 53.84
C LEU D 7 -28.29 28.01 53.59
N GLY D 8 -29.20 27.67 54.50
CA GLY D 8 -30.59 28.08 54.35
C GLY D 8 -30.75 29.58 54.38
N LYS D 9 -30.05 30.26 55.30
CA LYS D 9 -30.11 31.71 55.35
C LYS D 9 -29.62 32.32 54.04
N LEU D 10 -28.47 31.85 53.54
CA LEU D 10 -27.94 32.37 52.30
C LEU D 10 -28.90 32.13 51.14
N LEU D 11 -29.48 30.93 51.07
CA LEU D 11 -30.42 30.62 49.99
C LEU D 11 -31.64 31.52 50.06
N ASP D 12 -32.19 31.74 51.26
CA ASP D 12 -33.36 32.60 51.38
C ASP D 12 -33.03 34.03 51.01
N LYS D 13 -31.85 34.52 51.39
CA LYS D 13 -31.47 35.89 51.05
C LYS D 13 -31.27 36.04 49.54
N VAL D 14 -30.67 35.04 48.90
CA VAL D 14 -30.39 35.14 47.47
C VAL D 14 -31.68 35.16 46.66
N GLN D 15 -32.66 34.35 47.06
CA GLN D 15 -33.90 34.16 46.31
C GLN D 15 -35.05 34.95 46.91
N ALA D 16 -34.78 36.14 47.44
CA ALA D 16 -35.83 36.92 48.09
C ALA D 16 -36.81 37.52 47.09
N TYR D 17 -36.31 38.00 45.95
CA TYR D 17 -37.13 38.70 44.97
C TYR D 17 -37.63 37.80 43.84
N SER D 18 -37.34 36.50 43.90
CA SER D 18 -37.73 35.59 42.83
C SER D 18 -39.14 35.06 43.03
N THR D 19 -39.74 34.61 41.94
CA THR D 19 -41.07 34.02 41.98
C THR D 19 -40.99 32.58 42.48
N ALA D 20 -42.16 31.97 42.69
CA ALA D 20 -42.21 30.59 43.14
C ALA D 20 -41.77 29.63 42.04
N GLY D 21 -42.25 29.84 40.82
CA GLY D 21 -41.89 28.95 39.73
C GLY D 21 -40.42 29.03 39.36
N GLY D 22 -39.86 30.24 39.35
CA GLY D 22 -38.48 30.42 38.94
C GLY D 22 -37.49 29.68 39.82
N LYS D 23 -37.87 29.36 41.06
CA LYS D 23 -37.00 28.62 41.95
C LYS D 23 -36.85 27.17 41.56
N VAL D 24 -37.65 26.67 40.60
CA VAL D 24 -37.71 25.25 40.31
C VAL D 24 -37.26 24.97 38.88
N TRP D 25 -37.96 25.55 37.92
CA TRP D 25 -37.67 25.25 36.52
C TRP D 25 -36.27 25.71 36.13
N LEU D 26 -35.88 26.91 36.55
CA LEU D 26 -34.58 27.44 36.18
C LEU D 26 -33.46 26.64 36.80
N SER D 27 -33.66 26.09 38.00
CA SER D 27 -32.65 25.26 38.62
C SER D 27 -32.55 23.90 37.95
N VAL D 28 -33.69 23.28 37.63
CA VAL D 28 -33.67 21.97 37.00
C VAL D 28 -33.13 22.04 35.58
N LEU D 29 -33.37 23.15 34.88
CA LEU D 29 -32.91 23.27 33.51
C LEU D 29 -31.39 23.26 33.42
N PHE D 30 -30.72 23.86 34.41
CA PHE D 30 -29.25 23.85 34.43
C PHE D 30 -28.72 22.43 34.53
N ILE D 31 -29.30 21.63 35.42
CA ILE D 31 -28.87 20.23 35.56
C ILE D 31 -29.13 19.46 34.27
N PHE D 32 -30.32 19.64 33.69
CA PHE D 32 -30.65 19.01 32.43
C PHE D 32 -29.60 19.36 31.37
N ARG D 33 -29.27 20.65 31.28
CA ARG D 33 -28.32 21.12 30.28
C ARG D 33 -26.95 20.48 30.46
N ILE D 34 -26.43 20.50 31.69
CA ILE D 34 -25.08 19.97 31.89
C ILE D 34 -25.05 18.47 31.66
N LEU D 35 -26.08 17.75 32.11
CA LEU D 35 -26.10 16.31 31.90
C LEU D 35 -26.14 15.98 30.42
N LEU D 36 -27.02 16.64 29.66
CA LEU D 36 -27.10 16.38 28.23
C LEU D 36 -25.80 16.73 27.53
N LEU D 37 -25.18 17.84 27.90
CA LEU D 37 -23.93 18.24 27.28
C LEU D 37 -22.80 17.24 27.57
N GLY D 38 -22.72 16.77 28.81
CA GLY D 38 -21.60 15.92 29.19
C GLY D 38 -21.73 14.47 28.81
N THR D 39 -22.97 13.97 28.67
CA THR D 39 -23.16 12.54 28.44
C THR D 39 -23.27 12.20 26.95
N ALA D 40 -24.22 12.81 26.24
CA ALA D 40 -24.58 12.36 24.91
C ALA D 40 -23.79 13.07 23.81
N VAL D 41 -23.88 14.39 23.74
CA VAL D 41 -23.37 15.12 22.58
C VAL D 41 -21.85 15.03 22.51
N GLU D 42 -21.17 15.03 23.67
CA GLU D 42 -19.72 15.11 23.68
C GLU D 42 -19.06 13.92 22.98
N SER D 43 -19.74 12.79 22.90
CA SER D 43 -19.19 11.61 22.25
C SER D 43 -19.47 11.55 20.76
N ALA D 44 -20.51 12.24 20.29
CA ALA D 44 -20.82 12.22 18.87
C ALA D 44 -19.85 13.07 18.07
N TRP D 45 -19.21 14.05 18.71
CA TRP D 45 -18.27 14.94 18.05
C TRP D 45 -16.82 14.46 18.17
N GLY D 46 -16.60 13.26 18.71
CA GLY D 46 -15.23 12.81 18.91
C GLY D 46 -14.48 12.61 17.61
N ASP D 47 -15.07 11.87 16.67
CA ASP D 47 -14.45 11.62 15.37
C ASP D 47 -14.91 12.62 14.32
N GLU D 48 -14.75 13.91 14.63
CA GLU D 48 -15.19 14.96 13.70
C GLU D 48 -14.13 15.29 12.66
N GLN D 49 -12.86 15.02 12.94
CA GLN D 49 -11.78 15.28 12.01
C GLN D 49 -11.12 14.02 11.46
N SER D 50 -11.16 12.91 12.22
CA SER D 50 -10.57 11.67 11.74
C SER D 50 -11.43 11.00 10.67
N ALA D 51 -12.75 11.17 10.74
CA ALA D 51 -13.67 10.59 9.77
C ALA D 51 -14.08 11.58 8.69
N PHE D 52 -13.44 12.75 8.63
CA PHE D 52 -13.70 13.73 7.59
C PHE D 52 -12.82 13.42 6.39
N ARG D 53 -13.45 13.25 5.23
CA ARG D 53 -12.77 12.79 4.02
C ARG D 53 -13.06 13.71 2.86
N CYS D 54 -12.07 13.88 1.99
CA CYS D 54 -12.18 14.67 0.78
C CYS D 54 -11.65 13.86 -0.40
N ASN D 55 -12.18 14.14 -1.59
CA ASN D 55 -11.82 13.41 -2.80
C ASN D 55 -10.73 14.19 -3.53
N THR D 56 -9.48 13.80 -3.29
CA THR D 56 -8.34 14.39 -3.97
C THR D 56 -7.07 13.68 -3.53
N GLN D 57 -6.01 13.88 -4.31
CA GLN D 57 -4.67 13.41 -3.95
C GLN D 57 -3.77 14.51 -3.43
N GLN D 58 -4.21 15.76 -3.46
CA GLN D 58 -3.37 16.88 -3.07
C GLN D 58 -3.12 16.85 -1.56
N PRO D 59 -1.86 16.80 -1.11
CA PRO D 59 -1.60 16.85 0.34
C PRO D 59 -1.84 18.25 0.88
N GLY D 60 -2.73 18.34 1.87
CA GLY D 60 -3.03 19.59 2.54
C GLY D 60 -4.41 20.14 2.31
N CYS D 61 -5.19 19.57 1.39
CA CYS D 61 -6.52 20.11 1.13
C CYS D 61 -7.50 19.75 2.24
N GLU D 62 -7.36 18.57 2.84
CA GLU D 62 -8.28 18.16 3.91
C GLU D 62 -8.19 19.11 5.09
N ASN D 63 -6.97 19.46 5.51
CA ASN D 63 -6.79 20.32 6.67
C ASN D 63 -7.45 21.68 6.45
N VAL D 64 -7.13 22.33 5.34
CA VAL D 64 -7.64 23.66 5.08
C VAL D 64 -9.15 23.63 4.89
N CYS D 65 -9.66 22.60 4.22
CA CYS D 65 -11.10 22.53 4.00
C CYS D 65 -11.86 22.28 5.30
N TYR D 66 -11.32 21.44 6.18
CA TYR D 66 -11.94 21.26 7.49
C TYR D 66 -11.92 22.56 8.28
N ASP D 67 -10.78 23.26 8.28
CA ASP D 67 -10.70 24.52 9.00
C ASP D 67 -11.67 25.55 8.44
N LYS D 68 -11.93 25.50 7.13
CA LYS D 68 -12.88 26.43 6.53
C LYS D 68 -14.31 26.06 6.87
N SER D 69 -14.62 24.76 6.93
CA SER D 69 -15.99 24.34 7.22
C SER D 69 -16.35 24.58 8.67
N PHE D 70 -15.44 24.29 9.60
CA PHE D 70 -15.69 24.35 11.04
C PHE D 70 -14.68 25.27 11.70
N PRO D 71 -14.91 26.58 11.66
CA PRO D 71 -14.03 27.50 12.40
C PRO D 71 -14.04 27.29 13.90
N ILE D 72 -15.11 26.73 14.45
CA ILE D 72 -15.17 26.40 15.87
C ILE D 72 -16.24 25.34 16.06
N SER D 73 -15.92 24.33 16.86
CA SER D 73 -16.84 23.22 17.08
C SER D 73 -18.04 23.68 17.90
N HIS D 74 -19.16 22.96 17.72
CA HIS D 74 -20.39 23.31 18.42
C HIS D 74 -20.27 23.08 19.92
N VAL D 75 -19.61 22.00 20.33
CA VAL D 75 -19.57 21.66 21.75
C VAL D 75 -18.84 22.74 22.53
N ARG D 76 -17.72 23.24 22.00
CA ARG D 76 -16.98 24.29 22.71
C ARG D 76 -17.73 25.62 22.68
N PHE D 77 -18.45 25.89 21.60
CA PHE D 77 -19.33 27.05 21.56
C PHE D 77 -20.37 26.97 22.67
N TRP D 78 -20.97 25.79 22.87
CA TRP D 78 -21.98 25.63 23.92
C TRP D 78 -21.35 25.73 25.30
N VAL D 79 -20.13 25.22 25.47
CA VAL D 79 -19.46 25.34 26.76
C VAL D 79 -19.23 26.82 27.10
N LEU D 80 -18.75 27.59 26.11
CA LEU D 80 -18.60 29.02 26.34
C LEU D 80 -19.94 29.67 26.65
N GLN D 81 -20.99 29.28 25.93
CA GLN D 81 -22.30 29.87 26.15
C GLN D 81 -22.78 29.62 27.57
N ILE D 82 -22.63 28.39 28.07
CA ILE D 82 -23.12 28.06 29.40
C ILE D 82 -22.22 28.62 30.48
N ILE D 83 -20.95 28.88 30.18
CA ILE D 83 -20.09 29.53 31.18
C ILE D 83 -20.43 31.01 31.29
N PHE D 84 -20.62 31.70 30.17
CA PHE D 84 -20.91 33.12 30.20
C PHE D 84 -22.27 33.43 30.81
N VAL D 85 -23.18 32.46 30.84
CA VAL D 85 -24.53 32.70 31.33
C VAL D 85 -24.65 32.52 32.85
N SER D 86 -23.67 31.87 33.49
CA SER D 86 -23.79 31.48 34.88
C SER D 86 -22.90 32.27 35.83
N VAL D 87 -22.00 33.11 35.32
CA VAL D 87 -21.07 33.84 36.17
C VAL D 87 -21.77 34.97 36.91
N PRO D 88 -22.76 35.67 36.32
CA PRO D 88 -23.40 36.76 37.09
C PRO D 88 -24.03 36.27 38.38
N THR D 89 -24.65 35.09 38.36
CA THR D 89 -25.26 34.55 39.58
C THR D 89 -24.20 34.28 40.64
N LEU D 90 -23.05 33.75 40.25
CA LEU D 90 -21.98 33.50 41.20
C LEU D 90 -21.46 34.81 41.80
N LEU D 91 -21.31 35.84 40.97
CA LEU D 91 -20.89 37.14 41.48
C LEU D 91 -21.90 37.68 42.49
N TYR D 92 -23.19 37.60 42.17
CA TYR D 92 -24.22 38.08 43.08
C TYR D 92 -24.21 37.28 44.38
N LEU D 93 -24.00 35.98 44.29
CA LEU D 93 -23.96 35.14 45.49
C LEU D 93 -22.81 35.53 46.39
N ALA D 94 -21.63 35.75 45.81
CA ALA D 94 -20.49 36.18 46.62
C ALA D 94 -20.74 37.55 47.25
N HIS D 95 -21.33 38.46 46.49
CA HIS D 95 -21.67 39.78 47.03
C HIS D 95 -22.59 39.65 48.24
N VAL D 96 -23.62 38.82 48.12
CA VAL D 96 -24.56 38.64 49.23
C VAL D 96 -23.85 38.02 50.43
N PHE D 97 -22.99 37.04 50.18
CA PHE D 97 -22.24 36.40 51.26
C PHE D 97 -21.44 37.43 52.06
N TYR D 98 -20.66 38.25 51.36
CA TYR D 98 -19.84 39.23 52.05
C TYR D 98 -20.70 40.27 52.76
N VAL D 99 -21.81 40.70 52.14
CA VAL D 99 -22.68 41.68 52.77
C VAL D 99 -23.26 41.11 54.07
N MET D 100 -23.68 39.84 54.04
CA MET D 100 -24.23 39.24 55.25
C MET D 100 -23.18 39.14 56.35
N ARG D 101 -21.96 38.76 55.99
CA ARG D 101 -20.91 38.71 57.01
C ARG D 101 -20.67 40.08 57.63
N LYS D 102 -20.61 41.12 56.79
CA LYS D 102 -20.39 42.47 57.31
C LYS D 102 -21.53 42.91 58.20
N GLU D 103 -22.77 42.62 57.81
CA GLU D 103 -23.91 42.99 58.63
C GLU D 103 -23.88 42.29 59.99
N GLU D 104 -23.52 41.00 60.00
CA GLU D 104 -23.41 40.29 61.28
C GLU D 104 -22.35 40.91 62.16
N LYS D 105 -21.19 41.24 61.57
CA LYS D 105 -20.13 41.87 62.36
C LYS D 105 -20.60 43.21 62.93
N LEU D 106 -21.28 44.02 62.11
CA LEU D 106 -21.78 45.30 62.59
C LEU D 106 -22.78 45.11 63.73
N ASN D 107 -23.69 44.15 63.58
CA ASN D 107 -24.70 43.93 64.62
C ASN D 107 -24.04 43.54 65.94
N LYS D 108 -23.04 42.65 65.89
CA LYS D 108 -22.42 42.20 67.13
C LYS D 108 -21.48 43.26 67.71
N LYS D 109 -20.90 44.12 66.87
CA LYS D 109 -19.93 45.09 67.38
C LYS D 109 -20.62 46.26 68.08
N GLU D 110 -21.54 46.93 67.39
CA GLU D 110 -22.16 48.14 67.90
C GLU D 110 -23.40 47.86 68.76
N GLU D 111 -23.50 46.66 69.32
CA GLU D 111 -24.56 46.32 70.27
C GLU D 111 -23.99 45.60 71.48
N GLU D 112 -22.73 45.85 71.80
CA GLU D 112 -22.06 45.20 72.92
C GLU D 112 -22.65 45.67 74.24
N ARG D 148 -35.79 47.76 49.72
CA ARG D 148 -35.41 47.81 48.31
C ARG D 148 -34.23 48.77 48.12
N GLY D 149 -33.12 48.22 47.64
CA GLY D 149 -31.91 49.01 47.47
C GLY D 149 -30.95 48.43 46.46
N GLY D 150 -29.65 48.43 46.80
CA GLY D 150 -28.64 48.04 45.83
C GLY D 150 -28.77 46.60 45.38
N LEU D 151 -29.18 45.71 46.28
CA LEU D 151 -29.27 44.29 45.93
C LEU D 151 -30.29 44.07 44.82
N LEU D 152 -31.41 44.77 44.87
CA LEU D 152 -32.40 44.66 43.80
C LEU D 152 -31.82 45.13 42.47
N ARG D 153 -31.06 46.22 42.48
CA ARG D 153 -30.44 46.71 41.26
C ARG D 153 -29.46 45.70 40.69
N THR D 154 -28.65 45.08 41.56
CA THR D 154 -27.71 44.06 41.10
C THR D 154 -28.45 42.86 40.52
N TYR D 155 -29.54 42.45 41.16
CA TYR D 155 -30.34 41.34 40.64
C TYR D 155 -30.86 41.66 39.25
N ILE D 156 -31.40 42.87 39.07
CA ILE D 156 -31.93 43.26 37.76
C ILE D 156 -30.82 43.26 36.72
N ILE D 157 -29.65 43.79 37.08
CA ILE D 157 -28.55 43.86 36.12
C ILE D 157 -28.12 42.46 35.70
N SER D 158 -28.00 41.54 36.66
CA SER D 158 -27.62 40.17 36.34
C SER D 158 -28.64 39.51 35.40
N ILE D 159 -29.93 39.69 35.72
CA ILE D 159 -30.95 39.08 34.89
C ILE D 159 -30.92 39.65 33.47
N LEU D 160 -30.63 40.95 33.35
CA LEU D 160 -30.52 41.54 32.03
C LEU D 160 -29.34 40.96 31.25
N PHE D 161 -28.19 40.84 31.91
CA PHE D 161 -26.99 40.38 31.22
C PHE D 161 -27.12 38.93 30.77
N LYS D 162 -27.79 38.09 31.55
CA LYS D 162 -27.97 36.70 31.13
C LYS D 162 -28.73 36.63 29.81
N SER D 163 -29.84 37.37 29.70
CA SER D 163 -30.60 37.39 28.46
C SER D 163 -29.80 37.98 27.32
N ILE D 164 -29.02 39.03 27.59
CA ILE D 164 -28.19 39.64 26.55
C ILE D 164 -27.24 38.61 25.98
N PHE D 165 -26.56 37.86 26.85
CA PHE D 165 -25.63 36.85 26.37
C PHE D 165 -26.34 35.76 25.58
N GLU D 166 -27.50 35.31 26.07
CA GLU D 166 -28.25 34.30 25.32
C GLU D 166 -28.54 34.77 23.90
N VAL D 167 -29.07 35.98 23.77
CA VAL D 167 -29.45 36.50 22.46
C VAL D 167 -28.22 36.64 21.57
N ALA D 168 -27.12 37.15 22.14
CA ALA D 168 -25.91 37.34 21.33
C ALA D 168 -25.40 36.02 20.79
N PHE D 169 -25.34 34.99 21.64
CA PHE D 169 -24.85 33.70 21.20
C PHE D 169 -25.77 33.09 20.14
N LEU D 170 -27.08 33.22 20.33
CA LEU D 170 -28.01 32.70 19.32
C LEU D 170 -27.81 33.39 17.99
N LEU D 171 -27.66 34.71 17.99
CA LEU D 171 -27.46 35.45 16.74
C LEU D 171 -26.17 35.04 16.06
N ILE D 172 -25.08 34.90 16.83
CA ILE D 172 -23.81 34.50 16.23
C ILE D 172 -23.93 33.12 15.60
N GLN D 173 -24.56 32.17 16.32
CA GLN D 173 -24.71 30.84 15.78
C GLN D 173 -25.54 30.86 14.50
N TRP D 174 -26.62 31.65 14.48
CA TRP D 174 -27.43 31.75 13.27
C TRP D 174 -26.62 32.30 12.10
N TYR D 175 -25.79 33.32 12.36
CA TYR D 175 -25.04 33.94 11.28
C TYR D 175 -23.96 33.00 10.74
N ILE D 176 -23.26 32.27 11.62
CA ILE D 176 -22.10 31.51 11.18
C ILE D 176 -22.52 30.19 10.56
N TYR D 177 -23.34 29.41 11.25
CA TYR D 177 -23.66 28.05 10.85
C TYR D 177 -25.08 27.92 10.34
N GLY D 178 -26.07 28.32 11.13
CA GLY D 178 -27.45 27.97 10.88
C GLY D 178 -27.95 27.00 11.92
N PHE D 179 -28.89 26.14 11.55
CA PHE D 179 -29.40 25.12 12.46
C PHE D 179 -29.58 23.80 11.73
N SER D 180 -28.60 23.43 10.93
CA SER D 180 -28.62 22.17 10.20
C SER D 180 -27.24 21.92 9.60
N LEU D 181 -27.00 20.67 9.21
CA LEU D 181 -25.76 20.27 8.58
C LEU D 181 -26.05 19.41 7.36
N SER D 182 -25.27 19.62 6.30
CA SER D 182 -25.38 18.85 5.07
C SER D 182 -24.23 17.87 4.95
N ALA D 183 -24.47 16.77 4.25
CA ALA D 183 -23.50 15.69 4.18
C ALA D 183 -22.32 16.01 3.27
N VAL D 184 -22.52 16.83 2.25
CA VAL D 184 -21.50 17.13 1.25
C VAL D 184 -21.16 18.61 1.33
N TYR D 185 -19.86 18.92 1.32
CA TYR D 185 -19.35 20.28 1.39
C TYR D 185 -18.47 20.54 0.18
N THR D 186 -18.52 21.75 -0.35
CA THR D 186 -17.73 22.15 -1.51
C THR D 186 -16.68 23.15 -1.08
N CYS D 187 -15.42 22.85 -1.38
CA CYS D 187 -14.27 23.60 -0.90
C CYS D 187 -13.55 24.22 -2.09
N LYS D 188 -13.24 25.52 -1.97
CA LYS D 188 -12.54 26.27 -3.01
C LYS D 188 -11.42 27.10 -2.39
N ARG D 189 -10.60 26.46 -1.55
CA ARG D 189 -9.47 27.09 -0.90
C ARG D 189 -8.18 26.43 -1.38
N ASP D 190 -7.14 27.25 -1.57
CA ASP D 190 -5.86 26.73 -2.00
C ASP D 190 -5.26 25.85 -0.89
N PRO D 191 -4.45 24.85 -1.26
CA PRO D 191 -4.00 24.49 -2.61
C PRO D 191 -4.93 23.54 -3.37
N CYS D 192 -6.19 23.39 -2.95
CA CYS D 192 -7.10 22.48 -3.64
C CYS D 192 -7.32 22.98 -5.08
N PRO D 193 -7.21 22.10 -6.10
CA PRO D 193 -7.31 22.56 -7.49
C PRO D 193 -8.74 22.72 -7.97
N HIS D 194 -9.17 23.97 -8.09
CA HIS D 194 -10.40 24.43 -8.73
C HIS D 194 -11.68 24.09 -7.98
N GLN D 195 -11.66 23.07 -7.12
CA GLN D 195 -12.79 22.71 -6.28
C GLN D 195 -12.51 21.37 -5.62
N VAL D 196 -13.24 21.03 -4.56
CA VAL D 196 -13.15 19.71 -3.96
C VAL D 196 -14.46 19.41 -3.26
N ASP D 197 -14.87 18.14 -3.32
CA ASP D 197 -16.02 17.65 -2.57
C ASP D 197 -15.53 16.91 -1.34
N CYS D 198 -16.09 17.24 -0.19
CA CYS D 198 -15.73 16.65 1.08
C CYS D 198 -16.98 16.14 1.78
N PHE D 199 -16.80 15.15 2.65
CA PHE D 199 -17.91 14.44 3.28
C PHE D 199 -17.74 14.46 4.79
N LEU D 200 -18.86 14.69 5.49
CA LEU D 200 -18.88 14.87 6.93
C LEU D 200 -19.22 13.57 7.64
N SER D 201 -19.10 13.59 8.96
CA SER D 201 -19.41 12.46 9.82
C SER D 201 -20.64 12.77 10.65
N ARG D 202 -21.60 11.83 10.66
CA ARG D 202 -22.81 11.94 11.45
C ARG D 202 -23.52 13.28 11.25
N PRO D 203 -23.94 13.59 10.02
CA PRO D 203 -24.60 14.88 9.78
C PRO D 203 -26.08 14.93 10.16
N THR D 204 -26.66 13.84 10.63
CA THR D 204 -28.08 13.80 10.99
C THR D 204 -28.32 13.86 12.49
N GLU D 205 -27.50 13.15 13.27
CA GLU D 205 -27.62 13.21 14.73
C GLU D 205 -27.34 14.62 15.25
N LYS D 206 -26.32 15.26 14.68
CA LYS D 206 -25.92 16.58 15.15
C LYS D 206 -27.02 17.61 14.93
N THR D 207 -27.78 17.47 13.85
CA THR D 207 -28.93 18.37 13.65
C THR D 207 -29.95 18.21 14.78
N ILE D 208 -30.23 16.97 15.17
CA ILE D 208 -31.17 16.71 16.26
C ILE D 208 -30.70 17.38 17.55
N PHE D 209 -29.41 17.19 17.87
CA PHE D 209 -28.90 17.79 19.10
C PHE D 209 -28.91 19.32 19.03
N ILE D 210 -28.61 19.88 17.86
CA ILE D 210 -28.65 21.32 17.69
C ILE D 210 -30.05 21.86 17.97
N ILE D 211 -31.06 21.18 17.44
CA ILE D 211 -32.44 21.62 17.67
C ILE D 211 -32.80 21.53 19.14
N PHE D 212 -32.39 20.43 19.80
CA PHE D 212 -32.63 20.31 21.23
C PHE D 212 -32.06 21.50 21.99
N MET D 213 -30.79 21.84 21.73
CA MET D 213 -30.14 22.92 22.45
C MET D 213 -30.82 24.26 22.15
N LEU D 214 -31.25 24.46 20.90
CA LEU D 214 -31.97 25.69 20.56
C LEU D 214 -33.23 25.82 21.39
N VAL D 215 -34.00 24.74 21.50
CA VAL D 215 -35.23 24.78 22.29
C VAL D 215 -34.93 25.11 23.74
N VAL D 216 -33.89 24.48 24.30
CA VAL D 216 -33.54 24.73 25.69
C VAL D 216 -33.20 26.21 25.89
N SER D 217 -32.40 26.78 24.97
CA SER D 217 -32.01 28.17 25.10
C SER D 217 -33.22 29.10 25.04
N LEU D 218 -34.15 28.83 24.12
CA LEU D 218 -35.35 29.67 24.03
C LEU D 218 -36.16 29.60 25.32
N VAL D 219 -36.31 28.41 25.89
CA VAL D 219 -37.06 28.27 27.13
C VAL D 219 -36.40 29.08 28.23
N SER D 220 -35.07 28.98 28.34
CA SER D 220 -34.36 29.75 29.36
C SER D 220 -34.57 31.25 29.19
N LEU D 221 -34.50 31.73 27.95
CA LEU D 221 -34.67 33.15 27.70
C LEU D 221 -36.06 33.62 28.14
N ALA D 222 -37.09 32.85 27.79
CA ALA D 222 -38.45 33.23 28.18
C ALA D 222 -38.60 33.26 29.70
N LEU D 223 -38.08 32.23 30.38
CA LEU D 223 -38.19 32.19 31.83
C LEU D 223 -37.44 33.35 32.48
N ASN D 224 -36.35 33.80 31.88
CA ASN D 224 -35.63 34.95 32.44
C ASN D 224 -36.38 36.26 32.20
N ILE D 225 -37.04 36.41 31.05
CA ILE D 225 -37.78 37.64 30.78
C ILE D 225 -38.99 37.76 31.72
N ILE D 226 -39.63 36.62 32.03
CA ILE D 226 -40.79 36.66 32.92
C ILE D 226 -40.42 37.28 34.26
N GLU D 227 -39.25 36.94 34.79
CA GLU D 227 -38.83 37.48 36.08
C GLU D 227 -38.68 38.99 36.03
N LEU D 228 -38.09 39.52 34.97
CA LEU D 228 -37.95 40.96 34.83
C LEU D 228 -39.31 41.64 34.80
N PHE D 229 -40.25 41.08 34.03
CA PHE D 229 -41.58 41.69 33.97
C PHE D 229 -42.24 41.69 35.35
N TYR D 230 -42.16 40.56 36.05
CA TYR D 230 -42.76 40.46 37.38
C TYR D 230 -42.15 41.48 38.34
N VAL D 231 -40.82 41.58 38.34
CA VAL D 231 -40.14 42.49 39.25
C VAL D 231 -40.55 43.93 38.97
N PHE D 232 -40.56 44.32 37.70
CA PHE D 232 -40.90 45.69 37.36
C PHE D 232 -42.35 46.00 37.70
N PHE D 233 -43.26 45.05 37.46
CA PHE D 233 -44.65 45.29 37.83
C PHE D 233 -44.79 45.48 39.33
N LYS D 234 -44.13 44.64 40.13
CA LYS D 234 -44.20 44.80 41.58
C LYS D 234 -43.62 46.14 42.01
N GLY D 235 -42.50 46.54 41.41
CA GLY D 235 -41.88 47.80 41.79
C GLY D 235 -42.64 49.03 41.34
N VAL D 236 -43.45 48.91 40.31
CA VAL D 236 -44.24 50.04 39.82
C VAL D 236 -45.56 50.16 40.56
N LYS D 237 -46.30 49.06 40.72
CA LYS D 237 -47.60 49.14 41.37
C LYS D 237 -47.47 49.56 42.84
N ASP D 238 -46.38 49.17 43.50
CA ASP D 238 -46.15 49.55 44.89
C ASP D 238 -44.72 50.04 45.08
N GLY E 2 -20.89 20.81 63.62
CA GLY E 2 -19.86 21.02 62.62
C GLY E 2 -19.82 22.44 62.10
N ASP E 3 -19.56 23.40 63.00
CA ASP E 3 -19.50 24.81 62.62
C ASP E 3 -18.11 25.13 62.08
N TRP E 4 -18.06 25.75 60.91
CA TRP E 4 -16.80 26.10 60.27
C TRP E 4 -16.45 27.56 60.59
N SER E 5 -16.08 27.79 61.85
CA SER E 5 -15.73 29.12 62.31
C SER E 5 -14.25 29.43 62.18
N ALA E 6 -13.38 28.44 62.33
CA ALA E 6 -11.95 28.67 62.15
C ALA E 6 -11.62 29.03 60.70
N LEU E 7 -12.35 28.43 59.75
CA LEU E 7 -12.21 28.84 58.36
C LEU E 7 -12.57 30.30 58.18
N GLY E 8 -13.64 30.76 58.84
CA GLY E 8 -14.01 32.16 58.76
C GLY E 8 -12.94 33.07 59.35
N LYS E 9 -12.37 32.68 60.49
CA LYS E 9 -11.30 33.48 61.08
C LYS E 9 -10.11 33.57 60.13
N LEU E 10 -9.71 32.44 59.56
CA LEU E 10 -8.57 32.45 58.64
C LEU E 10 -8.86 33.31 57.42
N LEU E 11 -10.08 33.19 56.87
CA LEU E 11 -10.44 33.98 55.71
C LEU E 11 -10.43 35.47 56.01
N ASP E 12 -10.97 35.86 57.17
CA ASP E 12 -10.98 37.27 57.54
C ASP E 12 -9.57 37.79 57.75
N LYS E 13 -8.69 36.99 58.36
CA LYS E 13 -7.32 37.42 58.58
C LYS E 13 -6.57 37.56 57.25
N VAL E 14 -6.80 36.64 56.32
CA VAL E 14 -6.07 36.67 55.06
C VAL E 14 -6.46 37.88 54.23
N GLN E 15 -7.75 38.24 54.24
CA GLN E 15 -8.28 39.30 53.40
C GLN E 15 -8.51 40.60 54.17
N ALA E 16 -7.63 40.90 55.12
CA ALA E 16 -7.81 42.08 55.95
C ALA E 16 -7.52 43.36 55.19
N TYR E 17 -6.49 43.37 54.35
CA TYR E 17 -6.05 44.57 53.64
C TYR E 17 -6.63 44.69 52.24
N SER E 18 -7.48 43.77 51.82
CA SER E 18 -8.01 43.80 50.47
C SER E 18 -9.24 44.68 50.37
N THR E 19 -9.54 45.11 49.14
CA THR E 19 -10.71 45.92 48.87
C THR E 19 -11.96 45.03 48.81
N ALA E 20 -13.12 45.68 48.69
CA ALA E 20 -14.37 44.95 48.60
C ALA E 20 -14.50 44.24 47.25
N GLY E 21 -14.16 44.95 46.16
CA GLY E 21 -14.28 44.34 44.84
C GLY E 21 -13.30 43.19 44.63
N GLY E 22 -12.05 43.35 45.09
CA GLY E 22 -11.05 42.34 44.88
C GLY E 22 -11.39 40.99 45.48
N LYS E 23 -12.27 40.97 46.49
CA LYS E 23 -12.69 39.71 47.10
C LYS E 23 -13.60 38.90 46.19
N VAL E 24 -14.07 39.45 45.07
CA VAL E 24 -15.10 38.82 44.26
C VAL E 24 -14.57 38.50 42.87
N TRP E 25 -14.15 39.54 42.14
CA TRP E 25 -13.75 39.36 40.75
C TRP E 25 -12.52 38.47 40.66
N LEU E 26 -11.53 38.70 41.53
CA LEU E 26 -10.29 37.93 41.47
C LEU E 26 -10.53 36.47 41.81
N SER E 27 -11.48 36.19 42.70
CA SER E 27 -11.80 34.80 43.03
C SER E 27 -12.56 34.12 41.91
N VAL E 28 -13.52 34.81 41.30
CA VAL E 28 -14.31 34.21 40.23
C VAL E 28 -13.47 34.01 38.98
N LEU E 29 -12.51 34.89 38.74
CA LEU E 29 -11.68 34.77 37.53
C LEU E 29 -10.85 33.50 37.56
N PHE E 30 -10.38 33.10 38.74
CA PHE E 30 -9.61 31.86 38.84
C PHE E 30 -10.44 30.65 38.43
N ILE E 31 -11.70 30.59 38.91
CA ILE E 31 -12.59 29.49 38.55
C ILE E 31 -12.87 29.51 37.06
N PHE E 32 -13.16 30.69 36.52
CA PHE E 32 -13.38 30.82 35.08
C PHE E 32 -12.18 30.29 34.30
N ARG E 33 -10.98 30.69 34.73
CA ARG E 33 -9.76 30.28 34.04
C ARG E 33 -9.59 28.77 34.05
N ILE E 34 -9.71 28.15 35.22
CA ILE E 34 -9.47 26.71 35.30
C ILE E 34 -10.54 25.95 34.53
N LEU E 35 -11.80 26.37 34.62
CA LEU E 35 -12.85 25.68 33.87
C LEU E 35 -12.60 25.77 32.37
N LEU E 36 -12.30 26.97 31.87
CA LEU E 36 -12.06 27.11 30.44
C LEU E 36 -10.85 26.29 30.01
N LEU E 37 -9.78 26.29 30.81
CA LEU E 37 -8.59 25.54 30.47
C LEU E 37 -8.87 24.04 30.43
N GLY E 38 -9.62 23.53 31.40
CA GLY E 38 -9.80 22.10 31.51
C GLY E 38 -10.86 21.52 30.61
N THR E 39 -11.86 22.32 30.22
CA THR E 39 -12.98 21.78 29.46
C THR E 39 -12.78 21.91 27.94
N ALA E 40 -12.57 23.14 27.46
CA ALA E 40 -12.64 23.41 26.02
C ALA E 40 -11.28 23.28 25.33
N VAL E 41 -10.29 24.05 25.76
CA VAL E 41 -9.06 24.17 24.99
C VAL E 41 -8.29 22.85 24.99
N GLU E 42 -8.33 22.10 26.10
CA GLU E 42 -7.50 20.93 26.23
C GLU E 42 -7.81 19.86 25.19
N SER E 43 -9.02 19.86 24.64
CA SER E 43 -9.41 18.88 23.64
C SER E 43 -9.08 19.31 22.22
N ALA E 44 -8.95 20.62 21.97
CA ALA E 44 -8.63 21.08 20.63
C ALA E 44 -7.18 20.82 20.27
N TRP E 45 -6.31 20.69 21.27
CA TRP E 45 -4.89 20.46 21.06
C TRP E 45 -4.53 18.97 21.08
N GLY E 46 -5.52 18.08 21.14
CA GLY E 46 -5.22 16.67 21.25
C GLY E 46 -4.51 16.12 20.01
N ASP E 47 -5.06 16.38 18.84
CA ASP E 47 -4.47 15.92 17.59
C ASP E 47 -3.58 16.99 16.96
N GLU E 48 -2.61 17.48 17.72
CA GLU E 48 -1.72 18.52 17.23
C GLU E 48 -0.53 17.97 16.46
N GLN E 49 -0.16 16.70 16.70
CA GLN E 49 0.95 16.07 16.00
C GLN E 49 0.51 14.94 15.08
N SER E 50 -0.61 14.30 15.36
CA SER E 50 -1.10 13.23 14.49
C SER E 50 -1.70 13.77 13.20
N ALA E 51 -2.29 14.96 13.23
CA ALA E 51 -2.89 15.59 12.06
C ALA E 51 -1.98 16.61 11.41
N PHE E 52 -0.71 16.67 11.83
CA PHE E 52 0.27 17.55 11.22
C PHE E 52 0.92 16.83 10.05
N ARG E 53 0.86 17.45 8.87
CA ARG E 53 1.28 16.82 7.63
C ARG E 53 2.24 17.72 6.87
N CYS E 54 3.21 17.10 6.20
CA CYS E 54 4.17 17.78 5.37
C CYS E 54 4.24 17.09 4.01
N ASN E 55 4.60 17.86 2.99
CA ASN E 55 4.64 17.38 1.61
C ASN E 55 6.08 16.96 1.29
N THR E 56 6.36 15.66 1.45
CA THR E 56 7.67 15.12 1.12
C THR E 56 7.65 13.61 1.34
N GLN E 57 8.64 12.94 0.77
CA GLN E 57 8.87 11.52 1.00
C GLN E 57 10.02 11.25 1.96
N GLN E 58 10.74 12.27 2.37
CA GLN E 58 11.92 12.07 3.21
C GLN E 58 11.51 11.62 4.60
N PRO E 59 11.98 10.47 5.08
CA PRO E 59 11.66 10.06 6.45
C PRO E 59 12.42 10.90 7.47
N GLY E 60 11.68 11.56 8.36
CA GLY E 60 12.25 12.34 9.43
C GLY E 60 12.01 13.83 9.33
N CYS E 61 11.48 14.33 8.21
CA CYS E 61 11.27 15.77 8.09
C CYS E 61 10.08 16.25 8.92
N GLU E 62 9.04 15.43 9.04
CA GLU E 62 7.87 15.82 9.82
C GLU E 62 8.22 16.06 11.28
N ASN E 63 9.00 15.15 11.87
CA ASN E 63 9.35 15.27 13.28
C ASN E 63 10.12 16.55 13.55
N VAL E 64 11.18 16.79 12.77
CA VAL E 64 12.03 17.96 13.01
C VAL E 64 11.27 19.24 12.72
N CYS E 65 10.42 19.24 11.69
CA CYS E 65 9.69 20.45 11.36
C CYS E 65 8.63 20.77 12.42
N TYR E 66 7.97 19.74 12.96
CA TYR E 66 7.04 19.97 14.06
C TYR E 66 7.78 20.51 15.28
N ASP E 67 8.92 19.91 15.61
CA ASP E 67 9.68 20.38 16.76
C ASP E 67 10.15 21.82 16.57
N LYS E 68 10.44 22.21 15.33
CA LYS E 68 10.85 23.58 15.04
C LYS E 68 9.68 24.55 15.13
N SER E 69 8.50 24.13 14.68
CA SER E 69 7.34 25.01 14.70
C SER E 69 6.83 25.23 16.12
N PHE E 70 6.77 24.16 16.93
CA PHE E 70 6.18 24.19 18.25
C PHE E 70 7.20 23.72 19.28
N PRO E 71 8.10 24.60 19.73
CA PRO E 71 9.02 24.21 20.80
C PRO E 71 8.33 23.89 22.12
N ILE E 72 7.13 24.42 22.35
CA ILE E 72 6.35 24.09 23.53
C ILE E 72 4.90 24.42 23.24
N SER E 73 4.01 23.51 23.62
CA SER E 73 2.59 23.67 23.36
C SER E 73 2.01 24.80 24.20
N HIS E 74 0.93 25.39 23.70
CA HIS E 74 0.30 26.50 24.40
C HIS E 74 -0.34 26.07 25.70
N VAL E 75 -0.97 24.89 25.72
CA VAL E 75 -1.70 24.46 26.91
C VAL E 75 -0.75 24.29 28.10
N ARG E 76 0.41 23.69 27.86
CA ARG E 76 1.36 23.50 28.95
C ARG E 76 2.00 24.82 29.38
N PHE E 77 2.21 25.73 28.43
CA PHE E 77 2.64 27.08 28.77
C PHE E 77 1.64 27.75 29.71
N TRP E 78 0.35 27.61 29.40
CA TRP E 78 -0.67 28.22 30.24
C TRP E 78 -0.76 27.53 31.61
N VAL E 79 -0.56 26.22 31.65
CA VAL E 79 -0.55 25.52 32.93
C VAL E 79 0.58 26.04 33.80
N LEU E 80 1.78 26.18 33.22
CA LEU E 80 2.89 26.76 33.98
C LEU E 80 2.56 28.18 34.42
N GLN E 81 1.96 28.97 33.54
CA GLN E 81 1.62 30.35 33.89
C GLN E 81 0.68 30.41 35.08
N ILE E 82 -0.36 29.57 35.07
CA ILE E 82 -1.34 29.61 36.16
C ILE E 82 -0.80 28.98 37.43
N ILE E 83 0.18 28.09 37.33
CA ILE E 83 0.79 27.55 38.54
C ILE E 83 1.72 28.58 39.19
N PHE E 84 2.53 29.26 38.38
CA PHE E 84 3.47 30.24 38.94
C PHE E 84 2.76 31.45 39.52
N VAL E 85 1.52 31.71 39.14
CA VAL E 85 0.82 32.90 39.60
C VAL E 85 0.07 32.68 40.92
N SER E 86 -0.13 31.42 41.32
CA SER E 86 -0.97 31.11 42.47
C SER E 86 -0.21 30.63 43.70
N VAL E 87 1.08 30.39 43.60
CA VAL E 87 1.85 29.85 44.72
C VAL E 87 2.09 30.91 45.79
N PRO E 88 2.31 32.19 45.44
CA PRO E 88 2.52 33.18 46.51
C PRO E 88 1.37 33.26 47.49
N THR E 89 0.14 33.17 46.98
CA THR E 89 -1.02 33.23 47.87
C THR E 89 -1.04 32.04 48.83
N LEU E 90 -0.69 30.86 48.32
CA LEU E 90 -0.65 29.68 49.19
C LEU E 90 0.42 29.83 50.26
N LEU E 91 1.58 30.35 49.89
CA LEU E 91 2.63 30.59 50.87
C LEU E 91 2.16 31.57 51.94
N TYR E 92 1.52 32.67 51.53
CA TYR E 92 1.02 33.64 52.49
C TYR E 92 -0.03 33.03 53.41
N LEU E 93 -0.92 32.20 52.84
CA LEU E 93 -1.95 31.55 53.63
C LEU E 93 -1.34 30.65 54.69
N ALA E 94 -0.34 29.84 54.32
CA ALA E 94 0.32 28.99 55.29
C ALA E 94 1.01 29.81 56.37
N HIS E 95 1.67 30.90 55.97
CA HIS E 95 2.32 31.77 56.95
C HIS E 95 1.31 32.30 57.96
N VAL E 96 0.15 32.77 57.48
CA VAL E 96 -0.88 33.29 58.37
C VAL E 96 -1.40 32.20 59.29
N PHE E 97 -1.60 31.00 58.75
CA PHE E 97 -2.08 29.88 59.56
C PHE E 97 -1.13 29.62 60.73
N TYR E 98 0.16 29.48 60.44
CA TYR E 98 1.12 29.21 61.51
C TYR E 98 1.21 30.36 62.49
N VAL E 99 1.18 31.60 62.00
CA VAL E 99 1.23 32.75 62.91
C VAL E 99 0.04 32.75 63.85
N MET E 100 -1.15 32.45 63.33
CA MET E 100 -2.35 32.42 64.18
C MET E 100 -2.23 31.33 65.23
N ARG E 101 -1.75 30.15 64.85
CA ARG E 101 -1.60 29.08 65.83
C ARG E 101 -0.61 29.50 66.92
N LYS E 102 0.51 30.11 66.54
CA LYS E 102 1.49 30.54 67.54
C LYS E 102 0.91 31.60 68.47
N GLU E 103 0.15 32.55 67.91
CA GLU E 103 -0.45 33.58 68.74
C GLU E 103 -1.45 32.99 69.72
N GLU E 104 -2.26 32.02 69.28
CA GLU E 104 -3.19 31.37 70.20
C GLU E 104 -2.45 30.65 71.32
N LYS E 105 -1.38 29.94 70.98
CA LYS E 105 -0.60 29.26 72.01
C LYS E 105 -0.02 30.25 73.00
N LEU E 106 0.52 31.37 72.50
CA LEU E 106 1.08 32.39 73.40
C LEU E 106 0.00 32.95 74.32
N ASN E 107 -1.17 33.25 73.76
CA ASN E 107 -2.24 33.82 74.58
C ASN E 107 -2.66 32.87 75.69
N LYS E 108 -2.79 31.58 75.37
CA LYS E 108 -3.23 30.64 76.40
C LYS E 108 -2.12 30.31 77.39
N LYS E 109 -0.86 30.38 76.98
CA LYS E 109 0.23 29.99 77.87
C LYS E 109 0.52 31.07 78.91
N GLU E 110 0.78 32.30 78.46
CA GLU E 110 1.20 33.38 79.35
C GLU E 110 0.04 34.14 79.95
N GLU E 111 -1.15 33.51 80.03
CA GLU E 111 -2.29 34.10 80.71
C GLU E 111 -2.97 33.06 81.59
N GLU E 112 -2.21 32.07 82.06
CA GLU E 112 -2.75 31.01 82.90
C GLU E 112 -3.16 31.55 84.27
N ARG E 148 -0.03 47.40 61.52
CA ARG E 148 0.72 47.32 60.27
C ARG E 148 2.15 46.85 60.51
N GLY E 149 2.49 45.69 59.95
CA GLY E 149 3.80 45.12 60.16
C GLY E 149 4.23 44.16 59.06
N GLY E 150 4.80 43.02 59.46
CA GLY E 150 5.38 42.10 58.49
C GLY E 150 4.36 41.54 57.52
N LEU E 151 3.14 41.28 57.99
CA LEU E 151 2.12 40.69 57.14
C LEU E 151 1.80 41.59 55.96
N LEU E 152 1.71 42.90 56.20
CA LEU E 152 1.48 43.84 55.11
C LEU E 152 2.60 43.78 54.08
N ARG E 153 3.85 43.71 54.55
CA ARG E 153 4.98 43.62 53.65
C ARG E 153 4.92 42.36 52.80
N THR E 154 4.58 41.23 53.42
CA THR E 154 4.46 39.98 52.67
C THR E 154 3.35 40.06 51.64
N TYR E 155 2.22 40.67 52.01
CA TYR E 155 1.12 40.86 51.07
C TYR E 155 1.57 41.68 49.86
N ILE E 156 2.28 42.78 50.12
CA ILE E 156 2.74 43.62 49.03
C ILE E 156 3.71 42.85 48.13
N ILE E 157 4.62 42.08 48.72
CA ILE E 157 5.59 41.32 47.94
C ILE E 157 4.88 40.32 47.05
N SER E 158 3.90 39.59 47.61
CA SER E 158 3.17 38.60 46.82
C SER E 158 2.45 39.27 45.65
N ILE E 159 1.78 40.39 45.92
CA ILE E 159 1.05 41.08 44.85
C ILE E 159 2.01 41.55 43.77
N LEU E 160 3.20 42.01 44.15
CA LEU E 160 4.19 42.41 43.16
C LEU E 160 4.63 41.24 42.30
N PHE E 161 4.92 40.10 42.94
CA PHE E 161 5.46 38.96 42.20
C PHE E 161 4.42 38.39 41.24
N LYS E 162 3.14 38.40 41.61
CA LYS E 162 2.12 37.90 40.69
C LYS E 162 2.12 38.70 39.38
N SER E 163 2.14 40.03 39.49
CA SER E 163 2.18 40.88 38.30
C SER E 163 3.47 40.67 37.52
N ILE E 164 4.59 40.52 38.22
CA ILE E 164 5.86 40.30 37.53
C ILE E 164 5.78 39.04 36.68
N PHE E 165 5.26 37.96 37.25
CA PHE E 165 5.15 36.72 36.49
C PHE E 165 4.21 36.87 35.30
N GLU E 166 3.07 37.54 35.50
CA GLU E 166 2.15 37.77 34.39
C GLU E 166 2.85 38.48 33.24
N VAL E 167 3.55 39.57 33.54
CA VAL E 167 4.21 40.35 32.49
C VAL E 167 5.28 39.51 31.80
N ALA E 168 6.07 38.77 32.59
CA ALA E 168 7.13 37.98 32.00
C ALA E 168 6.58 36.93 31.04
N PHE E 169 5.53 36.23 31.44
CA PHE E 169 4.94 35.21 30.57
C PHE E 169 4.36 35.83 29.31
N LEU E 170 3.69 36.98 29.45
CA LEU E 170 3.14 37.64 28.26
C LEU E 170 4.25 38.04 27.29
N LEU E 171 5.35 38.59 27.81
CA LEU E 171 6.45 39.00 26.94
C LEU E 171 7.07 37.79 26.24
N ILE E 172 7.28 36.69 26.96
CA ILE E 172 7.86 35.50 26.34
C ILE E 172 6.94 34.99 25.24
N GLN E 173 5.63 34.92 25.51
CA GLN E 173 4.70 34.44 24.49
C GLN E 173 4.73 35.34 23.27
N TRP E 174 4.77 36.66 23.47
CA TRP E 174 4.83 37.58 22.35
C TRP E 174 6.10 37.35 21.53
N TYR E 175 7.23 37.15 22.19
CA TYR E 175 8.49 36.99 21.48
C TYR E 175 8.53 35.68 20.69
N ILE E 176 8.04 34.59 21.28
CA ILE E 176 8.23 33.28 20.66
C ILE E 176 7.20 33.04 19.56
N TYR E 177 5.91 33.22 19.86
CA TYR E 177 4.84 32.85 18.96
C TYR E 177 4.15 34.06 18.35
N GLY E 178 3.66 34.98 19.17
CA GLY E 178 2.75 36.02 18.72
C GLY E 178 1.37 35.76 19.28
N PHE E 179 0.33 36.17 18.56
CA PHE E 179 -1.04 35.94 18.99
C PHE E 179 -1.90 35.53 17.81
N SER E 180 -1.38 34.62 16.99
CA SER E 180 -2.12 34.10 15.84
C SER E 180 -1.36 32.90 15.28
N LEU E 181 -2.05 32.11 14.47
CA LEU E 181 -1.48 30.94 13.82
C LEU E 181 -1.87 30.94 12.35
N SER E 182 -0.93 30.54 11.49
CA SER E 182 -1.15 30.43 10.06
C SER E 182 -1.24 28.97 9.66
N ALA E 183 -1.97 28.71 8.57
CA ALA E 183 -2.26 27.35 8.17
C ALA E 183 -1.07 26.66 7.52
N VAL E 184 -0.19 27.40 6.87
CA VAL E 184 0.94 26.85 6.14
C VAL E 184 2.23 27.31 6.78
N TYR E 185 3.16 26.38 6.98
CA TYR E 185 4.45 26.65 7.57
C TYR E 185 5.55 26.20 6.62
N THR E 186 6.64 26.96 6.57
CA THR E 186 7.77 26.68 5.69
C THR E 186 8.96 26.24 6.54
N CYS E 187 9.50 25.07 6.23
CA CYS E 187 10.53 24.41 7.03
C CYS E 187 11.81 24.30 6.21
N LYS E 188 12.93 24.69 6.81
CA LYS E 188 14.25 24.64 6.18
C LYS E 188 15.26 24.04 7.15
N ARG E 189 14.91 22.90 7.73
CA ARG E 189 15.77 22.17 8.64
C ARG E 189 16.12 20.81 8.04
N ASP E 190 17.38 20.39 8.23
CA ASP E 190 17.81 19.10 7.73
C ASP E 190 17.07 17.98 8.46
N PRO E 191 16.86 16.83 7.79
CA PRO E 191 17.28 16.47 6.43
C PRO E 191 16.32 16.89 5.32
N CYS E 192 15.39 17.79 5.57
CA CYS E 192 14.45 18.20 4.53
C CYS E 192 15.21 18.87 3.37
N PRO E 193 14.95 18.47 2.10
CA PRO E 193 15.75 19.00 0.98
C PRO E 193 15.27 20.36 0.51
N HIS E 194 16.05 21.39 0.85
CA HIS E 194 15.96 22.76 0.35
C HIS E 194 14.76 23.55 0.84
N GLN E 195 13.69 22.87 1.24
CA GLN E 195 12.51 23.52 1.81
C GLN E 195 11.39 22.50 1.94
N VAL E 196 10.38 22.78 2.75
CA VAL E 196 9.19 21.92 2.81
C VAL E 196 8.02 22.76 3.27
N ASP E 197 6.84 22.47 2.71
CA ASP E 197 5.60 23.06 3.13
C ASP E 197 4.86 22.08 4.03
N CYS E 198 4.41 22.56 5.19
CA CYS E 198 3.70 21.75 6.16
C CYS E 198 2.39 22.44 6.54
N PHE E 199 1.43 21.65 6.99
CA PHE E 199 0.07 22.13 7.23
C PHE E 199 -0.35 21.77 8.65
N LEU E 200 -1.01 22.73 9.30
CA LEU E 200 -1.38 22.61 10.71
C LEU E 200 -2.83 22.13 10.85
N SER E 201 -3.20 21.84 12.09
CA SER E 201 -4.53 21.38 12.45
C SER E 201 -5.25 22.46 13.24
N ARG E 202 -6.48 22.77 12.84
CA ARG E 202 -7.33 23.74 13.53
C ARG E 202 -6.60 25.06 13.81
N PRO E 203 -6.16 25.76 12.76
CA PRO E 203 -5.44 27.02 12.97
C PRO E 203 -6.31 28.22 13.26
N THR E 204 -7.64 28.08 13.25
CA THR E 204 -8.54 29.21 13.46
C THR E 204 -9.15 29.21 14.86
N GLU E 205 -9.53 28.04 15.38
CA GLU E 205 -10.05 27.95 16.74
C GLU E 205 -9.00 28.36 17.76
N LYS E 206 -7.77 27.92 17.54
CA LYS E 206 -6.70 28.19 18.50
C LYS E 206 -6.43 29.69 18.62
N THR E 207 -6.56 30.42 17.52
CA THR E 207 -6.41 31.88 17.59
C THR E 207 -7.47 32.49 18.51
N ILE E 208 -8.72 32.02 18.39
CA ILE E 208 -9.79 32.52 19.23
C ILE E 208 -9.46 32.27 20.71
N PHE E 209 -9.04 31.05 21.03
CA PHE E 209 -8.74 30.74 22.42
C PHE E 209 -7.54 31.54 22.92
N ILE E 210 -6.54 31.76 22.07
CA ILE E 210 -5.39 32.56 22.45
C ILE E 210 -5.83 33.97 22.82
N ILE E 211 -6.70 34.56 22.01
CA ILE E 211 -7.18 35.91 22.29
C ILE E 211 -7.95 35.94 23.60
N PHE E 212 -8.81 34.94 23.82
CA PHE E 212 -9.53 34.85 25.09
C PHE E 212 -8.57 34.88 26.28
N MET E 213 -7.55 34.02 26.24
CA MET E 213 -6.61 33.93 27.36
C MET E 213 -5.84 35.24 27.54
N LEU E 214 -5.48 35.89 26.44
CA LEU E 214 -4.80 37.18 26.53
C LEU E 214 -5.66 38.19 27.27
N VAL E 215 -6.94 38.26 26.91
CA VAL E 215 -7.84 39.20 27.58
C VAL E 215 -7.94 38.89 29.07
N VAL E 216 -8.07 37.61 29.40
CA VAL E 216 -8.16 37.24 30.81
C VAL E 216 -6.92 37.68 31.57
N SER E 217 -5.74 37.44 30.98
CA SER E 217 -4.49 37.82 31.65
C SER E 217 -4.41 39.32 31.87
N LEU E 218 -4.78 40.10 30.86
CA LEU E 218 -4.74 41.55 31.02
C LEU E 218 -5.68 42.02 32.14
N VAL E 219 -6.88 41.44 32.19
CA VAL E 219 -7.83 41.82 33.25
C VAL E 219 -7.23 41.51 34.62
N SER E 220 -6.63 40.33 34.76
CA SER E 220 -6.03 39.97 36.03
C SER E 220 -4.92 40.94 36.42
N LEU E 221 -4.07 41.31 35.47
CA LEU E 221 -2.99 42.23 35.75
C LEU E 221 -3.53 43.58 36.25
N ALA E 222 -4.55 44.11 35.57
CA ALA E 222 -5.11 45.38 35.99
C ALA E 222 -5.69 45.29 37.39
N LEU E 223 -6.45 44.23 37.67
CA LEU E 223 -7.05 44.08 38.99
C LEU E 223 -5.99 43.95 40.07
N ASN E 224 -4.84 43.35 39.75
CA ASN E 224 -3.77 43.26 40.74
C ASN E 224 -3.08 44.60 40.97
N ILE E 225 -2.91 45.41 39.92
CA ILE E 225 -2.28 46.71 40.09
C ILE E 225 -3.15 47.65 40.92
N ILE E 226 -4.47 47.55 40.74
CA ILE E 226 -5.38 48.42 41.50
C ILE E 226 -5.17 48.23 43.00
N GLU E 227 -4.98 46.98 43.43
CA GLU E 227 -4.80 46.71 44.86
C GLU E 227 -3.54 47.37 45.39
N LEU E 228 -2.45 47.31 44.64
CA LEU E 228 -1.21 47.96 45.06
C LEU E 228 -1.42 49.45 45.20
N PHE E 229 -2.07 50.07 44.23
CA PHE E 229 -2.29 51.52 44.31
C PHE E 229 -3.13 51.87 45.53
N TYR E 230 -4.20 51.10 45.78
CA TYR E 230 -5.05 51.37 46.92
C TYR E 230 -4.28 51.23 48.23
N VAL E 231 -3.50 50.17 48.36
CA VAL E 231 -2.75 49.93 49.59
C VAL E 231 -1.75 51.06 49.84
N PHE E 232 -1.02 51.46 48.80
CA PHE E 232 -0.02 52.50 48.99
C PHE E 232 -0.68 53.84 49.32
N PHE E 233 -1.81 54.15 48.68
CA PHE E 233 -2.50 55.39 49.03
C PHE E 233 -2.96 55.39 50.48
N LYS E 234 -3.52 54.26 50.94
CA LYS E 234 -3.95 54.20 52.34
C LYS E 234 -2.75 54.32 53.28
N GLY E 235 -1.64 53.68 52.94
CA GLY E 235 -0.47 53.74 53.81
C GLY E 235 0.22 55.09 53.81
N VAL E 236 0.05 55.88 52.75
CA VAL E 236 0.68 57.19 52.68
C VAL E 236 -0.19 58.26 53.32
N LYS E 237 -1.49 58.28 53.01
CA LYS E 237 -2.34 59.33 53.56
C LYS E 237 -2.46 59.21 55.08
N ASP E 238 -2.42 58.00 55.61
CA ASP E 238 -2.48 57.79 57.05
C ASP E 238 -1.41 56.82 57.51
N GLY F 2 -17.38 18.46 65.36
CA GLY F 2 -16.31 17.87 64.58
C GLY F 2 -15.03 18.68 64.63
N ASP F 3 -14.49 18.85 65.83
CA ASP F 3 -13.25 19.61 66.00
C ASP F 3 -12.05 18.71 65.72
N TRP F 4 -11.15 19.19 64.87
CA TRP F 4 -9.95 18.43 64.48
C TRP F 4 -8.77 18.87 65.34
N SER F 5 -8.82 18.50 66.62
CA SER F 5 -7.77 18.86 67.56
C SER F 5 -6.67 17.81 67.65
N ALA F 6 -6.99 16.53 67.48
CA ALA F 6 -5.97 15.50 67.49
C ALA F 6 -5.02 15.65 66.30
N LEU F 7 -5.54 16.08 65.15
CA LEU F 7 -4.68 16.39 64.02
C LEU F 7 -3.71 17.51 64.38
N GLY F 8 -4.19 18.54 65.09
CA GLY F 8 -3.32 19.61 65.51
C GLY F 8 -2.22 19.13 66.45
N LYS F 9 -2.59 18.27 67.40
CA LYS F 9 -1.59 17.72 68.32
C LYS F 9 -0.53 16.94 67.56
N LEU F 10 -0.97 16.08 66.64
CA LEU F 10 -0.02 15.28 65.87
C LEU F 10 0.88 16.17 65.02
N LEU F 11 0.32 17.20 64.39
CA LEU F 11 1.10 18.11 63.57
C LEU F 11 2.13 18.85 64.41
N ASP F 12 1.74 19.33 65.59
CA ASP F 12 2.68 20.04 66.46
C ASP F 12 3.79 19.12 66.94
N LYS F 13 3.45 17.87 67.27
CA LYS F 13 4.47 16.93 67.72
C LYS F 13 5.44 16.59 66.60
N VAL F 14 4.93 16.41 65.38
CA VAL F 14 5.79 16.03 64.27
C VAL F 14 6.77 17.14 63.92
N GLN F 15 6.33 18.39 63.97
CA GLN F 15 7.13 19.55 63.55
C GLN F 15 7.71 20.30 64.73
N ALA F 16 8.10 19.59 65.79
CA ALA F 16 8.62 20.25 66.98
C ALA F 16 10.01 20.82 66.76
N TYR F 17 10.87 20.09 66.05
CA TYR F 17 12.27 20.49 65.87
C TYR F 17 12.53 21.24 64.57
N SER F 18 11.50 21.53 63.78
CA SER F 18 11.68 22.18 62.50
C SER F 18 11.71 23.70 62.66
N THR F 19 12.29 24.37 61.66
CA THR F 19 12.34 25.81 61.63
C THR F 19 10.99 26.38 61.16
N ALA F 20 10.88 27.70 61.22
CA ALA F 20 9.65 28.36 60.77
C ALA F 20 9.52 28.29 59.25
N GLY F 21 10.60 28.56 58.53
CA GLY F 21 10.53 28.53 57.07
C GLY F 21 10.28 27.14 56.52
N GLY F 22 10.94 26.13 57.09
CA GLY F 22 10.80 24.78 56.59
C GLY F 22 9.39 24.25 56.62
N LYS F 23 8.53 24.81 57.49
CA LYS F 23 7.14 24.39 57.56
C LYS F 23 6.32 24.84 56.36
N VAL F 24 6.87 25.69 55.50
CA VAL F 24 6.09 26.34 54.44
C VAL F 24 6.63 25.94 53.07
N TRP F 25 7.89 26.27 52.81
CA TRP F 25 8.45 26.05 51.48
C TRP F 25 8.50 24.57 51.15
N LEU F 26 8.91 23.74 52.10
CA LEU F 26 9.04 22.31 51.85
C LEU F 26 7.69 21.66 51.60
N SER F 27 6.64 22.16 52.27
CA SER F 27 5.30 21.63 52.04
C SER F 27 4.74 22.07 50.69
N VAL F 28 4.94 23.33 50.33
CA VAL F 28 4.42 23.83 49.06
C VAL F 28 5.15 23.21 47.88
N LEU F 29 6.44 22.92 48.05
CA LEU F 29 7.22 22.36 46.95
C LEU F 29 6.72 20.98 46.55
N PHE F 30 6.27 20.19 47.53
CA PHE F 30 5.72 18.87 47.22
C PHE F 30 4.48 18.98 46.34
N ILE F 31 3.58 19.91 46.67
CA ILE F 31 2.37 20.11 45.88
C ILE F 31 2.73 20.58 44.48
N PHE F 32 3.66 21.55 44.40
CA PHE F 32 4.13 22.02 43.10
C PHE F 32 4.65 20.86 42.27
N ARG F 33 5.47 20.01 42.88
CA ARG F 33 6.09 18.89 42.18
C ARG F 33 5.02 17.94 41.64
N ILE F 34 4.09 17.53 42.49
CA ILE F 34 3.11 16.54 42.05
C ILE F 34 2.19 17.13 40.99
N LEU F 35 1.79 18.39 41.14
CA LEU F 35 0.93 19.01 40.12
C LEU F 35 1.65 19.06 38.77
N LEU F 36 2.89 19.55 38.78
CA LEU F 36 3.63 19.64 37.52
C LEU F 36 3.83 18.27 36.90
N LEU F 37 4.14 17.26 37.71
CA LEU F 37 4.36 15.93 37.19
C LEU F 37 3.08 15.34 36.59
N GLY F 38 1.94 15.55 37.25
CA GLY F 38 0.72 14.91 36.81
C GLY F 38 0.00 15.62 35.68
N THR F 39 0.19 16.93 35.56
CA THR F 39 -0.58 17.69 34.57
C THR F 39 0.15 17.83 33.24
N ALA F 40 1.36 18.39 33.25
CA ALA F 40 2.01 18.81 32.02
C ALA F 40 2.90 17.73 31.41
N VAL F 41 3.90 17.26 32.16
CA VAL F 41 4.93 16.42 31.58
C VAL F 41 4.36 15.07 31.14
N GLU F 42 3.40 14.54 31.89
CA GLU F 42 2.92 13.18 31.64
C GLU F 42 2.29 13.04 30.26
N SER F 43 1.80 14.13 29.67
CA SER F 43 1.19 14.06 28.36
C SER F 43 2.18 14.25 27.22
N ALA F 44 3.34 14.88 27.48
CA ALA F 44 4.33 15.08 26.43
C ALA F 44 5.06 13.79 26.10
N TRP F 45 5.10 12.84 27.03
CA TRP F 45 5.78 11.56 26.84
C TRP F 45 4.84 10.47 26.34
N GLY F 46 3.60 10.80 26.00
CA GLY F 46 2.66 9.77 25.59
C GLY F 46 3.07 9.08 24.31
N ASP F 47 3.35 9.86 23.27
CA ASP F 47 3.76 9.32 21.98
C ASP F 47 5.28 9.25 21.85
N GLU F 48 5.93 8.59 22.81
CA GLU F 48 7.38 8.49 22.80
C GLU F 48 7.88 7.32 21.96
N GLN F 49 7.05 6.30 21.74
CA GLN F 49 7.42 5.15 20.94
C GLN F 49 6.65 5.05 19.63
N SER F 50 5.43 5.59 19.57
CA SER F 50 4.66 5.55 18.34
C SER F 50 5.17 6.55 17.30
N ALA F 51 5.73 7.67 17.74
CA ALA F 51 6.27 8.68 16.83
C ALA F 51 7.77 8.57 16.67
N PHE F 52 8.39 7.50 17.17
CA PHE F 52 9.81 7.25 16.99
C PHE F 52 10.02 6.50 15.68
N ARG F 53 10.86 7.07 14.82
CA ARG F 53 11.05 6.57 13.47
C ARG F 53 12.52 6.38 13.17
N CYS F 54 12.81 5.34 12.38
CA CYS F 54 14.16 5.05 11.92
C CYS F 54 14.13 4.82 10.41
N ASN F 55 15.27 5.11 9.77
CA ASN F 55 15.39 5.01 8.32
C ASN F 55 15.98 3.65 7.96
N THR F 56 15.10 2.69 7.66
CA THR F 56 15.53 1.36 7.24
C THR F 56 14.30 0.54 6.88
N GLN F 57 14.54 -0.56 6.17
CA GLN F 57 13.51 -1.55 5.88
C GLN F 57 13.61 -2.80 6.74
N GLN F 58 14.66 -2.91 7.55
CA GLN F 58 14.87 -4.12 8.33
C GLN F 58 13.83 -4.23 9.43
N PRO F 59 13.04 -5.32 9.48
CA PRO F 59 12.09 -5.49 10.58
C PRO F 59 12.80 -5.82 11.88
N GLY F 60 12.58 -4.99 12.90
CA GLY F 60 13.13 -5.20 14.22
C GLY F 60 14.16 -4.18 14.66
N CYS F 61 14.62 -3.30 13.77
CA CYS F 61 15.63 -2.34 14.17
C CYS F 61 15.05 -1.23 15.04
N GLU F 62 13.80 -0.82 14.78
CA GLU F 62 13.20 0.24 15.57
C GLU F 62 13.08 -0.16 17.04
N ASN F 63 12.62 -1.37 17.30
CA ASN F 63 12.43 -1.82 18.68
C ASN F 63 13.73 -1.80 19.45
N VAL F 64 14.76 -2.44 18.90
CA VAL F 64 16.04 -2.56 19.59
C VAL F 64 16.69 -1.19 19.75
N CYS F 65 16.57 -0.33 18.73
CA CYS F 65 17.20 0.99 18.83
C CYS F 65 16.49 1.87 19.85
N TYR F 66 15.16 1.79 19.93
CA TYR F 66 14.44 2.51 20.97
C TYR F 66 14.84 2.00 22.36
N ASP F 67 14.91 0.67 22.52
CA ASP F 67 15.30 0.12 23.81
C ASP F 67 16.71 0.53 24.19
N LYS F 68 17.59 0.70 23.20
CA LYS F 68 18.95 1.14 23.48
C LYS F 68 19.00 2.61 23.84
N SER F 69 18.18 3.43 23.18
CA SER F 69 18.20 4.87 23.45
C SER F 69 17.59 5.19 24.80
N PHE F 70 16.48 4.54 25.16
CA PHE F 70 15.72 4.85 26.37
C PHE F 70 15.58 3.59 27.21
N PRO F 71 16.59 3.24 28.01
CA PRO F 71 16.45 2.11 28.93
C PRO F 71 15.36 2.30 29.98
N ILE F 72 15.02 3.55 30.31
CA ILE F 72 13.94 3.83 31.23
C ILE F 72 13.47 5.26 30.99
N SER F 73 12.16 5.44 30.94
CA SER F 73 11.59 6.75 30.66
C SER F 73 11.83 7.70 31.83
N HIS F 74 11.85 9.00 31.50
CA HIS F 74 12.11 10.02 32.52
C HIS F 74 10.98 10.11 33.53
N VAL F 75 9.72 10.00 33.06
CA VAL F 75 8.58 10.18 33.96
C VAL F 75 8.58 9.12 35.06
N ARG F 76 8.85 7.87 34.70
CA ARG F 76 8.87 6.80 35.70
C ARG F 76 10.07 6.92 36.63
N PHE F 77 11.20 7.39 36.10
CA PHE F 77 12.35 7.71 36.94
C PHE F 77 11.98 8.75 37.99
N TRP F 78 11.26 9.80 37.58
CA TRP F 78 10.86 10.84 38.50
C TRP F 78 9.83 10.33 39.51
N VAL F 79 8.94 9.46 39.08
CA VAL F 79 7.96 8.86 40.01
C VAL F 79 8.70 8.07 41.09
N LEU F 80 9.67 7.24 40.68
CA LEU F 80 10.47 6.53 41.66
C LEU F 80 11.20 7.49 42.58
N GLN F 81 11.77 8.56 42.02
CA GLN F 81 12.51 9.52 42.82
C GLN F 81 11.63 10.15 43.88
N ILE F 82 10.41 10.56 43.51
CA ILE F 82 9.54 11.22 44.46
C ILE F 82 8.92 10.24 45.44
N ILE F 83 8.82 8.96 45.08
CA ILE F 83 8.34 7.99 46.05
C ILE F 83 9.41 7.68 47.09
N PHE F 84 10.66 7.48 46.66
CA PHE F 84 11.73 7.15 47.58
C PHE F 84 12.06 8.30 48.54
N VAL F 85 11.69 9.53 48.19
CA VAL F 85 12.05 10.69 49.00
C VAL F 85 11.01 10.97 50.10
N SER F 86 9.82 10.40 50.00
CA SER F 86 8.72 10.76 50.88
C SER F 86 8.35 9.68 51.89
N VAL F 87 8.93 8.48 51.80
CA VAL F 87 8.56 7.38 52.69
C VAL F 87 9.14 7.60 54.09
N PRO F 88 10.34 8.16 54.26
CA PRO F 88 10.84 8.35 55.63
C PRO F 88 9.93 9.20 56.49
N THR F 89 9.35 10.26 55.91
CA THR F 89 8.45 11.11 56.67
C THR F 89 7.21 10.34 57.11
N LEU F 90 6.67 9.49 56.24
CA LEU F 90 5.51 8.69 56.61
C LEU F 90 5.85 7.71 57.73
N LEU F 91 7.03 7.08 57.66
CA LEU F 91 7.46 6.20 58.73
C LEU F 91 7.56 6.95 60.05
N TYR F 92 8.18 8.13 60.02
CA TYR F 92 8.32 8.93 61.25
C TYR F 92 6.95 9.33 61.79
N LEU F 93 6.03 9.70 60.91
CA LEU F 93 4.69 10.08 61.33
C LEU F 93 3.98 8.92 62.02
N ALA F 94 4.06 7.73 61.45
CA ALA F 94 3.45 6.57 62.07
C ALA F 94 4.08 6.27 63.43
N HIS F 95 5.41 6.38 63.50
CA HIS F 95 6.11 6.16 64.77
C HIS F 95 5.59 7.12 65.84
N VAL F 96 5.46 8.40 65.48
CA VAL F 96 4.99 9.40 66.44
C VAL F 96 3.55 9.11 66.85
N PHE F 97 2.71 8.71 65.90
CA PHE F 97 1.33 8.37 66.20
C PHE F 97 1.25 7.27 67.26
N TYR F 98 1.97 6.18 67.03
CA TYR F 98 1.93 5.06 67.97
C TYR F 98 2.52 5.46 69.32
N VAL F 99 3.60 6.23 69.33
CA VAL F 99 4.20 6.66 70.58
C VAL F 99 3.21 7.50 71.38
N MET F 100 2.50 8.41 70.70
CA MET F 100 1.54 9.25 71.41
C MET F 100 0.40 8.41 71.99
N ARG F 101 -0.09 7.43 71.22
CA ARG F 101 -1.15 6.57 71.75
C ARG F 101 -0.66 5.82 72.99
N LYS F 102 0.54 5.27 72.93
CA LYS F 102 1.08 4.54 74.09
C LYS F 102 1.25 5.46 75.29
N GLU F 103 1.73 6.68 75.07
CA GLU F 103 1.90 7.61 76.18
C GLU F 103 0.56 7.95 76.81
N GLU F 104 -0.47 8.17 76.00
CA GLU F 104 -1.79 8.46 76.54
C GLU F 104 -2.30 7.28 77.37
N LYS F 105 -2.14 6.06 76.85
CA LYS F 105 -2.58 4.89 77.61
C LYS F 105 -1.84 4.79 78.94
N LEU F 106 -0.52 5.02 78.93
CA LEU F 106 0.25 4.97 80.17
C LEU F 106 -0.24 6.02 81.16
N ASN F 107 -0.47 7.24 80.68
CA ASN F 107 -0.90 8.31 81.57
C ASN F 107 -2.23 7.97 82.22
N LYS F 108 -3.18 7.44 81.45
CA LYS F 108 -4.49 7.14 82.01
C LYS F 108 -4.47 5.89 82.88
N LYS F 109 -3.56 4.95 82.62
CA LYS F 109 -3.56 3.70 83.37
C LYS F 109 -2.94 3.88 84.75
N GLU F 110 -1.71 4.39 84.81
CA GLU F 110 -0.96 4.48 86.06
C GLU F 110 -1.25 5.76 86.83
N GLU F 111 -2.39 6.40 86.58
CA GLU F 111 -2.82 7.56 87.35
C GLU F 111 -4.29 7.43 87.74
N GLU F 112 -4.77 6.20 87.87
CA GLU F 112 -6.17 5.94 88.21
C GLU F 112 -6.46 6.36 89.64
N ARG F 148 15.08 15.80 74.62
CA ARG F 148 15.85 15.34 73.48
C ARG F 148 16.21 13.87 73.63
N GLY F 149 15.72 13.04 72.70
CA GLY F 149 15.93 11.61 72.76
C GLY F 149 15.82 10.91 71.43
N GLY F 150 15.14 9.76 71.42
CA GLY F 150 15.10 8.94 70.22
C GLY F 150 14.44 9.64 69.04
N LEU F 151 13.40 10.44 69.31
CA LEU F 151 12.68 11.09 68.22
C LEU F 151 13.59 12.02 67.44
N LEU F 152 14.45 12.77 68.14
CA LEU F 152 15.41 13.64 67.46
C LEU F 152 16.34 12.83 66.56
N ARG F 153 16.81 11.68 67.06
CA ARG F 153 17.68 10.83 66.26
C ARG F 153 16.99 10.33 65.01
N THR F 154 15.72 9.91 65.15
CA THR F 154 14.96 9.46 63.99
C THR F 154 14.77 10.59 62.98
N TYR F 155 14.47 11.79 63.48
CA TYR F 155 14.33 12.94 62.60
C TYR F 155 15.61 13.20 61.81
N ILE F 156 16.75 13.16 62.50
CA ILE F 156 18.02 13.40 61.83
C ILE F 156 18.28 12.33 60.78
N ILE F 157 18.00 11.07 61.11
CA ILE F 157 18.24 9.98 60.16
C ILE F 157 17.37 10.15 58.93
N SER F 158 16.10 10.48 59.10
CA SER F 158 15.21 10.68 57.96
C SER F 158 15.71 11.82 57.07
N ILE F 159 16.11 12.93 57.69
CA ILE F 159 16.58 14.07 56.91
C ILE F 159 17.83 13.70 56.14
N LEU F 160 18.71 12.89 56.75
CA LEU F 160 19.92 12.46 56.04
C LEU F 160 19.56 11.59 54.85
N PHE F 161 18.65 10.63 55.04
CA PHE F 161 18.32 9.70 53.97
C PHE F 161 17.65 10.39 52.79
N LYS F 162 16.82 11.41 53.05
CA LYS F 162 16.19 12.12 51.95
C LYS F 162 17.24 12.76 51.04
N SER F 163 18.22 13.44 51.63
CA SER F 163 19.29 14.04 50.84
C SER F 163 20.13 12.99 50.12
N ILE F 164 20.39 11.87 50.79
CA ILE F 164 21.17 10.80 50.16
C ILE F 164 20.47 10.32 48.89
N PHE F 165 19.16 10.08 48.99
CA PHE F 165 18.41 9.62 47.82
C PHE F 165 18.41 10.67 46.72
N GLU F 166 18.21 11.95 47.08
CA GLU F 166 18.26 12.99 46.07
C GLU F 166 19.57 12.97 45.30
N VAL F 167 20.70 12.94 46.03
CA VAL F 167 22.00 12.98 45.39
C VAL F 167 22.20 11.75 44.52
N ALA F 168 21.81 10.57 45.02
CA ALA F 168 22.00 9.34 44.25
C ALA F 168 21.24 9.40 42.94
N PHE F 169 19.98 9.83 42.99
CA PHE F 169 19.18 9.89 41.77
C PHE F 169 19.75 10.91 40.79
N LEU F 170 20.21 12.07 41.29
CA LEU F 170 20.81 13.06 40.40
C LEU F 170 22.05 12.49 39.72
N LEU F 171 22.91 11.81 40.48
CA LEU F 171 24.12 11.25 39.89
C LEU F 171 23.79 10.19 38.84
N ILE F 172 22.82 9.32 39.12
CA ILE F 172 22.46 8.29 38.15
C ILE F 172 21.94 8.94 36.87
N GLN F 173 21.07 9.94 37.01
CA GLN F 173 20.54 10.61 35.82
C GLN F 173 21.65 11.28 35.02
N TRP F 174 22.60 11.92 35.71
CA TRP F 174 23.72 12.53 35.00
C TRP F 174 24.53 11.49 34.24
N TYR F 175 24.77 10.34 34.87
CA TYR F 175 25.60 9.32 34.23
C TYR F 175 24.90 8.70 33.02
N ILE F 176 23.60 8.44 33.13
CA ILE F 176 22.92 7.66 32.09
C ILE F 176 22.55 8.56 30.91
N TYR F 177 21.87 9.67 31.17
CA TYR F 177 21.30 10.50 30.12
C TYR F 177 22.05 11.82 29.96
N GLY F 178 22.18 12.59 31.03
CA GLY F 178 22.61 13.97 30.92
C GLY F 178 21.46 14.90 31.26
N PHE F 179 21.44 16.09 30.68
CA PHE F 179 20.36 17.04 30.90
C PHE F 179 19.97 17.71 29.59
N SER F 180 19.85 16.92 28.53
CA SER F 180 19.45 17.42 27.22
C SER F 180 19.14 16.23 26.31
N LEU F 181 18.43 16.51 25.22
CA LEU F 181 18.10 15.51 24.23
C LEU F 181 18.38 16.06 22.84
N SER F 182 18.89 15.19 21.96
CA SER F 182 19.18 15.53 20.58
C SER F 182 18.15 14.89 19.66
N ALA F 183 17.92 15.53 18.52
CA ALA F 183 16.86 15.09 17.62
C ALA F 183 17.22 13.84 16.84
N VAL F 184 18.50 13.60 16.58
CA VAL F 184 18.96 12.49 15.75
C VAL F 184 19.81 11.56 16.61
N TYR F 185 19.55 10.26 16.50
CA TYR F 185 20.27 9.24 17.25
C TYR F 185 20.87 8.24 16.27
N THR F 186 22.07 7.75 16.59
CA THR F 186 22.78 6.80 15.74
C THR F 186 22.81 5.45 16.44
N CYS F 187 22.34 4.42 15.76
CA CYS F 187 22.14 3.09 16.33
C CYS F 187 23.05 2.09 15.61
N LYS F 188 23.76 1.28 16.39
CA LYS F 188 24.67 0.27 15.89
C LYS F 188 24.44 -1.06 16.62
N ARG F 189 23.19 -1.47 16.70
CA ARG F 189 22.80 -2.72 17.35
C ARG F 189 22.18 -3.65 16.31
N ASP F 190 22.49 -4.94 16.42
CA ASP F 190 21.93 -5.91 15.51
C ASP F 190 20.41 -6.01 15.72
N PRO F 191 19.65 -6.36 14.67
CA PRO F 191 20.08 -6.69 13.30
C PRO F 191 20.24 -5.50 12.35
N CYS F 192 20.32 -4.27 12.86
CA CYS F 192 20.47 -3.12 11.98
C CYS F 192 21.79 -3.21 11.21
N PRO F 193 21.78 -3.02 9.88
CA PRO F 193 23.00 -3.20 9.08
C PRO F 193 23.94 -2.01 9.11
N HIS F 194 25.03 -2.16 9.86
CA HIS F 194 26.19 -1.27 9.89
C HIS F 194 25.96 0.08 10.55
N GLN F 195 24.70 0.53 10.61
CA GLN F 195 24.34 1.77 11.29
C GLN F 195 22.91 2.13 10.96
N VAL F 196 22.28 3.00 11.74
CA VAL F 196 20.95 3.51 11.41
C VAL F 196 20.78 4.86 12.06
N ASP F 197 20.10 5.76 11.36
CA ASP F 197 19.70 7.06 11.90
C ASP F 197 18.24 7.00 12.31
N CYS F 198 17.97 7.45 13.53
CA CYS F 198 16.62 7.44 14.09
C CYS F 198 16.30 8.85 14.61
N PHE F 199 15.00 9.15 14.66
CA PHE F 199 14.53 10.49 14.97
C PHE F 199 13.54 10.43 16.12
N LEU F 200 13.67 11.39 17.05
CA LEU F 200 12.89 11.43 18.28
C LEU F 200 11.68 12.33 18.14
N SER F 201 10.83 12.30 19.16
CA SER F 201 9.62 13.10 19.22
C SER F 201 9.76 14.15 20.31
N ARG F 202 9.45 15.40 19.97
CA ARG F 202 9.48 16.51 20.92
C ARG F 202 10.79 16.58 21.70
N PRO F 203 11.92 16.75 21.02
CA PRO F 203 13.22 16.80 21.72
C PRO F 203 13.54 18.13 22.38
N THR F 204 12.70 19.15 22.22
CA THR F 204 12.97 20.47 22.78
C THR F 204 12.16 20.76 24.05
N GLU F 205 10.89 20.37 24.07
CA GLU F 205 10.06 20.54 25.26
C GLU F 205 10.61 19.75 26.43
N LYS F 206 11.03 18.51 26.15
CA LYS F 206 11.51 17.63 27.20
C LYS F 206 12.76 18.19 27.88
N THR F 207 13.62 18.86 27.12
CA THR F 207 14.77 19.51 27.74
C THR F 207 14.34 20.57 28.74
N ILE F 208 13.32 21.37 28.38
CA ILE F 208 12.82 22.40 29.28
C ILE F 208 12.31 21.78 30.56
N PHE F 209 11.51 20.72 30.44
CA PHE F 209 10.97 20.08 31.64
C PHE F 209 12.07 19.44 32.48
N ILE F 210 13.08 18.86 31.83
CA ILE F 210 14.21 18.29 32.56
C ILE F 210 14.89 19.35 33.40
N ILE F 211 15.13 20.52 32.81
CA ILE F 211 15.80 21.59 33.53
C ILE F 211 14.94 22.05 34.70
N PHE F 212 13.63 22.19 34.49
CA PHE F 212 12.73 22.54 35.58
C PHE F 212 12.88 21.57 36.76
N MET F 213 12.82 20.27 36.46
CA MET F 213 12.88 19.28 37.54
C MET F 213 14.23 19.31 38.23
N LEU F 214 15.30 19.53 37.48
CA LEU F 214 16.63 19.65 38.09
C LEU F 214 16.67 20.80 39.09
N VAL F 215 16.13 21.96 38.70
CA VAL F 215 16.12 23.10 39.60
C VAL F 215 15.33 22.78 40.86
N VAL F 216 14.16 22.15 40.70
CA VAL F 216 13.34 21.80 41.87
C VAL F 216 14.11 20.89 42.81
N SER F 217 14.79 19.89 42.26
CA SER F 217 15.53 18.95 43.10
C SER F 217 16.65 19.65 43.86
N LEU F 218 17.37 20.55 43.18
CA LEU F 218 18.45 21.27 43.87
C LEU F 218 17.90 22.12 45.01
N VAL F 219 16.77 22.80 44.77
CA VAL F 219 16.17 23.63 45.83
C VAL F 219 15.80 22.75 47.02
N SER F 220 15.18 21.60 46.76
CA SER F 220 14.81 20.71 47.85
C SER F 220 16.04 20.25 48.64
N LEU F 221 17.11 19.90 47.94
CA LEU F 221 18.32 19.45 48.63
C LEU F 221 18.87 20.55 49.55
N ALA F 222 18.93 21.78 49.03
CA ALA F 222 19.44 22.87 49.87
C ALA F 222 18.57 23.09 51.09
N LEU F 223 17.25 23.09 50.91
CA LEU F 223 16.36 23.31 52.03
C LEU F 223 16.48 22.20 53.06
N ASN F 224 16.77 20.97 52.62
CA ASN F 224 16.95 19.89 53.58
C ASN F 224 18.28 20.00 54.33
N ILE F 225 19.34 20.46 53.67
CA ILE F 225 20.63 20.59 54.35
C ILE F 225 20.56 21.70 55.40
N ILE F 226 19.82 22.77 55.11
CA ILE F 226 19.72 23.86 56.07
C ILE F 226 19.17 23.36 57.41
N GLU F 227 18.18 22.48 57.37
CA GLU F 227 17.58 21.96 58.60
C GLU F 227 18.61 21.19 59.42
N LEU F 228 19.42 20.35 58.77
CA LEU F 228 20.47 19.62 59.49
C LEU F 228 21.43 20.58 60.16
N PHE F 229 21.87 21.60 59.43
CA PHE F 229 22.82 22.55 60.03
C PHE F 229 22.20 23.24 61.24
N TYR F 230 20.95 23.68 61.11
CA TYR F 230 20.28 24.36 62.21
C TYR F 230 20.15 23.44 63.43
N VAL F 231 19.74 22.19 63.21
CA VAL F 231 19.55 21.26 64.31
C VAL F 231 20.88 21.00 65.02
N PHE F 232 21.95 20.77 64.25
CA PHE F 232 23.23 20.48 64.89
C PHE F 232 23.76 21.69 65.64
N PHE F 233 23.58 22.89 65.09
CA PHE F 233 24.03 24.08 65.82
C PHE F 233 23.26 24.23 67.13
N LYS F 234 21.95 24.03 67.11
CA LYS F 234 21.18 24.12 68.35
C LYS F 234 21.62 23.06 69.35
N GLY F 235 21.87 21.84 68.88
CA GLY F 235 22.27 20.77 69.77
C GLY F 235 23.68 20.92 70.33
N VAL F 236 24.54 21.64 69.62
CA VAL F 236 25.91 21.85 70.09
C VAL F 236 26.02 23.05 71.02
N LYS F 237 25.42 24.19 70.65
CA LYS F 237 25.55 25.37 71.49
C LYS F 237 24.88 25.17 72.84
N ASP F 238 23.80 24.40 72.89
CA ASP F 238 23.11 24.12 74.15
C ASP F 238 22.81 22.63 74.28
N GLY G 2 -17.85 14.22 66.35
CA GLY G 2 -17.46 13.15 65.48
C GLY G 2 -16.16 12.49 65.90
N ASP G 3 -16.14 11.93 67.11
CA ASP G 3 -14.95 11.27 67.63
C ASP G 3 -14.89 9.84 67.10
N TRP G 4 -13.74 9.47 66.55
CA TRP G 4 -13.54 8.14 65.98
C TRP G 4 -12.84 7.23 67.01
N SER G 5 -13.61 6.88 68.05
CA SER G 5 -13.08 6.04 69.12
C SER G 5 -13.31 4.55 68.88
N ALA G 6 -14.42 4.19 68.23
CA ALA G 6 -14.65 2.78 67.91
C ALA G 6 -13.61 2.25 66.94
N LEU G 7 -13.17 3.10 66.00
CA LEU G 7 -12.07 2.72 65.13
C LEU G 7 -10.81 2.44 65.92
N GLY G 8 -10.53 3.27 66.93
CA GLY G 8 -9.37 3.03 67.77
C GLY G 8 -9.48 1.72 68.54
N LYS G 9 -10.66 1.43 69.08
CA LYS G 9 -10.86 0.16 69.78
C LYS G 9 -10.62 -1.02 68.85
N LEU G 10 -11.20 -0.97 67.65
CA LEU G 10 -11.03 -2.05 66.69
C LEU G 10 -9.56 -2.21 66.31
N LEU G 11 -8.86 -1.09 66.07
CA LEU G 11 -7.46 -1.15 65.70
C LEU G 11 -6.62 -1.75 66.81
N ASP G 12 -6.87 -1.36 68.06
CA ASP G 12 -6.12 -1.90 69.18
C ASP G 12 -6.39 -3.39 69.35
N LYS G 13 -7.64 -3.82 69.17
CA LYS G 13 -7.96 -5.24 69.30
C LYS G 13 -7.31 -6.05 68.19
N VAL G 14 -7.29 -5.53 66.97
CA VAL G 14 -6.74 -6.28 65.85
C VAL G 14 -5.24 -6.47 66.00
N GLN G 15 -4.53 -5.44 66.49
CA GLN G 15 -3.08 -5.44 66.57
C GLN G 15 -2.59 -5.71 67.99
N ALA G 16 -3.28 -6.58 68.72
CA ALA G 16 -2.91 -6.85 70.10
C ALA G 16 -1.62 -7.69 70.19
N TYR G 17 -1.48 -8.68 69.31
CA TYR G 17 -0.36 -9.61 69.39
C TYR G 17 0.80 -9.23 68.48
N SER G 18 0.74 -8.10 67.80
CA SER G 18 1.78 -7.71 66.86
C SER G 18 2.90 -6.95 67.58
N THR G 19 4.07 -6.93 66.94
CA THR G 19 5.21 -6.21 67.45
C THR G 19 5.08 -4.72 67.15
N ALA G 20 6.01 -3.94 67.68
CA ALA G 20 6.00 -2.50 67.44
C ALA G 20 6.40 -2.18 66.00
N GLY G 21 7.44 -2.83 65.49
CA GLY G 21 7.89 -2.57 64.13
C GLY G 21 6.87 -3.00 63.09
N GLY G 22 6.26 -4.17 63.28
CA GLY G 22 5.32 -4.68 62.30
C GLY G 22 4.14 -3.78 62.05
N LYS G 23 3.80 -2.91 63.01
CA LYS G 23 2.70 -1.98 62.83
C LYS G 23 3.01 -0.87 61.84
N VAL G 24 4.26 -0.74 61.40
CA VAL G 24 4.69 0.41 60.61
C VAL G 24 5.15 -0.03 59.23
N TRP G 25 6.18 -0.87 59.18
CA TRP G 25 6.77 -1.25 57.91
C TRP G 25 5.78 -2.02 57.04
N LEU G 26 5.04 -2.96 57.65
CA LEU G 26 4.10 -3.77 56.88
C LEU G 26 2.96 -2.94 56.34
N SER G 27 2.54 -1.90 57.07
CA SER G 27 1.49 -1.02 56.58
C SER G 27 1.98 -0.11 55.47
N VAL G 28 3.18 0.44 55.61
CA VAL G 28 3.71 1.34 54.58
C VAL G 28 4.04 0.58 53.30
N LEU G 29 4.47 -0.68 53.43
CA LEU G 29 4.85 -1.45 52.26
C LEU G 29 3.65 -1.69 51.35
N PHE G 30 2.46 -1.88 51.92
CA PHE G 30 1.26 -2.07 51.11
C PHE G 30 0.97 -0.83 50.26
N ILE G 31 1.08 0.35 50.87
CA ILE G 31 0.85 1.59 50.13
C ILE G 31 1.89 1.76 49.04
N PHE G 32 3.15 1.51 49.38
CA PHE G 32 4.22 1.56 48.38
C PHE G 32 3.90 0.65 47.20
N ARG G 33 3.48 -0.59 47.51
CA ARG G 33 3.21 -1.57 46.48
C ARG G 33 2.08 -1.11 45.55
N ILE G 34 0.96 -0.67 46.14
CA ILE G 34 -0.17 -0.29 45.30
C ILE G 34 0.14 0.94 44.48
N LEU G 35 0.85 1.92 45.06
CA LEU G 35 1.21 3.12 44.31
C LEU G 35 2.10 2.77 43.12
N LEU G 36 3.15 1.97 43.37
CA LEU G 36 4.06 1.60 42.30
C LEU G 36 3.33 0.80 41.22
N LEU G 37 2.44 -0.11 41.62
CA LEU G 37 1.71 -0.91 40.65
C LEU G 37 0.78 -0.05 39.80
N GLY G 38 0.09 0.91 40.42
CA GLY G 38 -0.91 1.67 39.70
C GLY G 38 -0.38 2.81 38.87
N THR G 39 0.77 3.36 39.25
CA THR G 39 1.28 4.56 38.58
C THR G 39 2.24 4.24 37.44
N ALA G 40 3.32 3.51 37.74
CA ALA G 40 4.43 3.38 36.80
C ALA G 40 4.29 2.16 35.88
N VAL G 41 4.21 0.97 36.46
CA VAL G 41 4.33 -0.25 35.66
C VAL G 41 3.14 -0.42 34.73
N GLU G 42 1.95 0.00 35.17
CA GLU G 42 0.74 -0.27 34.39
C GLU G 42 0.76 0.39 33.02
N SER G 43 1.53 1.46 32.86
CA SER G 43 1.60 2.15 31.58
C SER G 43 2.68 1.60 30.66
N ALA G 44 3.69 0.92 31.20
CA ALA G 44 4.75 0.36 30.36
C ALA G 44 4.26 -0.88 29.62
N TRP G 45 3.26 -1.56 30.13
CA TRP G 45 2.71 -2.77 29.53
C TRP G 45 1.54 -2.48 28.59
N GLY G 46 1.23 -1.21 28.34
CA GLY G 46 0.07 -0.91 27.51
C GLY G 46 0.20 -1.39 26.09
N ASP G 47 1.32 -1.08 25.44
CA ASP G 47 1.56 -1.50 24.06
C ASP G 47 2.38 -2.79 24.01
N GLU G 48 1.90 -3.82 24.70
CA GLU G 48 2.61 -5.09 24.73
C GLU G 48 2.28 -5.98 23.55
N GLN G 49 1.13 -5.79 22.93
CA GLN G 49 0.72 -6.59 21.76
C GLN G 49 0.68 -5.79 20.47
N SER G 50 0.45 -4.48 20.55
CA SER G 50 0.41 -3.65 19.35
C SER G 50 1.81 -3.41 18.79
N ALA G 51 2.83 -3.35 19.64
CA ALA G 51 4.21 -3.13 19.22
C ALA G 51 5.00 -4.42 19.11
N PHE G 52 4.34 -5.57 19.22
CA PHE G 52 4.98 -6.87 19.05
C PHE G 52 4.98 -7.23 17.57
N ARG G 53 6.16 -7.49 17.03
CA ARG G 53 6.35 -7.71 15.61
C ARG G 53 7.10 -9.00 15.34
N CYS G 54 6.74 -9.65 14.24
CA CYS G 54 7.40 -10.88 13.80
C CYS G 54 7.74 -10.73 12.31
N ASN G 55 8.79 -11.43 11.89
CA ASN G 55 9.28 -11.36 10.52
C ASN G 55 8.69 -12.51 9.72
N THR G 56 7.58 -12.23 9.03
CA THR G 56 6.95 -13.22 8.17
C THR G 56 5.77 -12.56 7.46
N GLN G 57 5.29 -13.23 6.40
CA GLN G 57 4.09 -12.84 5.70
C GLN G 57 2.89 -13.72 6.04
N GLN G 58 3.09 -14.78 6.80
CA GLN G 58 2.01 -15.71 7.09
C GLN G 58 0.97 -15.06 8.00
N PRO G 59 -0.30 -15.00 7.60
CA PRO G 59 -1.33 -14.46 8.50
C PRO G 59 -1.63 -15.43 9.63
N GLY G 60 -1.48 -14.96 10.87
CA GLY G 60 -1.79 -15.74 12.05
C GLY G 60 -0.61 -16.14 12.89
N CYS G 61 0.63 -15.92 12.42
CA CYS G 61 1.78 -16.33 13.22
C CYS G 61 2.01 -15.40 14.40
N GLU G 62 1.74 -14.10 14.23
CA GLU G 62 1.95 -13.15 15.32
C GLU G 62 1.08 -13.50 16.53
N ASN G 63 -0.20 -13.79 16.28
CA ASN G 63 -1.12 -14.08 17.39
C ASN G 63 -0.66 -15.28 18.18
N VAL G 64 -0.40 -16.40 17.49
CA VAL G 64 -0.04 -17.62 18.18
C VAL G 64 1.32 -17.48 18.87
N CYS G 65 2.25 -16.78 18.25
CA CYS G 65 3.57 -16.62 18.86
C CYS G 65 3.51 -15.72 20.09
N TYR G 66 2.70 -14.66 20.05
CA TYR G 66 2.50 -13.85 21.25
C TYR G 66 1.85 -14.67 22.36
N ASP G 67 0.82 -15.45 22.02
CA ASP G 67 0.16 -16.26 23.03
C ASP G 67 1.11 -17.29 23.63
N LYS G 68 2.06 -17.78 22.83
CA LYS G 68 3.04 -18.74 23.33
C LYS G 68 4.08 -18.07 24.22
N SER G 69 4.48 -16.84 23.86
CA SER G 69 5.50 -16.15 24.65
C SER G 69 4.95 -15.68 25.99
N PHE G 70 3.73 -15.15 26.00
CA PHE G 70 3.13 -14.54 27.19
C PHE G 70 1.80 -15.21 27.49
N PRO G 71 1.81 -16.36 28.17
CA PRO G 71 0.55 -16.98 28.59
C PRO G 71 -0.25 -16.14 29.56
N ILE G 72 0.40 -15.26 30.32
CA ILE G 72 -0.29 -14.33 31.21
C ILE G 72 0.64 -13.16 31.48
N SER G 73 0.07 -11.96 31.43
CA SER G 73 0.86 -10.75 31.62
C SER G 73 1.32 -10.63 33.08
N HIS G 74 2.43 -9.92 33.26
CA HIS G 74 3.01 -9.77 34.59
C HIS G 74 2.12 -8.92 35.49
N VAL G 75 1.51 -7.86 34.94
CA VAL G 75 0.73 -6.95 35.77
C VAL G 75 -0.47 -7.67 36.39
N ARG G 76 -1.15 -8.51 35.61
CA ARG G 76 -2.31 -9.23 36.14
C ARG G 76 -1.88 -10.32 37.12
N PHE G 77 -0.73 -10.94 36.87
CA PHE G 77 -0.15 -11.87 37.84
C PHE G 77 0.09 -11.18 39.18
N TRP G 78 0.63 -9.96 39.14
CA TRP G 78 0.90 -9.22 40.38
C TRP G 78 -0.39 -8.78 41.05
N VAL G 79 -1.41 -8.43 40.26
CA VAL G 79 -2.70 -8.07 40.84
C VAL G 79 -3.29 -9.27 41.59
N LEU G 80 -3.25 -10.44 40.97
CA LEU G 80 -3.70 -11.65 41.65
C LEU G 80 -2.87 -11.90 42.92
N GLN G 81 -1.56 -11.72 42.82
CA GLN G 81 -0.69 -11.97 43.97
C GLN G 81 -1.06 -11.06 45.13
N ILE G 82 -1.27 -9.78 44.86
CA ILE G 82 -1.57 -8.83 45.94
C ILE G 82 -2.99 -8.99 46.45
N ILE G 83 -3.91 -9.52 45.63
CA ILE G 83 -5.26 -9.79 46.14
C ILE G 83 -5.26 -11.00 47.05
N PHE G 84 -4.58 -12.08 46.65
CA PHE G 84 -4.57 -13.29 47.45
C PHE G 84 -3.84 -13.13 48.77
N VAL G 85 -2.97 -12.12 48.89
CA VAL G 85 -2.19 -11.93 50.10
C VAL G 85 -2.90 -11.09 51.15
N SER G 86 -3.95 -10.36 50.78
CA SER G 86 -4.59 -9.40 51.67
C SER G 86 -5.95 -9.82 52.19
N VAL G 87 -6.52 -10.91 51.68
CA VAL G 87 -7.87 -11.32 52.08
C VAL G 87 -7.88 -11.91 53.48
N PRO G 88 -6.85 -12.65 53.92
CA PRO G 88 -6.90 -13.19 55.29
C PRO G 88 -7.04 -12.11 56.35
N THR G 89 -6.35 -10.98 56.17
CA THR G 89 -6.46 -9.90 57.14
C THR G 89 -7.87 -9.33 57.19
N LEU G 90 -8.51 -9.19 56.03
CA LEU G 90 -9.88 -8.70 56.00
C LEU G 90 -10.83 -9.67 56.70
N LEU G 91 -10.64 -10.97 56.47
CA LEU G 91 -11.46 -11.96 57.16
C LEU G 91 -11.28 -11.86 58.66
N TYR G 92 -10.02 -11.76 59.12
CA TYR G 92 -9.76 -11.64 60.55
C TYR G 92 -10.38 -10.37 61.13
N LEU G 93 -10.31 -9.27 60.39
CA LEU G 93 -10.89 -8.02 60.85
C LEU G 93 -12.39 -8.13 61.01
N ALA G 94 -13.07 -8.73 60.04
CA ALA G 94 -14.51 -8.93 60.14
C ALA G 94 -14.85 -9.83 61.33
N HIS G 95 -14.08 -10.91 61.53
CA HIS G 95 -14.30 -11.78 62.65
C HIS G 95 -14.21 -11.02 63.97
N VAL G 96 -13.17 -10.19 64.11
CA VAL G 96 -13.00 -9.42 65.34
C VAL G 96 -14.15 -8.44 65.52
N PHE G 97 -14.58 -7.79 64.43
CA PHE G 97 -15.70 -6.86 64.52
C PHE G 97 -16.94 -7.54 65.08
N TYR G 98 -17.31 -8.68 64.50
CA TYR G 98 -18.51 -9.37 64.96
C TYR G 98 -18.36 -9.87 66.39
N VAL G 99 -17.17 -10.37 66.74
CA VAL G 99 -16.96 -10.84 68.10
C VAL G 99 -17.12 -9.70 69.10
N MET G 100 -16.57 -8.52 68.77
CA MET G 100 -16.70 -7.38 69.66
C MET G 100 -18.16 -6.97 69.83
N ARG G 101 -18.91 -6.94 68.72
CA ARG G 101 -20.33 -6.59 68.84
C ARG G 101 -21.07 -7.59 69.73
N LYS G 102 -20.81 -8.88 69.55
CA LYS G 102 -21.47 -9.89 70.37
C LYS G 102 -21.10 -9.74 71.84
N GLU G 103 -19.82 -9.47 72.12
CA GLU G 103 -19.40 -9.29 73.50
C GLU G 103 -20.09 -8.09 74.14
N GLU G 104 -20.19 -6.98 73.40
CA GLU G 104 -20.89 -5.82 73.94
C GLU G 104 -22.35 -6.12 74.23
N LYS G 105 -23.01 -6.83 73.31
CA LYS G 105 -24.41 -7.19 73.54
C LYS G 105 -24.54 -8.08 74.78
N LEU G 106 -23.64 -9.06 74.93
CA LEU G 106 -23.69 -9.92 76.11
C LEU G 106 -23.49 -9.11 77.39
N ASN G 107 -22.51 -8.20 77.38
CA ASN G 107 -22.23 -7.42 78.58
C ASN G 107 -23.44 -6.58 78.98
N LYS G 108 -24.11 -5.95 78.00
CA LYS G 108 -25.24 -5.10 78.34
C LYS G 108 -26.49 -5.91 78.69
N LYS G 109 -26.62 -7.12 78.14
CA LYS G 109 -27.83 -7.90 78.37
C LYS G 109 -27.83 -8.54 79.76
N GLU G 110 -26.79 -9.31 80.07
CA GLU G 110 -26.75 -10.09 81.31
C GLU G 110 -26.18 -9.28 82.48
N GLU G 111 -26.24 -7.96 82.42
CA GLU G 111 -25.84 -7.11 83.53
C GLU G 111 -26.88 -6.01 83.77
N GLU G 112 -28.13 -6.27 83.39
CA GLU G 112 -29.20 -5.30 83.53
C GLU G 112 -29.53 -5.06 84.99
N ARG G 148 -5.43 -15.79 75.91
CA ARG G 148 -4.97 -16.50 74.73
C ARG G 148 -5.96 -17.59 74.35
N GLY G 149 -6.53 -17.47 73.14
CA GLY G 149 -7.53 -18.41 72.69
C GLY G 149 -7.67 -18.48 71.18
N GLY G 150 -8.91 -18.51 70.70
CA GLY G 150 -9.15 -18.72 69.28
C GLY G 150 -8.58 -17.62 68.40
N LEU G 151 -8.62 -16.37 68.89
CA LEU G 151 -8.14 -15.25 68.08
C LEU G 151 -6.66 -15.40 67.77
N LEU G 152 -5.86 -15.84 68.74
CA LEU G 152 -4.45 -16.07 68.50
C LEU G 152 -4.25 -17.15 67.42
N ARG G 153 -5.04 -18.21 67.49
CA ARG G 153 -4.93 -19.27 66.48
C ARG G 153 -5.27 -18.75 65.09
N THR G 154 -6.32 -17.93 64.98
CA THR G 154 -6.69 -17.36 63.69
C THR G 154 -5.58 -16.44 63.17
N TYR G 155 -4.99 -15.65 64.06
CA TYR G 155 -3.89 -14.78 63.67
C TYR G 155 -2.73 -15.59 63.11
N ILE G 156 -2.37 -16.67 63.80
CA ILE G 156 -1.27 -17.51 63.35
C ILE G 156 -1.59 -18.13 61.99
N ILE G 157 -2.82 -18.60 61.81
CA ILE G 157 -3.20 -19.23 60.55
C ILE G 157 -3.11 -18.23 59.40
N SER G 158 -3.60 -17.00 59.63
CA SER G 158 -3.54 -15.98 58.59
C SER G 158 -2.09 -15.66 58.23
N ILE G 159 -1.24 -15.50 59.23
CA ILE G 159 0.16 -15.18 58.96
C ILE G 159 0.82 -16.31 58.19
N LEU G 160 0.47 -17.55 58.50
CA LEU G 160 1.04 -18.68 57.76
C LEU G 160 0.59 -18.66 56.30
N PHE G 161 -0.70 -18.42 56.07
CA PHE G 161 -1.23 -18.48 54.71
C PHE G 161 -0.66 -17.36 53.84
N LYS G 162 -0.43 -16.18 54.41
CA LYS G 162 0.16 -15.11 53.62
C LYS G 162 1.53 -15.52 53.07
N SER G 163 2.38 -16.07 53.93
CA SER G 163 3.70 -16.52 53.49
C SER G 163 3.59 -17.66 52.49
N ILE G 164 2.64 -18.58 52.71
CA ILE G 164 2.46 -19.69 51.77
C ILE G 164 2.15 -19.15 50.38
N PHE G 165 1.22 -18.20 50.29
CA PHE G 165 0.87 -17.63 49.00
C PHE G 165 2.06 -16.91 48.37
N GLU G 166 2.80 -16.13 49.17
CA GLU G 166 3.97 -15.46 48.62
C GLU G 166 4.93 -16.46 47.99
N VAL G 167 5.27 -17.52 48.72
CA VAL G 167 6.23 -18.50 48.22
C VAL G 167 5.69 -19.18 46.96
N ALA G 168 4.41 -19.54 46.97
CA ALA G 168 3.83 -20.22 45.81
C ALA G 168 3.92 -19.36 44.56
N PHE G 169 3.54 -18.08 44.70
CA PHE G 169 3.58 -17.19 43.54
C PHE G 169 5.01 -16.98 43.05
N LEU G 170 5.96 -16.83 43.97
CA LEU G 170 7.35 -16.68 43.55
C LEU G 170 7.84 -17.91 42.79
N LEU G 171 7.51 -19.10 43.28
CA LEU G 171 7.94 -20.32 42.61
C LEU G 171 7.32 -20.44 41.22
N ILE G 172 6.03 -20.12 41.10
CA ILE G 172 5.38 -20.21 39.79
C ILE G 172 6.03 -19.23 38.82
N GLN G 173 6.28 -17.99 39.27
CA GLN G 173 6.92 -17.02 38.39
C GLN G 173 8.30 -17.48 37.96
N TRP G 174 9.07 -18.05 38.89
CA TRP G 174 10.40 -18.56 38.53
C TRP G 174 10.30 -19.66 37.49
N TYR G 175 9.33 -20.56 37.66
CA TYR G 175 9.23 -21.69 36.74
C TYR G 175 8.79 -21.24 35.35
N ILE G 176 7.83 -20.31 35.27
CA ILE G 176 7.24 -19.99 33.97
C ILE G 176 8.12 -19.01 33.19
N TYR G 177 8.52 -17.90 33.82
CA TYR G 177 9.20 -16.83 33.12
C TYR G 177 10.68 -16.74 33.49
N GLY G 178 10.97 -16.61 34.78
CA GLY G 178 12.29 -16.23 35.23
C GLY G 178 12.27 -14.84 35.82
N PHE G 179 13.37 -14.10 35.72
CA PHE G 179 13.43 -12.74 36.21
C PHE G 179 14.17 -11.85 35.22
N SER G 180 13.87 -12.01 33.94
CA SER G 180 14.48 -11.20 32.89
C SER G 180 13.73 -11.42 31.60
N LEU G 181 13.93 -10.51 30.64
CA LEU G 181 13.32 -10.60 29.32
C LEU G 181 14.37 -10.34 28.26
N SER G 182 14.29 -11.07 27.16
CA SER G 182 15.18 -10.93 26.02
C SER G 182 14.44 -10.26 24.87
N ALA G 183 15.20 -9.55 24.03
CA ALA G 183 14.61 -8.76 22.97
C ALA G 183 14.10 -9.59 21.81
N VAL G 184 14.72 -10.75 21.56
CA VAL G 184 14.39 -11.59 20.41
C VAL G 184 13.85 -12.92 20.91
N TYR G 185 12.75 -13.36 20.31
CA TYR G 185 12.10 -14.62 20.66
C TYR G 185 12.00 -15.49 19.42
N THR G 186 12.18 -16.80 19.60
CA THR G 186 12.12 -17.76 18.51
C THR G 186 10.86 -18.61 18.66
N CYS G 187 10.05 -18.65 17.61
CA CYS G 187 8.73 -19.26 17.63
C CYS G 187 8.71 -20.44 16.66
N LYS G 188 8.20 -21.58 17.12
CA LYS G 188 8.09 -22.80 16.32
C LYS G 188 6.72 -23.42 16.50
N ARG G 189 5.68 -22.59 16.35
CA ARG G 189 4.29 -23.03 16.45
C ARG G 189 3.60 -22.83 15.11
N ASP G 190 2.74 -23.79 14.75
CA ASP G 190 2.00 -23.68 13.50
C ASP G 190 1.03 -22.50 13.56
N PRO G 191 0.72 -21.88 12.41
CA PRO G 191 1.16 -22.21 11.05
C PRO G 191 2.48 -21.56 10.64
N CYS G 192 3.30 -21.07 11.56
CA CYS G 192 4.56 -20.45 11.19
C CYS G 192 5.47 -21.47 10.52
N PRO G 193 6.07 -21.16 9.35
CA PRO G 193 6.87 -22.16 8.62
C PRO G 193 8.28 -22.32 9.16
N HIS G 194 8.51 -23.43 9.86
CA HIS G 194 9.81 -23.94 10.29
C HIS G 194 10.48 -23.13 11.40
N GLN G 195 10.13 -21.86 11.53
CA GLN G 195 10.65 -21.01 12.61
C GLN G 195 10.25 -19.57 12.34
N VAL G 196 10.32 -18.72 13.36
CA VAL G 196 10.09 -17.29 13.16
C VAL G 196 10.82 -16.53 14.26
N ASP G 197 11.37 -15.38 13.90
CA ASP G 197 11.97 -14.45 14.85
C ASP G 197 10.99 -13.32 15.13
N CYS G 198 10.75 -13.05 16.41
CA CYS G 198 9.84 -12.01 16.85
C CYS G 198 10.55 -11.09 17.82
N PHE G 199 10.06 -9.85 17.91
CA PHE G 199 10.72 -8.81 18.67
C PHE G 199 9.74 -8.18 19.66
N LEU G 200 10.23 -7.94 20.87
CA LEU G 200 9.42 -7.46 21.98
C LEU G 200 9.50 -5.94 22.12
N SER G 201 8.65 -5.41 22.99
CA SER G 201 8.59 -3.98 23.28
C SER G 201 9.10 -3.73 24.69
N ARG G 202 10.01 -2.76 24.83
CA ARG G 202 10.55 -2.34 26.11
C ARG G 202 11.04 -3.53 26.94
N PRO G 203 12.01 -4.28 26.45
CA PRO G 203 12.51 -5.45 27.20
C PRO G 203 13.49 -5.12 28.32
N THR G 204 13.87 -3.86 28.51
CA THR G 204 14.83 -3.48 29.53
C THR G 204 14.18 -2.84 30.75
N GLU G 205 13.18 -1.99 30.54
CA GLU G 205 12.46 -1.40 31.67
C GLU G 205 11.73 -2.46 32.49
N LYS G 206 11.12 -3.42 31.79
CA LYS G 206 10.34 -4.44 32.47
C LYS G 206 11.21 -5.29 33.38
N THR G 207 12.45 -5.55 32.99
CA THR G 207 13.38 -6.27 33.87
C THR G 207 13.60 -5.51 35.17
N ILE G 208 13.79 -4.18 35.06
CA ILE G 208 14.00 -3.35 36.25
C ILE G 208 12.79 -3.46 37.18
N PHE G 209 11.59 -3.32 36.62
CA PHE G 209 10.40 -3.39 37.46
C PHE G 209 10.22 -4.78 38.07
N ILE G 210 10.55 -5.83 37.31
CA ILE G 210 10.46 -7.18 37.85
C ILE G 210 11.36 -7.34 39.06
N ILE G 211 12.60 -6.84 38.96
CA ILE G 211 13.53 -6.94 40.07
C ILE G 211 13.01 -6.16 41.28
N PHE G 212 12.48 -4.96 41.05
CA PHE G 212 11.88 -4.19 42.14
C PHE G 212 10.82 -5.01 42.87
N MET G 213 9.89 -5.59 42.11
CA MET G 213 8.80 -6.33 42.74
C MET G 213 9.32 -7.56 43.48
N LEU G 214 10.33 -8.23 42.93
CA LEU G 214 10.92 -9.36 43.61
C LEU G 214 11.48 -8.95 44.97
N VAL G 215 12.21 -7.83 45.01
CA VAL G 215 12.77 -7.36 46.27
C VAL G 215 11.66 -7.06 47.27
N VAL G 216 10.60 -6.39 46.82
CA VAL G 216 9.49 -6.07 47.72
C VAL G 216 8.89 -7.34 48.30
N SER G 217 8.67 -8.35 47.44
CA SER G 217 8.07 -9.60 47.92
C SER G 217 8.96 -10.28 48.96
N LEU G 218 10.27 -10.31 48.72
CA LEU G 218 11.17 -10.94 49.68
C LEU G 218 11.13 -10.21 51.02
N VAL G 219 11.12 -8.88 50.99
CA VAL G 219 11.06 -8.11 52.24
C VAL G 219 9.78 -8.44 53.00
N SER G 220 8.65 -8.50 52.28
CA SER G 220 7.39 -8.81 52.94
C SER G 220 7.43 -10.19 53.57
N LEU G 221 7.99 -11.18 52.86
CA LEU G 221 8.07 -12.53 53.40
C LEU G 221 8.89 -12.56 54.69
N ALA G 222 10.04 -11.89 54.69
CA ALA G 222 10.87 -11.87 55.89
C ALA G 222 10.14 -11.22 57.05
N LEU G 223 9.50 -10.08 56.80
CA LEU G 223 8.78 -9.40 57.88
C LEU G 223 7.64 -10.24 58.42
N ASN G 224 7.01 -11.06 57.57
CA ASN G 224 5.96 -11.94 58.06
C ASN G 224 6.50 -13.09 58.89
N ILE G 225 7.66 -13.64 58.51
CA ILE G 225 8.24 -14.76 59.26
C ILE G 225 8.68 -14.29 60.65
N ILE G 226 9.20 -13.05 60.73
CA ILE G 226 9.65 -12.54 62.03
C ILE G 226 8.51 -12.56 63.04
N GLU G 227 7.30 -12.19 62.61
CA GLU G 227 6.16 -12.16 63.53
C GLU G 227 5.85 -13.55 64.06
N LEU G 228 5.88 -14.56 63.20
CA LEU G 228 5.63 -15.93 63.65
C LEU G 228 6.66 -16.34 64.69
N PHE G 229 7.94 -16.07 64.43
CA PHE G 229 8.96 -16.45 65.39
C PHE G 229 8.75 -15.76 66.73
N TYR G 230 8.44 -14.45 66.70
CA TYR G 230 8.21 -13.72 67.93
C TYR G 230 7.03 -14.28 68.71
N VAL G 231 5.93 -14.55 68.01
CA VAL G 231 4.73 -15.07 68.67
C VAL G 231 5.01 -16.41 69.32
N PHE G 232 5.67 -17.31 68.58
CA PHE G 232 5.93 -18.64 69.13
C PHE G 232 6.89 -18.57 70.32
N PHE G 233 7.90 -17.69 70.26
CA PHE G 233 8.80 -17.56 71.39
C PHE G 233 8.05 -17.05 72.62
N LYS G 234 7.19 -16.05 72.45
CA LYS G 234 6.42 -15.55 73.59
C LYS G 234 5.50 -16.63 74.14
N GLY G 235 4.86 -17.41 73.27
CA GLY G 235 3.96 -18.45 73.72
C GLY G 235 4.65 -19.63 74.37
N VAL G 236 5.92 -19.87 74.04
CA VAL G 236 6.65 -20.97 74.62
C VAL G 236 7.31 -20.58 75.94
N LYS G 237 7.98 -19.43 75.99
CA LYS G 237 8.67 -19.05 77.22
C LYS G 237 7.69 -18.80 78.35
N ASP G 238 6.49 -18.31 78.05
CA ASP G 238 5.47 -18.08 79.06
C ASP G 238 4.12 -18.62 78.61
N GLY H 2 17.37 -15.18 -66.18
CA GLY H 2 16.32 -15.34 -65.20
C GLY H 2 15.01 -14.68 -65.63
N ASP H 3 14.47 -15.13 -66.76
CA ASP H 3 13.22 -14.58 -67.26
C ASP H 3 12.04 -15.25 -66.58
N TRP H 4 11.12 -14.43 -66.06
CA TRP H 4 9.94 -14.93 -65.34
C TRP H 4 8.76 -14.98 -66.30
N SER H 5 8.82 -15.93 -67.23
CA SER H 5 7.77 -16.10 -68.23
C SER H 5 6.68 -17.08 -67.79
N ALA H 6 7.03 -18.11 -67.02
CA ALA H 6 6.03 -19.04 -66.53
C ALA H 6 5.08 -18.35 -65.56
N LEU H 7 5.59 -17.41 -64.76
CA LEU H 7 4.71 -16.60 -63.93
C LEU H 7 3.72 -15.81 -64.78
N GLY H 8 4.19 -15.25 -65.89
CA GLY H 8 3.28 -14.54 -66.77
C GLY H 8 2.20 -15.44 -67.36
N LYS H 9 2.60 -16.64 -67.78
CA LYS H 9 1.62 -17.59 -68.30
C LYS H 9 0.57 -17.94 -67.26
N LEU H 10 1.01 -18.23 -66.03
CA LEU H 10 0.08 -18.56 -64.96
C LEU H 10 -0.85 -17.39 -64.67
N LEU H 11 -0.29 -16.18 -64.61
CA LEU H 11 -1.11 -15.01 -64.34
C LEU H 11 -2.16 -14.78 -65.43
N ASP H 12 -1.76 -14.93 -66.69
CA ASP H 12 -2.71 -14.74 -67.78
C ASP H 12 -3.79 -15.81 -67.75
N LYS H 13 -3.43 -17.05 -67.43
CA LYS H 13 -4.43 -18.12 -67.37
C LYS H 13 -5.40 -17.90 -66.22
N VAL H 14 -4.90 -17.43 -65.07
CA VAL H 14 -5.75 -17.26 -63.90
C VAL H 14 -6.76 -16.13 -64.14
N GLN H 15 -6.34 -15.06 -64.78
CA GLN H 15 -7.16 -13.86 -64.97
C GLN H 15 -7.76 -13.79 -66.36
N ALA H 16 -8.13 -14.93 -66.94
CA ALA H 16 -8.66 -14.94 -68.30
C ALA H 16 -10.06 -14.36 -68.38
N TYR H 17 -10.91 -14.67 -67.40
CA TYR H 17 -12.31 -14.27 -67.42
C TYR H 17 -12.60 -12.98 -66.66
N SER H 18 -11.58 -12.33 -66.12
CA SER H 18 -11.77 -11.14 -65.31
C SER H 18 -11.83 -9.89 -66.18
N THR H 19 -12.43 -8.84 -65.63
CA THR H 19 -12.51 -7.56 -66.31
C THR H 19 -11.19 -6.81 -66.18
N ALA H 20 -11.10 -5.68 -66.87
CA ALA H 20 -9.89 -4.86 -66.80
C ALA H 20 -9.76 -4.18 -65.45
N GLY H 21 -10.86 -3.61 -64.93
CA GLY H 21 -10.79 -2.94 -63.65
C GLY H 21 -10.51 -3.87 -62.50
N GLY H 22 -11.14 -5.05 -62.50
CA GLY H 22 -10.98 -5.98 -61.41
C GLY H 22 -9.55 -6.43 -61.18
N LYS H 23 -8.71 -6.34 -62.22
CA LYS H 23 -7.31 -6.73 -62.09
C LYS H 23 -6.51 -5.73 -61.27
N VAL H 24 -7.08 -4.57 -60.92
CA VAL H 24 -6.31 -3.48 -60.31
C VAL H 24 -6.85 -3.17 -58.92
N TRP H 25 -8.12 -2.78 -58.84
CA TRP H 25 -8.68 -2.34 -57.57
C TRP H 25 -8.70 -3.48 -56.56
N LEU H 26 -9.10 -4.68 -56.99
CA LEU H 26 -9.20 -5.80 -56.07
C LEU H 26 -7.83 -6.23 -55.55
N SER H 27 -6.79 -6.09 -56.38
CA SER H 27 -5.44 -6.42 -55.93
C SER H 27 -4.89 -5.36 -54.97
N VAL H 28 -5.12 -4.08 -55.26
CA VAL H 28 -4.62 -3.03 -54.40
C VAL H 28 -5.34 -3.01 -53.07
N LEU H 29 -6.63 -3.36 -53.06
CA LEU H 29 -7.40 -3.33 -51.83
C LEU H 29 -6.87 -4.35 -50.81
N PHE H 30 -6.40 -5.50 -51.28
CA PHE H 30 -5.83 -6.49 -50.38
C PHE H 30 -4.59 -5.94 -49.67
N ILE H 31 -3.71 -5.28 -50.42
CA ILE H 31 -2.51 -4.69 -49.83
C ILE H 31 -2.89 -3.61 -48.84
N PHE H 32 -3.83 -2.75 -49.23
CA PHE H 32 -4.32 -1.71 -48.32
C PHE H 32 -4.82 -2.33 -47.01
N ARG H 33 -5.62 -3.39 -47.14
CA ARG H 33 -6.22 -4.03 -45.97
C ARG H 33 -5.13 -4.59 -45.05
N ILE H 34 -4.18 -5.34 -45.60
CA ILE H 34 -3.19 -5.97 -44.75
C ILE H 34 -2.29 -4.92 -44.10
N LEU H 35 -1.92 -3.87 -44.84
CA LEU H 35 -1.08 -2.82 -44.26
C LEU H 35 -1.80 -2.13 -43.11
N LEU H 36 -3.06 -1.73 -43.34
CA LEU H 36 -3.80 -1.07 -42.28
C LEU H 36 -3.98 -1.97 -41.07
N LEU H 37 -4.27 -3.25 -41.30
CA LEU H 37 -4.45 -4.17 -40.18
C LEU H 37 -3.17 -4.36 -39.39
N GLY H 38 -2.03 -4.48 -40.07
CA GLY H 38 -0.79 -4.80 -39.39
C GLY H 38 -0.09 -3.62 -38.74
N THR H 39 -0.31 -2.41 -39.27
CA THR H 39 0.44 -1.25 -38.78
C THR H 39 -0.30 -0.49 -37.68
N ALA H 40 -1.52 -0.04 -37.96
CA ALA H 40 -2.19 0.92 -37.08
C ALA H 40 -3.05 0.24 -36.02
N VAL H 41 -4.04 -0.56 -36.45
CA VAL H 41 -5.06 -1.03 -35.51
C VAL H 41 -4.46 -1.99 -34.49
N GLU H 42 -3.49 -2.80 -34.89
CA GLU H 42 -2.98 -3.83 -34.01
C GLU H 42 -2.36 -3.28 -32.74
N SER H 43 -1.89 -2.04 -32.75
CA SER H 43 -1.28 -1.43 -31.57
C SER H 43 -2.29 -0.74 -30.67
N ALA H 44 -3.45 -0.34 -31.20
CA ALA H 44 -4.45 0.32 -30.37
C ALA H 44 -5.15 -0.66 -29.44
N TRP H 45 -5.18 -1.95 -29.80
CA TRP H 45 -5.83 -2.98 -29.02
C TRP H 45 -4.87 -3.68 -28.05
N GLY H 46 -3.64 -3.20 -27.93
CA GLY H 46 -2.68 -3.89 -27.07
C GLY H 46 -3.08 -3.87 -25.61
N ASP H 47 -3.39 -2.68 -25.09
CA ASP H 47 -3.80 -2.55 -23.68
C ASP H 47 -5.31 -2.58 -23.52
N GLU H 48 -5.94 -3.63 -24.05
CA GLU H 48 -7.39 -3.74 -23.97
C GLU H 48 -7.86 -4.36 -22.67
N GLN H 49 -7.02 -5.14 -21.99
CA GLN H 49 -7.37 -5.75 -20.72
C GLN H 49 -6.60 -5.19 -19.54
N SER H 50 -5.40 -4.66 -19.76
CA SER H 50 -4.63 -4.08 -18.67
C SER H 50 -5.17 -2.73 -18.24
N ALA H 51 -5.75 -1.97 -19.17
CA ALA H 51 -6.31 -0.66 -18.86
C ALA H 51 -7.82 -0.70 -18.65
N PHE H 52 -8.40 -1.90 -18.57
CA PHE H 52 -9.82 -2.06 -18.29
C PHE H 52 -10.02 -2.07 -16.78
N ARG H 53 -10.88 -1.17 -16.30
CA ARG H 53 -11.06 -0.96 -14.87
C ARG H 53 -12.53 -1.02 -14.50
N CYS H 54 -12.81 -1.54 -13.31
CA CYS H 54 -14.15 -1.61 -12.75
C CYS H 54 -14.12 -1.07 -11.33
N ASN H 55 -15.26 -0.54 -10.90
CA ASN H 55 -15.40 0.08 -9.58
C ASN H 55 -15.96 -0.95 -8.61
N THR H 56 -15.06 -1.62 -7.88
CA THR H 56 -15.46 -2.58 -6.87
C THR H 56 -14.21 -3.09 -6.16
N GLN H 57 -14.43 -3.72 -5.01
CA GLN H 57 -13.39 -4.42 -4.27
C GLN H 57 -13.46 -5.93 -4.43
N GLN H 58 -14.50 -6.45 -5.07
CA GLN H 58 -14.69 -7.89 -5.16
C GLN H 58 -13.63 -8.49 -6.07
N PRO H 59 -12.83 -9.45 -5.59
CA PRO H 59 -11.86 -10.12 -6.48
C PRO H 59 -12.57 -11.06 -7.46
N GLY H 60 -12.35 -10.82 -8.75
CA GLY H 60 -12.89 -11.66 -9.81
C GLY H 60 -13.94 -11.01 -10.67
N CYS H 61 -14.42 -9.82 -10.32
CA CYS H 61 -15.46 -9.18 -11.13
C CYS H 61 -14.90 -8.63 -12.44
N GLU H 62 -13.66 -8.12 -12.41
CA GLU H 62 -13.07 -7.56 -13.62
C GLU H 62 -12.94 -8.62 -14.71
N ASN H 63 -12.45 -9.80 -14.35
CA ASN H 63 -12.24 -10.85 -15.34
C ASN H 63 -13.54 -11.24 -16.01
N VAL H 64 -14.56 -11.55 -15.21
CA VAL H 64 -15.83 -12.02 -15.77
C VAL H 64 -16.50 -10.91 -16.56
N CYS H 65 -16.41 -9.66 -16.09
CA CYS H 65 -17.07 -8.58 -16.81
C CYS H 65 -16.37 -8.29 -18.13
N TYR H 66 -15.04 -8.37 -18.17
CA TYR H 66 -14.33 -8.23 -19.44
C TYR H 66 -14.71 -9.36 -20.39
N ASP H 67 -14.75 -10.59 -19.89
CA ASP H 67 -15.12 -11.71 -20.76
C ASP H 67 -16.54 -11.57 -21.27
N LYS H 68 -17.43 -10.96 -20.49
CA LYS H 68 -18.80 -10.74 -20.93
C LYS H 68 -18.88 -9.62 -21.96
N SER H 69 -18.08 -8.57 -21.79
CA SER H 69 -18.14 -7.45 -22.73
C SER H 69 -17.52 -7.81 -24.08
N PHE H 70 -16.39 -8.53 -24.07
CA PHE H 70 -15.63 -8.83 -25.28
C PHE H 70 -15.46 -10.34 -25.41
N PRO H 71 -16.46 -11.05 -25.94
CA PRO H 71 -16.29 -12.48 -26.19
C PRO H 71 -15.21 -12.80 -27.20
N ILE H 72 -14.89 -11.86 -28.10
CA ILE H 72 -13.80 -12.05 -29.05
C ILE H 72 -13.37 -10.66 -29.54
N SER H 73 -12.06 -10.46 -29.59
CA SER H 73 -11.52 -9.17 -29.98
C SER H 73 -11.78 -8.91 -31.47
N HIS H 74 -11.82 -7.62 -31.81
CA HIS H 74 -12.10 -7.22 -33.18
C HIS H 74 -10.96 -7.61 -34.12
N VAL H 75 -9.71 -7.46 -33.67
CA VAL H 75 -8.58 -7.71 -34.55
C VAL H 75 -8.54 -9.17 -34.99
N ARG H 76 -8.79 -10.10 -34.07
CA ARG H 76 -8.78 -11.51 -34.43
C ARG H 76 -9.98 -11.87 -35.29
N PHE H 77 -11.11 -11.24 -35.05
CA PHE H 77 -12.27 -11.40 -35.93
C PHE H 77 -11.91 -10.99 -37.36
N TRP H 78 -11.22 -9.86 -37.51
CA TRP H 78 -10.84 -9.39 -38.83
C TRP H 78 -9.79 -10.29 -39.47
N VAL H 79 -8.88 -10.83 -38.67
CA VAL H 79 -7.90 -11.78 -39.20
C VAL H 79 -8.61 -13.02 -39.75
N LEU H 80 -9.56 -13.55 -38.99
CA LEU H 80 -10.34 -14.69 -39.49
C LEU H 80 -11.09 -14.30 -40.77
N GLN H 81 -11.69 -13.11 -40.78
CA GLN H 81 -12.44 -12.67 -41.94
C GLN H 81 -11.56 -12.61 -43.20
N ILE H 82 -10.36 -12.04 -43.07
CA ILE H 82 -9.49 -11.91 -44.22
C ILE H 82 -8.84 -13.23 -44.62
N ILE H 83 -8.72 -14.18 -43.69
CA ILE H 83 -8.22 -15.50 -44.05
C ILE H 83 -9.27 -16.29 -44.81
N PHE H 84 -10.52 -16.27 -44.32
CA PHE H 84 -11.58 -17.04 -44.97
C PHE H 84 -11.94 -16.50 -46.35
N VAL H 85 -11.59 -15.25 -46.65
CA VAL H 85 -11.97 -14.65 -47.92
C VAL H 85 -10.94 -14.90 -49.02
N SER H 86 -9.73 -15.33 -48.67
CA SER H 86 -8.63 -15.43 -49.63
C SER H 86 -8.24 -16.85 -49.99
N VAL H 87 -8.79 -17.86 -49.32
CA VAL H 87 -8.39 -19.25 -49.57
C VAL H 87 -8.96 -19.76 -50.89
N PRO H 88 -10.18 -19.36 -51.31
CA PRO H 88 -10.68 -19.88 -52.59
C PRO H 88 -9.79 -19.53 -53.76
N THR H 89 -9.23 -18.31 -53.76
CA THR H 89 -8.34 -17.92 -54.85
C THR H 89 -7.09 -18.79 -54.88
N LEU H 90 -6.54 -19.09 -53.70
CA LEU H 90 -5.36 -19.95 -53.64
C LEU H 90 -5.67 -21.35 -54.15
N LEU H 91 -6.84 -21.88 -53.77
CA LEU H 91 -7.25 -23.19 -54.27
C LEU H 91 -7.36 -23.18 -55.79
N TYR H 92 -8.00 -22.15 -56.34
CA TYR H 92 -8.15 -22.05 -57.79
C TYR H 92 -6.78 -21.93 -58.47
N LEU H 93 -5.87 -21.16 -57.88
CA LEU H 93 -4.54 -21.00 -58.46
C LEU H 93 -3.80 -22.33 -58.51
N ALA H 94 -3.86 -23.10 -57.41
CA ALA H 94 -3.22 -24.42 -57.40
C ALA H 94 -3.84 -25.34 -58.44
N HIS H 95 -5.17 -25.32 -58.55
CA HIS H 95 -5.85 -26.13 -59.55
C HIS H 95 -5.36 -25.79 -60.95
N VAL H 96 -5.26 -24.50 -61.27
CA VAL H 96 -4.79 -24.09 -62.58
C VAL H 96 -3.36 -24.52 -62.80
N PHE H 97 -2.52 -24.38 -61.79
CA PHE H 97 -1.12 -24.80 -61.90
C PHE H 97 -1.01 -26.27 -62.29
N TYR H 98 -1.71 -27.13 -61.55
CA TYR H 98 -1.64 -28.56 -61.84
C TYR H 98 -2.23 -28.89 -63.20
N VAL H 99 -3.33 -28.23 -63.57
CA VAL H 99 -3.93 -28.47 -64.88
C VAL H 99 -2.96 -28.10 -65.99
N MET H 100 -2.28 -26.97 -65.85
CA MET H 100 -1.31 -26.56 -66.87
C MET H 100 -0.17 -27.56 -66.97
N ARG H 101 0.35 -28.02 -65.84
CA ARG H 101 1.43 -29.01 -65.89
C ARG H 101 0.96 -30.28 -66.61
N LYS H 102 -0.24 -30.75 -66.29
CA LYS H 102 -0.75 -31.95 -66.93
C LYS H 102 -0.94 -31.76 -68.42
N GLU H 103 -1.45 -30.59 -68.82
CA GLU H 103 -1.63 -30.32 -70.25
C GLU H 103 -0.29 -30.29 -70.98
N GLU H 104 0.74 -29.68 -70.38
CA GLU H 104 2.05 -29.67 -71.00
C GLU H 104 2.59 -31.09 -71.15
N LYS H 105 2.45 -31.91 -70.11
CA LYS H 105 2.91 -33.29 -70.21
C LYS H 105 2.18 -34.04 -71.31
N LEU H 106 0.87 -33.86 -71.41
CA LEU H 106 0.10 -34.52 -72.46
C LEU H 106 0.57 -34.07 -73.84
N ASN H 107 0.77 -32.77 -74.02
CA ASN H 107 1.19 -32.26 -75.32
C ASN H 107 2.54 -32.84 -75.73
N LYS H 108 3.49 -32.91 -74.80
CA LYS H 108 4.80 -33.42 -75.16
C LYS H 108 4.81 -34.94 -75.31
N LYS H 109 3.92 -35.65 -74.62
CA LYS H 109 3.95 -37.11 -74.67
C LYS H 109 3.33 -37.64 -75.96
N GLU H 110 2.09 -37.24 -76.25
CA GLU H 110 1.35 -37.79 -77.38
C GLU H 110 1.61 -37.03 -78.68
N GLU H 111 2.74 -36.33 -78.77
CA GLU H 111 3.16 -35.68 -80.02
C GLU H 111 4.62 -35.96 -80.31
N GLU H 112 5.13 -37.08 -79.82
CA GLU H 112 6.53 -37.45 -80.01
C GLU H 112 6.82 -37.77 -81.47
N ARG H 148 -14.98 -22.67 -72.79
CA ARG H 148 -15.75 -22.54 -71.56
C ARG H 148 -16.07 -23.91 -70.97
N GLY H 149 -15.57 -24.17 -69.76
CA GLY H 149 -15.76 -25.46 -69.12
C GLY H 149 -15.64 -25.41 -67.61
N GLY H 150 -14.93 -26.40 -67.05
CA GLY H 150 -14.89 -26.53 -65.61
C GLY H 150 -14.24 -25.34 -64.92
N LEU H 151 -13.22 -24.75 -65.55
CA LEU H 151 -12.51 -23.64 -64.92
C LEU H 151 -13.44 -22.46 -64.68
N LEU H 152 -14.32 -22.17 -65.65
CA LEU H 152 -15.30 -21.09 -65.47
C LEU H 152 -16.22 -21.39 -64.29
N ARG H 153 -16.66 -22.64 -64.16
CA ARG H 153 -17.53 -23.01 -63.05
C ARG H 153 -16.82 -22.82 -61.72
N THR H 154 -15.55 -23.23 -61.64
CA THR H 154 -14.78 -23.05 -60.41
C THR H 154 -14.62 -21.57 -60.08
N TYR H 155 -14.35 -20.75 -61.10
CA TYR H 155 -14.23 -19.32 -60.89
C TYR H 155 -15.51 -18.74 -60.32
N ILE H 156 -16.66 -19.13 -60.90
CA ILE H 156 -17.94 -18.63 -60.42
C ILE H 156 -18.17 -19.06 -58.98
N ILE H 157 -17.87 -20.32 -58.65
CA ILE H 157 -18.08 -20.81 -57.30
C ILE H 157 -17.23 -20.03 -56.31
N SER H 158 -15.97 -19.81 -56.63
CA SER H 158 -15.10 -19.05 -55.74
C SER H 158 -15.61 -17.64 -55.51
N ILE H 159 -16.03 -16.97 -56.59
CA ILE H 159 -16.53 -15.61 -56.46
C ILE H 159 -17.78 -15.59 -55.59
N LEU H 160 -18.64 -16.61 -55.73
CA LEU H 160 -19.84 -16.67 -54.89
C LEU H 160 -19.47 -16.84 -53.43
N PHE H 161 -18.54 -17.75 -53.14
CA PHE H 161 -18.20 -18.05 -51.75
C PHE H 161 -17.55 -16.85 -51.06
N LYS H 162 -16.74 -16.08 -51.78
CA LYS H 162 -16.13 -14.90 -51.17
C LYS H 162 -17.20 -13.92 -50.67
N SER H 163 -18.19 -13.64 -51.52
CA SER H 163 -19.28 -12.75 -51.12
C SER H 163 -20.09 -13.34 -49.98
N ILE H 164 -20.33 -14.65 -50.01
CA ILE H 164 -21.08 -15.29 -48.94
C ILE H 164 -20.37 -15.08 -47.60
N PHE H 165 -19.06 -15.32 -47.58
CA PHE H 165 -18.31 -15.13 -46.34
C PHE H 165 -18.34 -13.67 -45.89
N GLU H 166 -18.17 -12.74 -46.82
CA GLU H 166 -18.24 -11.33 -46.44
C GLU H 166 -19.56 -11.00 -45.76
N VAL H 167 -20.68 -11.41 -46.38
CA VAL H 167 -21.99 -11.09 -45.81
C VAL H 167 -22.17 -11.75 -44.46
N ALA H 168 -21.75 -13.01 -44.33
CA ALA H 168 -21.92 -13.72 -43.06
C ALA H 168 -21.16 -13.01 -41.94
N PHE H 169 -19.90 -12.63 -42.20
CA PHE H 169 -19.12 -11.97 -41.17
C PHE H 169 -19.72 -10.61 -40.81
N LEU H 170 -20.20 -9.86 -41.81
CA LEU H 170 -20.82 -8.58 -41.50
C LEU H 170 -22.06 -8.76 -40.63
N LEU H 171 -22.89 -9.74 -40.95
CA LEU H 171 -24.09 -9.98 -40.16
C LEU H 171 -23.75 -10.39 -38.73
N ILE H 172 -22.76 -11.27 -38.56
CA ILE H 172 -22.38 -11.68 -37.21
C ILE H 172 -21.88 -10.48 -36.41
N GLN H 173 -21.03 -9.65 -37.03
CA GLN H 173 -20.52 -8.47 -36.32
C GLN H 173 -21.65 -7.54 -35.93
N TRP H 174 -22.61 -7.33 -36.84
CA TRP H 174 -23.75 -6.47 -36.52
C TRP H 174 -24.55 -7.03 -35.34
N TYR H 175 -24.76 -8.35 -35.33
CA TYR H 175 -25.56 -8.94 -34.27
C TYR H 175 -24.86 -8.88 -32.92
N ILE H 176 -23.56 -9.14 -32.89
CA ILE H 176 -22.86 -9.29 -31.60
C ILE H 176 -22.51 -7.93 -31.01
N TYR H 177 -21.86 -7.07 -31.79
CA TYR H 177 -21.30 -5.83 -31.27
C TYR H 177 -22.08 -4.60 -31.77
N GLY H 178 -22.23 -4.46 -33.08
CA GLY H 178 -22.69 -3.21 -33.65
C GLY H 178 -21.56 -2.54 -34.41
N PHE H 179 -21.57 -1.22 -34.47
CA PHE H 179 -20.50 -0.47 -35.13
C PHE H 179 -20.13 0.76 -34.32
N SER H 180 -20.01 0.58 -33.00
CA SER H 180 -19.61 1.66 -32.10
C SER H 180 -19.29 1.07 -30.74
N LEU H 181 -18.59 1.87 -29.93
CA LEU H 181 -18.24 1.47 -28.57
C LEU H 181 -18.53 2.62 -27.62
N SER H 182 -19.04 2.28 -26.43
CA SER H 182 -19.34 3.25 -25.39
C SER H 182 -18.30 3.15 -24.28
N ALA H 183 -18.10 4.27 -23.59
CA ALA H 183 -17.04 4.35 -22.60
C ALA H 183 -17.36 3.62 -21.31
N VAL H 184 -18.65 3.51 -20.95
CA VAL H 184 -19.08 2.93 -19.69
C VAL H 184 -19.90 1.69 -19.99
N TYR H 185 -19.62 0.61 -19.26
CA TYR H 185 -20.32 -0.67 -19.42
C TYR H 185 -20.90 -1.07 -18.06
N THR H 186 -22.08 -1.67 -18.10
CA THR H 186 -22.79 -2.11 -16.90
C THR H 186 -22.78 -3.63 -16.86
N CYS H 187 -22.29 -4.19 -15.76
CA CYS H 187 -22.07 -5.62 -15.61
C CYS H 187 -22.96 -6.17 -14.50
N LYS H 188 -23.65 -7.27 -14.79
CA LYS H 188 -24.54 -7.93 -13.84
C LYS H 188 -24.28 -9.43 -13.84
N ARG H 189 -23.02 -9.82 -13.73
CA ARG H 189 -22.60 -11.21 -13.68
C ARG H 189 -21.96 -11.51 -12.33
N ASP H 190 -22.25 -12.69 -11.80
CA ASP H 190 -21.66 -13.09 -10.53
C ASP H 190 -20.15 -13.25 -10.66
N PRO H 191 -19.39 -13.02 -9.59
CA PRO H 191 -19.82 -12.66 -8.23
C PRO H 191 -20.00 -11.16 -7.98
N CYS H 192 -20.11 -10.34 -9.01
CA CYS H 192 -20.29 -8.91 -8.81
C CYS H 192 -21.60 -8.64 -8.08
N PRO H 193 -21.60 -7.82 -7.00
CA PRO H 193 -22.83 -7.63 -6.21
C PRO H 193 -23.78 -6.61 -6.81
N HIS H 194 -24.87 -7.12 -7.40
CA HIS H 194 -26.05 -6.39 -7.84
C HIS H 194 -25.84 -5.53 -9.09
N GLN H 195 -24.60 -5.13 -9.36
CA GLN H 195 -24.26 -4.38 -10.56
C GLN H 195 -22.84 -3.87 -10.44
N VAL H 196 -22.22 -3.48 -11.56
CA VAL H 196 -20.91 -2.86 -11.52
C VAL H 196 -20.77 -1.98 -12.75
N ASP H 197 -20.10 -0.84 -12.58
CA ASP H 197 -19.73 0.04 -13.67
C ASP H 197 -18.27 -0.17 -14.03
N CYS H 198 -17.99 -0.37 -15.30
CA CYS H 198 -16.65 -0.62 -15.81
C CYS H 198 -16.35 0.36 -16.93
N PHE H 199 -15.06 0.63 -17.13
CA PHE H 199 -14.61 1.66 -18.06
C PHE H 199 -13.62 1.06 -19.06
N LEU H 200 -13.76 1.46 -20.32
CA LEU H 200 -12.99 0.90 -21.42
C LEU H 200 -11.79 1.80 -21.74
N SER H 201 -10.93 1.29 -22.62
CA SER H 201 -9.74 1.98 -23.08
C SER H 201 -9.90 2.36 -24.55
N ARG H 202 -9.62 3.63 -24.86
CA ARG H 202 -9.67 4.15 -26.22
C ARG H 202 -10.97 3.80 -26.93
N PRO H 203 -12.11 4.24 -26.41
CA PRO H 203 -13.40 3.92 -27.05
C PRO H 203 -13.75 4.76 -28.25
N THR H 204 -12.93 5.75 -28.63
CA THR H 204 -13.23 6.62 -29.76
C THR H 204 -12.42 6.28 -31.00
N GLU H 205 -11.14 5.95 -30.83
CA GLU H 205 -10.31 5.55 -31.96
C GLU H 205 -10.84 4.26 -32.60
N LYS H 206 -11.24 3.31 -31.75
CA LYS H 206 -11.69 2.02 -32.24
C LYS H 206 -12.94 2.15 -33.09
N THR H 207 -13.82 3.10 -32.76
CA THR H 207 -14.98 3.35 -33.60
C THR H 207 -14.57 3.79 -35.00
N ILE H 208 -13.58 4.69 -35.08
CA ILE H 208 -13.09 5.16 -36.37
C ILE H 208 -12.56 3.99 -37.19
N PHE H 209 -11.73 3.15 -36.57
CA PHE H 209 -11.18 2.03 -37.31
C PHE H 209 -12.25 1.03 -37.74
N ILE H 210 -13.26 0.82 -36.89
CA ILE H 210 -14.36 -0.07 -37.23
C ILE H 210 -15.08 0.45 -38.47
N ILE H 211 -15.34 1.75 -38.52
CA ILE H 211 -16.03 2.33 -39.68
C ILE H 211 -15.17 2.18 -40.93
N PHE H 212 -13.86 2.42 -40.81
CA PHE H 212 -12.97 2.22 -41.95
C PHE H 212 -13.09 0.81 -42.50
N MET H 213 -13.00 -0.19 -41.62
CA MET H 213 -13.04 -1.58 -42.07
C MET H 213 -14.39 -1.92 -42.69
N LEU H 214 -15.48 -1.38 -42.13
CA LEU H 214 -16.79 -1.60 -42.71
C LEU H 214 -16.85 -1.08 -44.14
N VAL H 215 -16.33 0.12 -44.37
CA VAL H 215 -16.35 0.69 -45.71
C VAL H 215 -15.54 -0.19 -46.66
N VAL H 216 -14.36 -0.63 -46.22
CA VAL H 216 -13.53 -1.48 -47.08
C VAL H 216 -14.28 -2.76 -47.45
N SER H 217 -14.93 -3.38 -46.48
CA SER H 217 -15.65 -4.63 -46.75
C SER H 217 -16.78 -4.40 -47.75
N LEU H 218 -17.54 -3.31 -47.60
CA LEU H 218 -18.61 -3.03 -48.54
C LEU H 218 -18.08 -2.83 -49.96
N VAL H 219 -16.97 -2.10 -50.08
CA VAL H 219 -16.38 -1.88 -51.41
C VAL H 219 -15.99 -3.22 -52.03
N SER H 220 -15.35 -4.08 -51.25
CA SER H 220 -14.95 -5.39 -51.76
C SER H 220 -16.16 -6.19 -52.23
N LEU H 221 -17.24 -6.18 -51.45
CA LEU H 221 -18.42 -6.93 -51.82
C LEU H 221 -19.00 -6.43 -53.14
N ALA H 222 -19.09 -5.11 -53.30
CA ALA H 222 -19.61 -4.56 -54.55
C ALA H 222 -18.74 -4.95 -55.73
N LEU H 223 -17.43 -4.82 -55.58
CA LEU H 223 -16.53 -5.17 -56.68
C LEU H 223 -16.62 -6.65 -57.04
N ASN H 224 -16.89 -7.51 -56.05
CA ASN H 224 -17.05 -8.93 -56.36
C ASN H 224 -18.37 -9.22 -57.06
N ILE H 225 -19.44 -8.51 -56.70
CA ILE H 225 -20.73 -8.75 -57.36
C ILE H 225 -20.69 -8.30 -58.82
N ILE H 226 -19.96 -7.20 -59.09
CA ILE H 226 -19.87 -6.71 -60.46
C ILE H 226 -19.31 -7.79 -61.39
N GLU H 227 -18.31 -8.53 -60.92
CA GLU H 227 -17.69 -9.56 -61.76
C GLU H 227 -18.70 -10.66 -62.10
N LEU H 228 -19.50 -11.08 -61.12
CA LEU H 228 -20.51 -12.10 -61.38
C LEU H 228 -21.51 -11.62 -62.43
N PHE H 229 -21.97 -10.37 -62.28
CA PHE H 229 -22.93 -9.86 -63.26
C PHE H 229 -22.32 -9.81 -64.66
N TYR H 230 -21.09 -9.35 -64.76
CA TYR H 230 -20.42 -9.28 -66.07
C TYR H 230 -20.27 -10.67 -66.68
N VAL H 231 -19.83 -11.64 -65.88
CA VAL H 231 -19.62 -12.99 -66.40
C VAL H 231 -20.93 -13.58 -66.88
N PHE H 232 -22.00 -13.45 -66.10
CA PHE H 232 -23.28 -14.03 -66.50
C PHE H 232 -23.83 -13.35 -67.74
N PHE H 233 -23.68 -12.03 -67.85
CA PHE H 233 -24.14 -11.35 -69.06
C PHE H 233 -23.38 -11.84 -70.28
N LYS H 234 -22.06 -11.98 -70.17
CA LYS H 234 -21.29 -12.48 -71.31
C LYS H 234 -21.70 -13.90 -71.67
N GLY H 235 -21.92 -14.75 -70.66
CA GLY H 235 -22.30 -16.13 -70.93
C GLY H 235 -23.70 -16.29 -71.46
N VAL H 236 -24.59 -15.33 -71.20
CA VAL H 236 -25.96 -15.41 -71.69
C VAL H 236 -26.09 -14.82 -73.09
N LYS H 237 -25.52 -13.63 -73.32
CA LYS H 237 -25.66 -13.01 -74.63
C LYS H 237 -24.98 -13.82 -75.72
N ASP H 238 -23.89 -14.50 -75.40
CA ASP H 238 -23.19 -15.35 -76.37
C ASP H 238 -22.85 -16.70 -75.76
N GLY I 2 17.90 -19.27 -64.97
CA GLY I 2 17.52 -19.80 -63.68
C GLY I 2 16.23 -20.60 -63.73
N ASP I 3 16.23 -21.67 -64.52
CA ASP I 3 15.05 -22.52 -64.65
C ASP I 3 15.01 -23.53 -63.50
N TRP I 4 13.86 -23.60 -62.83
CA TRP I 4 13.69 -24.50 -61.69
C TRP I 4 13.01 -25.79 -62.16
N SER I 5 13.78 -26.59 -62.90
CA SER I 5 13.28 -27.85 -63.44
C SER I 5 13.53 -29.04 -62.51
N ALA I 6 14.63 -29.03 -61.76
CA ALA I 6 14.89 -30.10 -60.82
C ALA I 6 13.85 -30.11 -59.69
N LEU I 7 13.40 -28.93 -59.28
CA LEU I 7 12.30 -28.86 -58.32
C LEU I 7 11.04 -29.50 -58.89
N GLY I 8 10.76 -29.26 -60.17
CA GLY I 8 9.61 -29.91 -60.79
C GLY I 8 9.74 -31.42 -60.83
N LYS I 9 10.93 -31.92 -61.16
CA LYS I 9 11.14 -33.36 -61.17
C LYS I 9 10.93 -33.95 -59.78
N LEU I 10 11.50 -33.32 -58.76
CA LEU I 10 11.33 -33.81 -57.40
C LEU I 10 9.87 -33.79 -56.97
N LEU I 11 9.16 -32.71 -57.31
CA LEU I 11 7.75 -32.60 -56.95
C LEU I 11 6.93 -33.68 -57.63
N ASP I 12 7.18 -33.93 -58.92
CA ASP I 12 6.44 -34.97 -59.63
C ASP I 12 6.73 -36.34 -59.07
N LYS I 13 7.99 -36.61 -58.71
CA LYS I 13 8.33 -37.91 -58.15
C LYS I 13 7.69 -38.10 -56.78
N VAL I 14 7.66 -37.05 -55.96
CA VAL I 14 7.12 -37.18 -54.61
C VAL I 14 5.62 -37.44 -54.65
N GLN I 15 4.90 -36.79 -55.56
CA GLN I 15 3.44 -36.85 -55.64
C GLN I 15 2.96 -37.78 -56.74
N ALA I 16 3.67 -38.88 -56.97
CA ALA I 16 3.31 -39.79 -58.04
C ALA I 16 2.05 -40.59 -57.72
N TYR I 17 1.90 -41.04 -56.48
CA TYR I 17 0.81 -41.91 -56.08
C TYR I 17 -0.37 -41.16 -55.47
N SER I 18 -0.32 -39.83 -55.41
CA SER I 18 -1.37 -39.06 -54.79
C SER I 18 -2.50 -38.76 -55.77
N THR I 19 -3.67 -38.46 -55.21
CA THR I 19 -4.83 -38.09 -56.01
C THR I 19 -4.72 -36.64 -56.46
N ALA I 20 -5.67 -36.22 -57.30
CA ALA I 20 -5.68 -34.85 -57.77
C ALA I 20 -6.09 -33.88 -56.67
N GLY I 21 -7.12 -34.22 -55.91
CA GLY I 21 -7.57 -33.35 -54.85
C GLY I 21 -6.56 -33.20 -53.73
N GLY I 22 -5.93 -34.31 -53.34
CA GLY I 22 -4.98 -34.28 -52.23
C GLY I 22 -3.81 -33.34 -52.45
N LYS I 23 -3.49 -33.04 -53.71
CA LYS I 23 -2.40 -32.12 -54.01
C LYS I 23 -2.74 -30.67 -53.67
N VAL I 24 -3.99 -30.37 -53.34
CA VAL I 24 -4.45 -28.99 -53.20
C VAL I 24 -4.91 -28.72 -51.78
N TRP I 25 -5.93 -29.45 -51.33
CA TRP I 25 -6.51 -29.17 -50.02
C TRP I 25 -5.51 -29.41 -48.91
N LEU I 26 -4.76 -30.52 -48.98
CA LEU I 26 -3.81 -30.84 -47.92
C LEU I 26 -2.68 -29.82 -47.85
N SER I 27 -2.28 -29.27 -49.00
CA SER I 27 -1.23 -28.25 -48.99
C SER I 27 -1.75 -26.92 -48.45
N VAL I 28 -2.97 -26.52 -48.84
CA VAL I 28 -3.51 -25.26 -48.37
C VAL I 28 -3.84 -25.31 -46.89
N LEU I 29 -4.24 -26.48 -46.39
CA LEU I 29 -4.62 -26.60 -44.99
C LEU I 29 -3.42 -26.34 -44.08
N PHE I 30 -2.23 -26.77 -44.50
CA PHE I 30 -1.03 -26.52 -43.70
C PHE I 30 -0.76 -25.03 -43.55
N ILE I 31 -0.88 -24.28 -44.65
CA ILE I 31 -0.67 -22.84 -44.60
C ILE I 31 -1.73 -22.18 -43.72
N PHE I 32 -2.98 -22.59 -43.88
CA PHE I 32 -4.06 -22.08 -43.04
C PHE I 32 -3.74 -22.31 -41.57
N ARG I 33 -3.29 -23.53 -41.25
CA ARG I 33 -3.00 -23.89 -39.87
C ARG I 33 -1.89 -23.02 -39.29
N ILE I 34 -0.78 -22.90 -40.02
CA ILE I 34 0.35 -22.15 -39.46
C ILE I 34 0.00 -20.67 -39.34
N LEU I 35 -0.71 -20.11 -40.32
CA LEU I 35 -1.08 -18.70 -40.23
C LEU I 35 -1.98 -18.46 -39.02
N LEU I 36 -3.02 -19.29 -38.86
CA LEU I 36 -3.92 -19.11 -37.73
C LEU I 36 -3.18 -19.28 -36.41
N LEU I 37 -2.29 -20.25 -36.32
CA LEU I 37 -1.55 -20.48 -35.08
C LEU I 37 -0.63 -19.30 -34.76
N GLY I 38 0.04 -18.75 -35.76
CA GLY I 38 1.03 -17.72 -35.51
C GLY I 38 0.47 -16.32 -35.33
N THR I 39 -0.69 -16.04 -35.93
CA THR I 39 -1.21 -14.68 -35.91
C THR I 39 -2.18 -14.43 -34.75
N ALA I 40 -3.24 -15.22 -34.66
CA ALA I 40 -4.36 -14.91 -33.77
C ALA I 40 -4.20 -15.53 -32.38
N VAL I 41 -4.10 -16.86 -32.31
CA VAL I 41 -4.20 -17.55 -31.03
C VAL I 41 -3.01 -17.21 -30.14
N GLU I 42 -1.82 -17.05 -30.72
CA GLU I 42 -0.62 -16.89 -29.91
C GLU I 42 -0.66 -15.65 -29.03
N SER I 43 -1.44 -14.64 -29.41
CA SER I 43 -1.54 -13.42 -28.61
C SER I 43 -2.61 -13.49 -27.53
N ALA I 44 -3.61 -14.35 -27.68
CA ALA I 44 -4.65 -14.46 -26.67
C ALA I 44 -4.16 -15.18 -25.43
N TRP I 45 -3.12 -16.00 -25.56
CA TRP I 45 -2.57 -16.75 -24.45
C TRP I 45 -1.41 -16.04 -23.76
N GLY I 46 -1.12 -14.80 -24.15
CA GLY I 46 0.03 -14.11 -23.59
C GLY I 46 -0.11 -13.86 -22.09
N ASP I 47 -1.23 -13.29 -21.68
CA ASP I 47 -1.47 -13.00 -20.27
C ASP I 47 -2.27 -14.12 -19.60
N GLU I 48 -1.77 -15.35 -19.71
CA GLU I 48 -2.46 -16.49 -19.12
C GLU I 48 -2.12 -16.70 -17.66
N GLN I 49 -0.97 -16.20 -17.20
CA GLN I 49 -0.57 -16.33 -15.81
C GLN I 49 -0.54 -15.01 -15.07
N SER I 50 -0.33 -13.90 -15.76
CA SER I 50 -0.32 -12.60 -15.10
C SER I 50 -1.72 -12.14 -14.73
N ALA I 51 -2.74 -12.51 -15.49
CA ALA I 51 -4.11 -12.14 -15.23
C ALA I 51 -4.88 -13.24 -14.51
N PHE I 52 -4.21 -14.28 -14.05
CA PHE I 52 -4.83 -15.34 -13.28
C PHE I 52 -4.83 -14.95 -11.81
N ARG I 53 -6.02 -14.95 -11.20
CA ARG I 53 -6.20 -14.44 -9.85
C ARG I 53 -6.94 -15.45 -8.99
N CYS I 54 -6.57 -15.50 -7.71
CA CYS I 54 -7.21 -16.36 -6.73
C CYS I 54 -7.55 -15.53 -5.50
N ASN I 55 -8.60 -15.96 -4.79
CA ASN I 55 -9.11 -15.24 -3.62
C ASN I 55 -8.49 -15.85 -2.37
N THR I 56 -7.39 -15.26 -1.90
CA THR I 56 -6.75 -15.70 -0.68
C THR I 56 -5.59 -14.77 -0.37
N GLN I 57 -5.10 -14.83 0.87
CA GLN I 57 -3.90 -14.13 1.30
C GLN I 57 -2.69 -15.05 1.42
N GLN I 58 -2.87 -16.35 1.26
CA GLN I 58 -1.78 -17.29 1.45
C GLN I 58 -0.74 -17.14 0.35
N PRO I 59 0.52 -16.86 0.66
CA PRO I 59 1.54 -16.80 -0.40
C PRO I 59 1.88 -18.19 -0.92
N GLY I 60 1.71 -18.38 -2.22
CA GLY I 60 2.05 -19.62 -2.89
C GLY I 60 0.88 -20.41 -3.43
N CYS I 61 -0.36 -20.02 -3.13
CA CYS I 61 -1.50 -20.77 -3.62
C CYS I 61 -1.74 -20.53 -5.10
N GLU I 62 -1.50 -19.31 -5.58
CA GLU I 62 -1.72 -19.00 -6.99
C GLU I 62 -0.83 -19.87 -7.89
N ASN I 63 0.45 -19.99 -7.53
CA ASN I 63 1.38 -20.75 -8.37
C ASN I 63 0.94 -22.21 -8.48
N VAL I 64 0.70 -22.85 -7.34
CA VAL I 64 0.36 -24.27 -7.35
C VAL I 64 -0.99 -24.49 -8.02
N CYS I 65 -1.95 -23.59 -7.81
CA CYS I 65 -3.26 -23.78 -8.42
C CYS I 65 -3.21 -23.58 -9.93
N TYR I 66 -2.41 -22.63 -10.41
CA TYR I 66 -2.22 -22.49 -11.84
C TYR I 66 -1.56 -23.71 -12.43
N ASP I 67 -0.51 -24.22 -11.76
CA ASP I 67 0.17 -25.42 -12.26
C ASP I 67 -0.77 -26.62 -12.27
N LYS I 68 -1.71 -26.68 -11.34
CA LYS I 68 -2.68 -27.78 -11.31
C LYS I 68 -3.72 -27.63 -12.41
N SER I 69 -4.14 -26.39 -12.69
CA SER I 69 -5.17 -26.19 -13.71
C SER I 69 -4.62 -26.41 -15.12
N PHE I 70 -3.41 -25.93 -15.38
CA PHE I 70 -2.81 -25.96 -16.71
C PHE I 70 -1.47 -26.67 -16.67
N PRO I 71 -1.46 -28.01 -16.70
CA PRO I 71 -0.18 -28.72 -16.77
C PRO I 71 0.60 -28.44 -18.04
N ILE I 72 -0.06 -28.04 -19.13
CA ILE I 72 0.62 -27.65 -20.35
C ILE I 72 -0.32 -26.78 -21.16
N SER I 73 0.22 -25.69 -21.70
CA SER I 73 -0.59 -24.74 -22.44
C SER I 73 -1.04 -25.35 -23.77
N HIS I 74 -2.16 -24.82 -24.27
CA HIS I 74 -2.73 -25.33 -25.50
C HIS I 74 -1.85 -25.01 -26.70
N VAL I 75 -1.26 -23.82 -26.74
CA VAL I 75 -0.49 -23.40 -27.90
C VAL I 75 0.72 -24.32 -28.11
N ARG I 76 1.42 -24.66 -27.02
CA ARG I 76 2.58 -25.52 -27.14
C ARG I 76 2.18 -26.96 -27.47
N PHE I 77 1.03 -27.41 -26.96
CA PHE I 77 0.47 -28.69 -27.35
C PHE I 77 0.24 -28.73 -28.86
N TRP I 78 -0.33 -27.66 -29.41
CA TRP I 78 -0.61 -27.61 -30.84
C TRP I 78 0.68 -27.53 -31.65
N VAL I 79 1.69 -26.83 -31.13
CA VAL I 79 2.98 -26.77 -31.82
C VAL I 79 3.59 -28.17 -31.90
N LEU I 80 3.56 -28.91 -30.79
CA LEU I 80 4.04 -30.28 -30.81
C LEU I 80 3.23 -31.12 -31.79
N GLN I 81 1.91 -30.94 -31.79
CA GLN I 81 1.05 -31.73 -32.68
C GLN I 81 1.41 -31.49 -34.14
N ILE I 82 1.60 -30.22 -34.52
CA ILE I 82 1.89 -29.92 -35.91
C ILE I 82 3.32 -30.27 -36.29
N ILE I 83 4.24 -30.33 -35.33
CA ILE I 83 5.58 -30.78 -35.64
C ILE I 83 5.62 -32.29 -35.86
N PHE I 84 4.96 -33.04 -34.98
CA PHE I 84 4.97 -34.51 -35.10
C PHE I 84 4.24 -35.00 -36.34
N VAL I 85 3.37 -34.19 -36.92
CA VAL I 85 2.58 -34.63 -38.08
C VAL I 85 3.29 -34.38 -39.40
N SER I 86 4.32 -33.55 -39.42
CA SER I 86 4.94 -33.12 -40.68
C SER I 86 6.32 -33.71 -40.93
N VAL I 87 6.90 -34.41 -39.96
CA VAL I 87 8.26 -34.94 -40.12
C VAL I 87 8.29 -36.14 -41.07
N PRO I 88 7.28 -37.01 -41.09
CA PRO I 88 7.33 -38.14 -42.03
C PRO I 88 7.46 -37.71 -43.47
N THR I 89 6.75 -36.65 -43.87
CA THR I 89 6.84 -36.16 -45.24
C THR I 89 8.25 -35.67 -45.55
N LEU I 90 8.89 -34.97 -44.60
CA LEU I 90 10.25 -34.50 -44.83
C LEU I 90 11.21 -35.67 -44.97
N LEU I 91 11.05 -36.70 -44.15
CA LEU I 91 11.88 -37.90 -44.27
C LEU I 91 11.70 -38.54 -45.64
N TYR I 92 10.46 -38.68 -46.09
CA TYR I 92 10.20 -39.28 -47.39
C TYR I 92 10.80 -38.43 -48.52
N LEU I 93 10.70 -37.11 -48.40
CA LEU I 93 11.26 -36.23 -49.41
C LEU I 93 12.78 -36.38 -49.50
N ALA I 94 13.45 -36.43 -48.36
CA ALA I 94 14.90 -36.63 -48.36
C ALA I 94 15.26 -37.98 -48.97
N HIS I 95 14.50 -39.02 -48.61
CA HIS I 95 14.75 -40.34 -49.18
C HIS I 95 14.65 -40.31 -50.71
N VAL I 96 13.60 -39.66 -51.23
CA VAL I 96 13.42 -39.59 -52.67
C VAL I 96 14.57 -38.79 -53.31
N PHE I 97 14.97 -37.69 -52.67
CA PHE I 97 16.07 -36.90 -53.19
C PHE I 97 17.33 -37.74 -53.36
N TYR I 98 17.72 -38.45 -52.31
CA TYR I 98 18.93 -39.26 -52.37
C TYR I 98 18.79 -40.39 -53.39
N VAL I 99 17.62 -41.02 -53.46
CA VAL I 99 17.41 -42.09 -54.42
C VAL I 99 17.56 -41.56 -55.84
N MET I 100 17.00 -40.39 -56.12
CA MET I 100 17.12 -39.81 -57.46
C MET I 100 18.57 -39.51 -57.80
N ARG I 101 19.31 -38.94 -56.85
CA ARG I 101 20.72 -38.66 -57.12
C ARG I 101 21.49 -39.95 -57.42
N LYS I 102 21.24 -41.00 -56.64
CA LYS I 102 21.93 -42.27 -56.88
C LYS I 102 21.56 -42.85 -58.24
N GLU I 103 20.28 -42.78 -58.61
CA GLU I 103 19.87 -43.30 -59.91
C GLU I 103 20.52 -42.53 -61.04
N GLU I 104 20.62 -41.21 -60.93
CA GLU I 104 21.29 -40.43 -61.96
C GLU I 104 22.76 -40.82 -62.08
N LYS I 105 23.44 -40.98 -60.93
CA LYS I 105 24.83 -41.40 -60.97
C LYS I 105 24.98 -42.76 -61.64
N LEU I 106 24.11 -43.70 -61.29
CA LEU I 106 24.17 -45.03 -61.91
C LEU I 106 23.97 -44.94 -63.42
N ASN I 107 22.97 -44.16 -63.85
CA ASN I 107 22.70 -44.06 -65.27
C ASN I 107 23.89 -43.49 -66.03
N LYS I 108 24.53 -42.46 -65.48
CA LYS I 108 25.66 -41.85 -66.20
C LYS I 108 26.92 -42.71 -66.10
N LYS I 109 27.06 -43.51 -65.04
CA LYS I 109 28.30 -44.28 -64.87
C LYS I 109 28.31 -45.51 -65.78
N GLU I 110 27.29 -46.35 -65.68
CA GLU I 110 27.26 -47.62 -66.39
C GLU I 110 26.69 -47.50 -67.80
N GLU I 111 26.72 -46.30 -68.39
CA GLU I 111 26.32 -46.10 -69.78
C GLU I 111 27.34 -45.24 -70.51
N GLU I 112 28.59 -45.26 -70.06
CA GLU I 112 29.65 -44.46 -70.65
C GLU I 112 29.98 -44.95 -72.06
N ARG I 148 6.01 -50.38 -58.85
CA ARG I 148 5.55 -50.44 -57.47
C ARG I 148 6.56 -51.20 -56.60
N GLY I 149 7.12 -50.51 -55.61
CA GLY I 149 8.14 -51.09 -54.75
C GLY I 149 8.28 -50.41 -53.41
N GLY I 150 9.52 -50.19 -52.97
CA GLY I 150 9.74 -49.68 -51.63
C GLY I 150 9.15 -48.31 -51.40
N LEU I 151 9.18 -47.46 -52.42
CA LEU I 151 8.68 -46.09 -52.26
C LEU I 151 7.20 -46.09 -51.90
N LEU I 152 6.42 -46.97 -52.54
CA LEU I 152 5.00 -47.08 -52.20
C LEU I 152 4.80 -47.49 -50.75
N ARG I 153 5.62 -48.45 -50.29
CA ARG I 153 5.53 -48.90 -48.89
C ARG I 153 5.85 -47.76 -47.93
N THR I 154 6.88 -46.98 -48.23
CA THR I 154 7.23 -45.84 -47.38
C THR I 154 6.11 -44.81 -47.36
N TYR I 155 5.51 -44.55 -48.53
CA TYR I 155 4.39 -43.62 -48.60
C TYR I 155 3.24 -44.09 -47.71
N ILE I 156 2.90 -45.37 -47.80
CA ILE I 156 1.81 -45.91 -46.99
C ILE I 156 2.14 -45.78 -45.50
N ILE I 157 3.38 -46.10 -45.12
CA ILE I 157 3.76 -46.03 -43.72
C ILE I 157 3.65 -44.60 -43.20
N SER I 158 4.13 -43.64 -43.98
CA SER I 158 4.04 -42.23 -43.57
C SER I 158 2.59 -41.81 -43.40
N ILE I 159 1.73 -42.17 -44.35
CA ILE I 159 0.33 -41.78 -44.26
C ILE I 159 -0.32 -42.41 -43.04
N LEU I 160 0.05 -43.64 -42.71
CA LEU I 160 -0.50 -44.28 -41.52
C LEU I 160 -0.06 -43.55 -40.26
N PHE I 161 1.23 -43.21 -40.17
CA PHE I 161 1.75 -42.59 -38.95
C PHE I 161 1.16 -41.21 -38.72
N LYS I 162 0.90 -40.45 -39.79
CA LYS I 162 0.29 -39.14 -39.61
C LYS I 162 -1.06 -39.25 -38.93
N SER I 163 -1.90 -40.16 -39.42
CA SER I 163 -3.22 -40.37 -38.81
C SER I 163 -3.09 -40.89 -37.38
N ILE I 164 -2.14 -41.78 -37.13
CA ILE I 164 -1.94 -42.30 -35.79
C ILE I 164 -1.64 -41.15 -34.82
N PHE I 165 -0.73 -40.26 -35.21
CA PHE I 165 -0.39 -39.13 -34.35
C PHE I 165 -1.59 -38.22 -34.14
N GLU I 166 -2.35 -37.94 -35.21
CA GLU I 166 -3.54 -37.10 -35.05
C GLU I 166 -4.48 -37.69 -34.01
N VAL I 167 -4.79 -38.98 -34.14
CA VAL I 167 -5.74 -39.61 -33.23
C VAL I 167 -5.20 -39.59 -31.80
N ALA I 168 -3.92 -39.89 -31.64
CA ALA I 168 -3.34 -39.92 -30.29
C ALA I 168 -3.43 -38.55 -29.62
N PHE I 169 -3.08 -37.50 -30.35
CA PHE I 169 -3.14 -36.16 -29.77
C PHE I 169 -4.58 -35.77 -29.43
N LEU I 170 -5.52 -36.10 -30.31
CA LEU I 170 -6.92 -35.79 -30.01
C LEU I 170 -7.39 -36.50 -28.75
N LEU I 171 -7.04 -37.79 -28.61
CA LEU I 171 -7.45 -38.53 -27.43
C LEU I 171 -6.84 -37.96 -26.16
N ILE I 172 -5.55 -37.60 -26.21
CA ILE I 172 -4.91 -37.04 -25.02
C ILE I 172 -5.59 -35.72 -24.64
N GLN I 173 -5.85 -34.85 -25.63
CA GLN I 173 -6.51 -33.59 -25.33
C GLN I 173 -7.89 -33.81 -24.72
N TRP I 174 -8.64 -34.77 -25.27
CA TRP I 174 -9.96 -35.06 -24.71
C TRP I 174 -9.85 -35.53 -23.26
N TYR I 175 -8.87 -36.38 -22.97
CA TYR I 175 -8.74 -36.92 -21.62
C TYR I 175 -8.32 -35.86 -20.62
N ILE I 176 -7.38 -34.98 -21.00
CA ILE I 176 -6.80 -34.06 -20.02
C ILE I 176 -7.70 -32.86 -19.81
N TYR I 177 -8.11 -32.19 -20.88
CA TYR I 177 -8.82 -30.92 -20.79
C TYR I 177 -10.29 -31.04 -21.16
N GLY I 178 -10.58 -31.56 -22.35
CA GLY I 178 -11.91 -31.47 -22.92
C GLY I 178 -11.90 -30.53 -24.11
N PHE I 179 -13.02 -29.86 -24.36
CA PHE I 179 -13.10 -28.90 -25.46
C PHE I 179 -13.86 -27.66 -25.02
N SER I 180 -13.56 -27.17 -23.81
CA SER I 180 -14.19 -25.96 -23.29
C SER I 180 -13.44 -25.52 -22.05
N LEU I 181 -13.67 -24.27 -21.65
CA LEU I 181 -13.05 -23.71 -20.45
C LEU I 181 -14.11 -22.97 -19.65
N SER I 182 -14.03 -23.10 -18.32
CA SER I 182 -14.93 -22.43 -17.40
C SER I 182 -14.21 -21.28 -16.71
N ALA I 183 -14.98 -20.28 -16.31
CA ALA I 183 -14.40 -19.05 -15.77
C ALA I 183 -13.89 -19.22 -14.35
N VAL I 184 -14.48 -20.12 -13.57
CA VAL I 184 -14.15 -20.29 -12.16
C VAL I 184 -13.59 -21.68 -11.97
N TYR I 185 -12.48 -21.78 -11.22
CA TYR I 185 -11.81 -23.03 -10.93
C TYR I 185 -11.71 -23.20 -9.42
N THR I 186 -11.86 -24.43 -8.95
CA THR I 186 -11.79 -24.75 -7.53
C THR I 186 -10.52 -25.55 -7.26
N CYS I 187 -9.71 -25.06 -6.32
CA CYS I 187 -8.38 -25.59 -6.04
C CYS I 187 -8.35 -26.15 -4.63
N LYS I 188 -7.82 -27.36 -4.49
CA LYS I 188 -7.69 -28.04 -3.20
C LYS I 188 -6.30 -28.65 -3.05
N ARG I 189 -5.28 -27.83 -3.33
CA ARG I 189 -3.89 -28.23 -3.21
C ARG I 189 -3.21 -27.40 -2.14
N ASP I 190 -2.34 -28.06 -1.36
CA ASP I 190 -1.60 -27.35 -0.32
C ASP I 190 -0.66 -26.34 -0.96
N PRO I 191 -0.36 -25.23 -0.24
CA PRO I 191 -0.81 -24.86 1.11
C PRO I 191 -2.13 -24.12 1.17
N CYS I 192 -2.95 -24.15 0.13
CA CYS I 192 -4.22 -23.45 0.16
C CYS I 192 -5.12 -24.04 1.24
N PRO I 193 -5.74 -23.21 2.11
CA PRO I 193 -6.52 -23.75 3.24
C PRO I 193 -7.92 -24.17 2.84
N HIS I 194 -8.13 -25.48 2.76
CA HIS I 194 -9.42 -26.16 2.65
C HIS I 194 -10.10 -26.01 1.29
N GLN I 195 -9.78 -24.95 0.55
CA GLN I 195 -10.30 -24.74 -0.80
C GLN I 195 -9.92 -23.34 -1.26
N VAL I 196 -10.00 -23.07 -2.57
CA VAL I 196 -9.79 -21.73 -3.07
C VAL I 196 -10.52 -21.60 -4.41
N ASP I 197 -11.11 -20.43 -4.64
CA ASP I 197 -11.71 -20.09 -5.92
C ASP I 197 -10.75 -19.22 -6.71
N CYS I 198 -10.52 -19.59 -7.96
CA CYS I 198 -9.62 -18.87 -8.85
C CYS I 198 -10.33 -18.55 -10.15
N PHE I 199 -9.86 -17.50 -10.82
CA PHE I 199 -10.54 -16.95 -11.99
C PHE I 199 -9.57 -16.87 -13.15
N LEU I 200 -10.05 -17.25 -14.34
CA LEU I 200 -9.24 -17.36 -15.54
C LEU I 200 -9.35 -16.09 -16.39
N SER I 201 -8.51 -16.02 -17.42
CA SER I 201 -8.46 -14.91 -18.36
C SER I 201 -8.97 -15.38 -19.72
N ARG I 202 -9.89 -14.61 -20.29
CA ARG I 202 -10.43 -14.87 -21.63
C ARG I 202 -10.90 -16.32 -21.78
N PRO I 203 -11.87 -16.76 -20.98
CA PRO I 203 -12.34 -18.15 -21.07
C PRO I 203 -13.32 -18.42 -22.21
N THR I 204 -13.72 -17.42 -22.98
CA THR I 204 -14.69 -17.59 -24.06
C THR I 204 -14.04 -17.61 -25.43
N GLU I 205 -13.05 -16.75 -25.68
CA GLU I 205 -12.33 -16.75 -26.95
C GLU I 205 -11.59 -18.07 -27.15
N LYS I 206 -10.96 -18.57 -26.09
CA LYS I 206 -10.16 -19.78 -26.18
C LYS I 206 -11.01 -20.97 -26.57
N THR I 207 -12.26 -21.03 -26.10
CA THR I 207 -13.15 -22.10 -26.52
C THR I 207 -13.39 -22.05 -28.03
N ILE I 208 -13.60 -20.86 -28.58
CA ILE I 208 -13.81 -20.71 -30.01
C ILE I 208 -12.61 -21.23 -30.78
N PHE I 209 -11.41 -20.81 -30.36
CA PHE I 209 -10.21 -21.26 -31.06
C PHE I 209 -10.01 -22.77 -30.93
N ILE I 210 -10.32 -23.32 -29.76
CA ILE I 210 -10.21 -24.78 -29.57
C ILE I 210 -11.11 -25.51 -30.56
N ILE I 211 -12.35 -25.03 -30.71
CA ILE I 211 -13.27 -25.68 -31.64
C ILE I 211 -12.76 -25.57 -33.07
N PHE I 212 -12.24 -24.39 -33.44
CA PHE I 212 -11.65 -24.24 -34.77
C PHE I 212 -10.58 -25.28 -35.02
N MET I 213 -9.64 -25.41 -34.08
CA MET I 213 -8.53 -26.35 -34.28
C MET I 213 -9.03 -27.79 -34.34
N LEU I 214 -10.03 -28.12 -33.53
CA LEU I 214 -10.61 -29.47 -33.58
C LEU I 214 -11.17 -29.77 -34.97
N VAL I 215 -11.91 -28.82 -35.54
CA VAL I 215 -12.47 -29.02 -36.86
C VAL I 215 -11.37 -29.22 -37.89
N VAL I 216 -10.32 -28.40 -37.81
CA VAL I 216 -9.22 -28.53 -38.76
C VAL I 216 -8.58 -29.91 -38.66
N SER I 217 -8.36 -30.39 -37.44
CA SER I 217 -7.73 -31.70 -37.26
C SER I 217 -8.59 -32.81 -37.83
N LEU I 218 -9.91 -32.75 -37.60
CA LEU I 218 -10.79 -33.77 -38.14
C LEU I 218 -10.76 -33.78 -39.67
N VAL I 219 -10.77 -32.59 -40.28
CA VAL I 219 -10.71 -32.52 -41.74
C VAL I 219 -9.43 -33.15 -42.25
N SER I 220 -8.30 -32.84 -41.60
CA SER I 220 -7.03 -33.42 -42.02
C SER I 220 -7.06 -34.94 -41.91
N LEU I 221 -7.60 -35.46 -40.82
CA LEU I 221 -7.66 -36.91 -40.64
C LEU I 221 -8.47 -37.56 -41.75
N ALA I 222 -9.63 -37.00 -42.07
CA ALA I 222 -10.46 -37.56 -43.13
C ALA I 222 -9.73 -37.56 -44.47
N LEU I 223 -9.10 -36.42 -44.79
CA LEU I 223 -8.39 -36.33 -46.07
C LEU I 223 -7.24 -37.31 -46.14
N ASN I 224 -6.60 -37.61 -45.01
CA ASN I 224 -5.53 -38.60 -45.03
C ASN I 224 -6.06 -40.02 -45.17
N ILE I 225 -7.20 -40.34 -44.58
CA ILE I 225 -7.76 -41.68 -44.71
C ILE I 225 -8.19 -41.94 -46.14
N ILE I 226 -8.74 -40.92 -46.81
CA ILE I 226 -9.19 -41.10 -48.19
C ILE I 226 -8.04 -41.59 -49.07
N GLU I 227 -6.84 -41.03 -48.87
CA GLU I 227 -5.71 -41.42 -49.70
C GLU I 227 -5.36 -42.89 -49.51
N LEU I 228 -5.38 -43.37 -48.25
CA LEU I 228 -5.11 -44.78 -48.00
C LEU I 228 -6.12 -45.66 -48.70
N PHE I 229 -7.41 -45.31 -48.59
CA PHE I 229 -8.42 -46.13 -49.25
C PHE I 229 -8.21 -46.17 -50.76
N TYR I 230 -7.93 -45.00 -51.36
CA TYR I 230 -7.71 -44.95 -52.80
C TYR I 230 -6.51 -45.80 -53.21
N VAL I 231 -5.41 -45.69 -52.47
CA VAL I 231 -4.20 -46.43 -52.81
C VAL I 231 -4.45 -47.92 -52.73
N PHE I 232 -5.11 -48.37 -51.65
CA PHE I 232 -5.34 -49.81 -51.50
C PHE I 232 -6.29 -50.33 -52.57
N PHE I 233 -7.32 -49.55 -52.92
CA PHE I 233 -8.21 -50.00 -53.99
C PHE I 233 -7.46 -50.13 -55.30
N LYS I 234 -6.62 -49.14 -55.64
CA LYS I 234 -5.86 -49.25 -56.87
C LYS I 234 -4.91 -50.45 -56.85
N GLY I 235 -4.27 -50.70 -55.71
CA GLY I 235 -3.34 -51.81 -55.61
C GLY I 235 -4.01 -53.17 -55.61
N VAL I 236 -5.28 -53.24 -55.21
CA VAL I 236 -5.99 -54.51 -55.18
C VAL I 236 -6.65 -54.81 -56.52
N LYS I 237 -7.34 -53.82 -57.11
CA LYS I 237 -8.03 -54.10 -58.37
C LYS I 237 -7.04 -54.41 -59.49
N ASP I 238 -5.86 -53.82 -59.46
CA ASP I 238 -4.84 -54.08 -60.47
C ASP I 238 -3.48 -54.32 -59.82
N GLY J 2 21.62 -20.79 -63.40
CA GLY J 2 21.94 -20.87 -61.99
C GLY J 2 21.91 -22.30 -61.46
N ASP J 3 22.76 -23.15 -62.03
CA ASP J 3 22.83 -24.55 -61.60
C ASP J 3 23.72 -24.67 -60.38
N TRP J 4 23.20 -25.34 -59.34
CA TRP J 4 23.94 -25.52 -58.09
C TRP J 4 24.63 -26.88 -58.09
N SER J 5 25.66 -27.00 -58.92
CA SER J 5 26.42 -28.23 -59.04
C SER J 5 27.60 -28.31 -58.09
N ALA J 6 28.24 -27.18 -57.78
CA ALA J 6 29.34 -27.19 -56.82
C ALA J 6 28.86 -27.56 -55.43
N LEU J 7 27.64 -27.13 -55.08
CA LEU J 7 27.05 -27.59 -53.81
C LEU J 7 26.89 -29.10 -53.80
N GLY J 8 26.45 -29.67 -54.93
CA GLY J 8 26.32 -31.12 -55.00
C GLY J 8 27.66 -31.82 -54.84
N LYS J 9 28.70 -31.30 -55.49
CA LYS J 9 30.03 -31.89 -55.35
C LYS J 9 30.50 -31.83 -53.90
N LEU J 10 30.33 -30.68 -53.25
CA LEU J 10 30.74 -30.56 -51.86
C LEU J 10 29.95 -31.51 -50.97
N LEU J 11 28.64 -31.61 -51.19
CA LEU J 11 27.82 -32.50 -50.39
C LEU J 11 28.24 -33.95 -50.56
N ASP J 12 28.51 -34.37 -51.81
CA ASP J 12 28.92 -35.74 -52.04
C ASP J 12 30.28 -36.02 -51.41
N LYS J 13 31.20 -35.07 -51.47
CA LYS J 13 32.51 -35.27 -50.87
C LYS J 13 32.42 -35.35 -49.35
N VAL J 14 31.57 -34.51 -48.74
CA VAL J 14 31.46 -34.49 -47.29
C VAL J 14 30.87 -35.79 -46.77
N GLN J 15 29.88 -36.34 -47.46
CA GLN J 15 29.14 -37.53 -47.01
C GLN J 15 29.60 -38.79 -47.72
N ALA J 16 30.89 -38.90 -48.00
CA ALA J 16 31.38 -40.06 -48.73
C ALA J 16 31.39 -41.32 -47.87
N TYR J 17 31.77 -41.19 -46.60
CA TYR J 17 31.94 -42.34 -45.72
C TYR J 17 30.71 -42.63 -44.87
N SER J 18 29.62 -41.88 -45.03
CA SER J 18 28.44 -42.04 -44.20
C SER J 18 27.52 -43.12 -44.77
N THR J 19 26.67 -43.66 -43.89
CA THR J 19 25.69 -44.65 -44.29
C THR J 19 24.50 -43.97 -44.97
N ALA J 20 23.59 -44.79 -45.48
CA ALA J 20 22.39 -44.27 -46.12
C ALA J 20 21.44 -43.66 -45.11
N GLY J 21 21.21 -44.36 -43.99
CA GLY J 21 20.29 -43.84 -42.99
C GLY J 21 20.79 -42.57 -42.33
N GLY J 22 22.09 -42.51 -42.02
CA GLY J 22 22.64 -41.35 -41.33
C GLY J 22 22.47 -40.05 -42.09
N LYS J 23 22.32 -40.12 -43.41
CA LYS J 23 22.12 -38.92 -44.20
C LYS J 23 20.74 -38.30 -44.00
N VAL J 24 19.82 -38.98 -43.31
CA VAL J 24 18.43 -38.55 -43.24
C VAL J 24 18.03 -38.22 -41.80
N TRP J 25 18.13 -39.22 -40.92
CA TRP J 25 17.66 -39.04 -39.55
C TRP J 25 18.48 -37.98 -38.83
N LEU J 26 19.81 -38.00 -38.99
CA LEU J 26 20.66 -37.06 -38.29
C LEU J 26 20.42 -35.63 -38.78
N SER J 27 20.10 -35.46 -40.05
CA SER J 27 19.81 -34.13 -40.58
C SER J 27 18.44 -33.62 -40.10
N VAL J 28 17.44 -34.50 -40.10
CA VAL J 28 16.10 -34.08 -39.68
C VAL J 28 16.07 -33.79 -38.18
N LEU J 29 16.86 -34.53 -37.40
CA LEU J 29 16.84 -34.35 -35.96
C LEU J 29 17.33 -32.95 -35.57
N PHE J 30 18.31 -32.42 -36.31
CA PHE J 30 18.80 -31.08 -36.02
C PHE J 30 17.70 -30.04 -36.22
N ILE J 31 16.94 -30.15 -37.30
CA ILE J 31 15.84 -29.23 -37.56
C ILE J 31 14.79 -29.36 -36.48
N PHE J 32 14.44 -30.60 -36.13
CA PHE J 32 13.48 -30.83 -35.06
C PHE J 32 13.93 -30.16 -33.77
N ARG J 33 15.21 -30.33 -33.43
CA ARG J 33 15.76 -29.78 -32.21
C ARG J 33 15.67 -28.26 -32.19
N ILE J 34 16.12 -27.61 -33.27
CA ILE J 34 16.13 -26.15 -33.27
C ILE J 34 14.72 -25.59 -33.26
N LEU J 35 13.80 -26.22 -34.01
CA LEU J 35 12.42 -25.74 -34.01
C LEU J 35 11.81 -25.84 -32.63
N LEU J 36 11.96 -27.00 -31.98
CA LEU J 36 11.39 -27.19 -30.65
C LEU J 36 12.01 -26.21 -29.66
N LEU J 37 13.32 -26.00 -29.74
CA LEU J 37 13.98 -25.09 -28.81
C LEU J 37 13.50 -23.65 -29.02
N GLY J 38 13.34 -23.22 -30.27
CA GLY J 38 13.03 -21.82 -30.53
C GLY J 38 11.57 -21.47 -30.39
N THR J 39 10.67 -22.43 -30.59
CA THR J 39 9.25 -22.12 -30.59
C THR J 39 8.58 -22.29 -29.23
N ALA J 40 8.68 -23.49 -28.65
CA ALA J 40 7.87 -23.84 -27.49
C ALA J 40 8.57 -23.52 -26.17
N VAL J 41 9.74 -24.11 -25.93
CA VAL J 41 10.34 -24.06 -24.60
C VAL J 41 10.76 -22.64 -24.24
N GLU J 42 11.22 -21.87 -25.22
CA GLU J 42 11.80 -20.56 -24.92
C GLU J 42 10.79 -19.62 -24.28
N SER J 43 9.49 -19.83 -24.50
CA SER J 43 8.47 -18.97 -23.93
C SER J 43 8.01 -19.41 -22.55
N ALA J 44 8.19 -20.69 -22.21
CA ALA J 44 7.78 -21.16 -20.90
C ALA J 44 8.72 -20.69 -19.80
N TRP J 45 9.97 -20.39 -20.15
CA TRP J 45 10.97 -19.93 -19.20
C TRP J 45 11.04 -18.41 -19.09
N GLY J 46 10.13 -17.69 -19.74
CA GLY J 46 10.21 -16.24 -19.73
C GLY J 46 10.02 -15.65 -18.34
N ASP J 47 8.96 -16.06 -17.65
CA ASP J 47 8.67 -15.56 -16.31
C ASP J 47 9.22 -16.50 -15.24
N GLU J 48 10.51 -16.80 -15.31
CA GLU J 48 11.13 -17.71 -14.36
C GLU J 48 11.58 -17.00 -13.09
N GLN J 49 11.82 -15.70 -13.14
CA GLN J 49 12.23 -14.92 -11.98
C GLN J 49 11.18 -13.93 -11.51
N SER J 50 10.32 -13.46 -12.40
CA SER J 50 9.27 -12.53 -11.99
C SER J 50 8.16 -13.21 -11.23
N ALA J 51 7.88 -14.48 -11.53
CA ALA J 51 6.83 -15.24 -10.87
C ALA J 51 7.38 -16.14 -9.75
N PHE J 52 8.65 -15.98 -9.41
CA PHE J 52 9.26 -16.73 -8.32
C PHE J 52 9.02 -15.97 -7.02
N ARG J 53 8.41 -16.65 -6.05
CA ARG J 53 7.97 -16.01 -4.80
C ARG J 53 8.48 -16.79 -3.60
N CYS J 54 8.79 -16.05 -2.54
CA CYS J 54 9.23 -16.61 -1.27
C CYS J 54 8.43 -15.99 -0.14
N ASN J 55 8.26 -16.75 0.94
CA ASN J 55 7.46 -16.31 2.09
C ASN J 55 8.39 -15.69 3.12
N THR J 56 8.51 -14.37 3.09
CA THR J 56 9.31 -13.64 4.06
C THR J 56 9.16 -12.15 3.79
N GLN J 57 9.55 -11.35 4.79
CA GLN J 57 9.64 -9.91 4.66
C GLN J 57 11.07 -9.41 4.48
N GLN J 58 12.06 -10.28 4.59
CA GLN J 58 13.46 -9.87 4.54
C GLN J 58 13.82 -9.42 3.14
N PRO J 59 14.29 -8.19 2.95
CA PRO J 59 14.73 -7.77 1.61
C PRO J 59 16.05 -8.42 1.22
N GLY J 60 16.03 -9.14 0.10
CA GLY J 60 17.21 -9.78 -0.43
C GLY J 60 17.20 -11.30 -0.40
N CYS J 61 16.23 -11.92 0.25
CA CYS J 61 16.21 -13.38 0.31
C CYS J 61 15.79 -13.99 -1.02
N GLU J 62 14.86 -13.35 -1.74
CA GLU J 62 14.41 -13.88 -3.01
C GLU J 62 15.55 -13.99 -4.01
N ASN J 63 16.37 -12.95 -4.12
CA ASN J 63 17.46 -12.94 -5.09
C ASN J 63 18.44 -14.07 -4.82
N VAL J 64 18.91 -14.18 -3.58
CA VAL J 64 19.92 -15.18 -3.24
C VAL J 64 19.34 -16.58 -3.37
N CYS J 65 18.08 -16.77 -2.98
CA CYS J 65 17.49 -18.09 -3.06
C CYS J 65 17.25 -18.52 -4.50
N TYR J 66 16.85 -17.59 -5.36
CA TYR J 66 16.75 -17.91 -6.79
C TYR J 66 18.11 -18.26 -7.37
N ASP J 67 19.14 -17.48 -7.04
CA ASP J 67 20.47 -17.77 -7.54
C ASP J 67 20.98 -19.11 -7.04
N LYS J 68 20.58 -19.51 -5.84
CA LYS J 68 20.98 -20.82 -5.32
C LYS J 68 20.22 -21.96 -5.99
N SER J 69 18.94 -21.74 -6.29
CA SER J 69 18.15 -22.80 -6.91
C SER J 69 18.54 -23.02 -8.36
N PHE J 70 18.77 -21.95 -9.11
CA PHE J 70 19.04 -22.01 -10.55
C PHE J 70 20.36 -21.33 -10.85
N PRO J 71 21.49 -22.04 -10.68
CA PRO J 71 22.78 -21.46 -11.08
C PRO J 71 22.88 -21.19 -12.57
N ILE J 72 22.12 -21.89 -13.40
CA ILE J 72 22.10 -21.63 -14.84
C ILE J 72 20.80 -22.19 -15.39
N SER J 73 20.14 -21.42 -16.24
CA SER J 73 18.86 -21.82 -16.79
C SER J 73 19.04 -22.98 -17.77
N HIS J 74 17.97 -23.76 -17.93
CA HIS J 74 18.01 -24.92 -18.79
C HIS J 74 18.15 -24.53 -20.26
N VAL J 75 17.46 -23.47 -20.68
CA VAL J 75 17.46 -23.10 -22.09
C VAL J 75 18.86 -22.73 -22.55
N ARG J 76 19.60 -21.97 -21.75
CA ARG J 76 20.95 -21.57 -22.12
C ARG J 76 21.91 -22.75 -22.07
N PHE J 77 21.70 -23.66 -21.12
CA PHE J 77 22.45 -24.91 -21.10
C PHE J 77 22.26 -25.68 -22.39
N TRP J 78 21.02 -25.77 -22.87
CA TRP J 78 20.74 -26.49 -24.11
C TRP J 78 21.32 -25.76 -25.32
N VAL J 79 21.30 -24.43 -25.30
CA VAL J 79 21.91 -23.67 -26.40
C VAL J 79 23.41 -23.96 -26.46
N LEU J 80 24.08 -23.94 -25.31
CA LEU J 80 25.49 -24.31 -25.29
C LEU J 80 25.70 -25.73 -25.78
N GLN J 81 24.84 -26.66 -25.35
CA GLN J 81 24.97 -28.05 -25.75
C GLN J 81 24.88 -28.20 -27.26
N ILE J 82 23.90 -27.54 -27.88
CA ILE J 82 23.71 -27.68 -29.31
C ILE J 82 24.75 -26.91 -30.11
N ILE J 83 25.37 -25.88 -29.52
CA ILE J 83 26.45 -25.20 -30.21
C ILE J 83 27.72 -26.04 -30.18
N PHE J 84 28.05 -26.61 -29.03
CA PHE J 84 29.27 -27.41 -28.92
C PHE J 84 29.21 -28.69 -29.74
N VAL J 85 28.02 -29.16 -30.10
CA VAL J 85 27.90 -30.43 -30.81
C VAL J 85 27.99 -30.26 -32.33
N SER J 86 27.85 -29.03 -32.84
CA SER J 86 27.74 -28.81 -34.27
C SER J 86 28.98 -28.15 -34.89
N VAL J 87 29.94 -27.71 -34.10
CA VAL J 87 31.10 -27.00 -34.63
C VAL J 87 32.06 -27.96 -35.34
N PRO J 88 32.25 -29.21 -34.87
CA PRO J 88 33.18 -30.10 -35.58
C PRO J 88 32.79 -30.32 -37.03
N THR J 89 31.49 -30.45 -37.31
CA THR J 89 31.05 -30.64 -38.69
C THR J 89 31.37 -29.43 -39.54
N LEU J 90 31.19 -28.23 -39.00
CA LEU J 90 31.52 -27.02 -39.74
C LEU J 90 33.01 -26.95 -40.03
N LEU J 91 33.84 -27.30 -39.05
CA LEU J 91 35.29 -27.33 -39.27
C LEU J 91 35.64 -28.31 -40.38
N TYR J 92 35.06 -29.51 -40.34
CA TYR J 92 35.34 -30.51 -41.37
C TYR J 92 34.89 -30.03 -42.74
N LEU J 93 33.74 -29.37 -42.80
CA LEU J 93 33.23 -28.86 -44.07
C LEU J 93 34.17 -27.82 -44.66
N ALA J 94 34.64 -26.89 -43.82
CA ALA J 94 35.59 -25.89 -44.30
C ALA J 94 36.89 -26.54 -44.78
N HIS J 95 37.38 -27.54 -44.03
CA HIS J 95 38.58 -28.24 -44.43
C HIS J 95 38.41 -28.88 -45.81
N VAL J 96 37.26 -29.54 -46.03
CA VAL J 96 37.00 -30.18 -47.31
C VAL J 96 36.92 -29.14 -48.42
N PHE J 97 36.26 -28.01 -48.15
CA PHE J 97 36.15 -26.95 -49.14
C PHE J 97 37.53 -26.49 -49.60
N TYR J 98 38.41 -26.17 -48.65
CA TYR J 98 39.73 -25.68 -49.01
C TYR J 98 40.54 -26.76 -49.73
N VAL J 99 40.43 -28.02 -49.28
CA VAL J 99 41.16 -29.09 -49.93
C VAL J 99 40.71 -29.24 -51.38
N MET J 100 39.41 -29.17 -51.63
CA MET J 100 38.90 -29.28 -52.99
C MET J 100 39.41 -28.14 -53.86
N ARG J 101 39.40 -26.91 -53.32
CA ARG J 101 39.91 -25.79 -54.11
C ARG J 101 41.38 -25.98 -54.46
N LYS J 102 42.17 -26.43 -53.49
CA LYS J 102 43.59 -26.65 -53.75
C LYS J 102 43.80 -27.75 -54.78
N GLU J 103 43.03 -28.83 -54.70
CA GLU J 103 43.16 -29.91 -55.68
C GLU J 103 42.80 -29.43 -57.07
N GLU J 104 41.74 -28.63 -57.20
CA GLU J 104 41.39 -28.10 -58.52
C GLU J 104 42.51 -27.21 -59.07
N LYS J 105 43.07 -26.35 -58.22
CA LYS J 105 44.18 -25.50 -58.68
C LYS J 105 45.37 -26.35 -59.13
N LEU J 106 45.70 -27.39 -58.36
CA LEU J 106 46.81 -28.26 -58.74
C LEU J 106 46.54 -28.94 -60.08
N ASN J 107 45.32 -29.45 -60.26
CA ASN J 107 44.98 -30.15 -61.49
C ASN J 107 45.11 -29.22 -62.69
N LYS J 108 44.63 -27.99 -62.57
CA LYS J 108 44.69 -27.08 -63.72
C LYS J 108 46.09 -26.52 -63.94
N LYS J 109 46.90 -26.43 -62.89
CA LYS J 109 48.22 -25.82 -63.04
C LYS J 109 49.21 -26.79 -63.69
N GLU J 110 49.37 -27.98 -63.12
CA GLU J 110 50.38 -28.93 -63.57
C GLU J 110 49.89 -29.84 -64.69
N GLU J 111 48.86 -29.41 -65.43
CA GLU J 111 48.38 -30.13 -66.60
C GLU J 111 48.17 -29.18 -67.77
N GLU J 112 48.89 -28.06 -67.78
CA GLU J 112 48.75 -27.05 -68.83
C GLU J 112 49.26 -27.59 -70.17
N ARG J 148 41.68 -43.82 -48.77
CA ARG J 148 41.57 -43.68 -47.32
C ARG J 148 42.80 -42.97 -46.76
N GLY J 149 42.58 -41.80 -46.14
CA GLY J 149 43.67 -41.01 -45.62
C GLY J 149 43.27 -40.06 -44.52
N GLY J 150 43.79 -38.82 -44.59
CA GLY J 150 43.56 -37.88 -43.50
C GLY J 150 42.10 -37.54 -43.30
N LEU J 151 41.33 -37.44 -44.39
CA LEU J 151 39.94 -37.06 -44.27
C LEU J 151 39.16 -38.06 -43.42
N LEU J 152 39.42 -39.35 -43.60
CA LEU J 152 38.78 -40.37 -42.79
C LEU J 152 39.12 -40.18 -41.32
N ARG J 153 40.38 -39.89 -41.02
CA ARG J 153 40.80 -39.68 -39.64
C ARG J 153 40.08 -38.47 -39.03
N THR J 154 39.96 -37.38 -39.79
CA THR J 154 39.25 -36.20 -39.30
C THR J 154 37.79 -36.52 -39.05
N TYR J 155 37.16 -37.28 -39.96
CA TYR J 155 35.78 -37.68 -39.78
C TYR J 155 35.60 -38.47 -38.49
N ILE J 156 36.49 -39.43 -38.24
CA ILE J 156 36.40 -40.24 -37.03
C ILE J 156 36.56 -39.37 -35.80
N ILE J 157 37.52 -38.44 -35.83
CA ILE J 157 37.75 -37.58 -34.67
C ILE J 157 36.52 -36.73 -34.38
N SER J 158 35.93 -36.15 -35.42
CA SER J 158 34.73 -35.34 -35.22
C SER J 158 33.59 -36.16 -34.62
N ILE J 159 33.38 -37.36 -35.16
CA ILE J 159 32.30 -38.20 -34.65
C ILE J 159 32.55 -38.56 -33.18
N LEU J 160 33.81 -38.80 -32.83
CA LEU J 160 34.12 -39.11 -31.43
C LEU J 160 33.83 -37.92 -30.52
N PHE J 161 34.24 -36.72 -30.95
CA PHE J 161 34.08 -35.54 -30.11
C PHE J 161 32.62 -35.19 -29.90
N LYS J 162 31.78 -35.39 -30.91
CA LYS J 162 30.35 -35.10 -30.75
C LYS J 162 29.76 -35.95 -29.62
N SER J 163 30.04 -37.25 -29.64
CA SER J 163 29.54 -38.14 -28.59
C SER J 163 30.13 -37.77 -27.24
N ILE J 164 31.41 -37.41 -27.20
CA ILE J 164 32.04 -37.02 -25.94
C ILE J 164 31.30 -35.83 -25.32
N PHE J 165 31.02 -34.82 -26.14
CA PHE J 165 30.31 -33.65 -25.63
C PHE J 165 28.91 -34.01 -25.17
N GLU J 166 28.19 -34.84 -25.94
CA GLU J 166 26.86 -35.26 -25.52
C GLU J 166 26.91 -35.90 -24.13
N VAL J 167 27.81 -36.86 -23.94
CA VAL J 167 27.89 -37.57 -22.66
C VAL J 167 28.26 -36.61 -21.54
N ALA J 168 29.21 -35.72 -21.78
CA ALA J 168 29.63 -34.79 -20.74
C ALA J 168 28.48 -33.89 -20.30
N PHE J 169 27.73 -33.35 -21.26
CA PHE J 169 26.61 -32.48 -20.91
C PHE J 169 25.53 -33.25 -20.17
N LEU J 170 25.24 -34.48 -20.60
CA LEU J 170 24.24 -35.27 -19.88
C LEU J 170 24.67 -35.53 -18.43
N LEU J 171 25.95 -35.88 -18.23
CA LEU J 171 26.42 -36.15 -16.88
C LEU J 171 26.35 -34.89 -16.01
N ILE J 172 26.75 -33.74 -16.55
CA ILE J 172 26.68 -32.51 -15.77
C ILE J 172 25.25 -32.19 -15.39
N GLN J 173 24.31 -32.32 -16.34
CA GLN J 173 22.91 -32.05 -16.04
C GLN J 173 22.39 -32.99 -14.97
N TRP J 174 22.76 -34.27 -15.05
CA TRP J 174 22.32 -35.23 -14.03
C TRP J 174 22.87 -34.84 -12.66
N TYR J 175 24.13 -34.44 -12.60
CA TYR J 175 24.73 -34.11 -11.30
C TYR J 175 24.12 -32.85 -10.70
N ILE J 176 23.87 -31.82 -11.51
CA ILE J 176 23.48 -30.53 -10.96
C ILE J 176 21.99 -30.51 -10.63
N TYR J 177 21.15 -30.88 -11.58
CA TYR J 177 19.70 -30.73 -11.45
C TYR J 177 18.99 -32.06 -11.27
N GLY J 178 19.20 -33.00 -12.18
CA GLY J 178 18.36 -34.18 -12.25
C GLY J 178 17.51 -34.13 -13.50
N PHE J 179 16.32 -34.73 -13.46
CA PHE J 179 15.40 -34.70 -14.59
C PHE J 179 13.98 -34.48 -14.11
N SER J 180 13.80 -33.54 -13.18
CA SER J 180 12.49 -33.20 -12.66
C SER J 180 12.61 -31.92 -11.84
N LEU J 181 11.46 -31.30 -11.59
CA LEU J 181 11.38 -30.09 -10.79
C LEU J 181 10.25 -30.21 -9.79
N SER J 182 10.48 -29.72 -8.57
CA SER J 182 9.49 -29.71 -7.51
C SER J 182 8.96 -28.29 -7.30
N ALA J 183 7.72 -28.21 -6.82
CA ALA J 183 7.04 -26.93 -6.72
C ALA J 183 7.55 -26.09 -5.55
N VAL J 184 8.03 -26.72 -4.48
CA VAL J 184 8.44 -26.02 -3.27
C VAL J 184 9.93 -26.25 -3.06
N TYR J 185 10.65 -25.18 -2.75
CA TYR J 185 12.08 -25.20 -2.52
C TYR J 185 12.37 -24.64 -1.14
N THR J 186 13.36 -25.22 -0.46
CA THR J 186 13.75 -24.80 0.89
C THR J 186 15.12 -24.14 0.82
N CYS J 187 15.21 -22.92 1.33
CA CYS J 187 16.39 -22.08 1.21
C CYS J 187 16.96 -21.80 2.59
N LYS J 188 18.27 -21.97 2.73
CA LYS J 188 18.99 -21.75 3.97
C LYS J 188 20.26 -20.95 3.72
N ARG J 189 20.12 -19.85 2.99
CA ARG J 189 21.21 -18.95 2.67
C ARG J 189 20.94 -17.58 3.30
N ASP J 190 22.01 -16.97 3.81
CA ASP J 190 21.88 -15.64 4.41
C ASP J 190 21.50 -14.63 3.34
N PRO J 191 20.78 -13.56 3.72
CA PRO J 191 20.32 -13.19 5.07
C PRO J 191 18.98 -13.81 5.48
N CYS J 192 18.50 -14.84 4.80
CA CYS J 192 17.22 -15.44 5.16
C CYS J 192 17.30 -16.02 6.57
N PRO J 193 16.33 -15.75 7.45
CA PRO J 193 16.43 -16.19 8.85
C PRO J 193 15.99 -17.64 9.04
N HIS J 194 16.98 -18.52 9.24
CA HIS J 194 16.85 -19.90 9.68
C HIS J 194 16.26 -20.84 8.65
N GLN J 195 15.50 -20.33 7.68
CA GLN J 195 14.96 -21.12 6.59
C GLN J 195 13.96 -20.28 5.81
N VAL J 196 13.62 -20.69 4.59
CA VAL J 196 12.56 -20.02 3.85
C VAL J 196 11.98 -21.02 2.85
N ASP J 197 10.67 -20.94 2.65
CA ASP J 197 9.98 -21.71 1.62
C ASP J 197 9.72 -20.81 0.42
N CYS J 198 10.08 -21.30 -0.77
CA CYS J 198 9.92 -20.56 -2.01
C CYS J 198 9.16 -21.44 -3.01
N PHE J 199 8.49 -20.78 -3.96
CA PHE J 199 7.61 -21.45 -4.89
C PHE J 199 7.98 -21.11 -6.31
N LEU J 200 7.97 -22.11 -7.19
CA LEU J 200 8.41 -22.01 -8.56
C LEU J 200 7.25 -21.75 -9.50
N SER J 201 7.59 -21.46 -10.75
CA SER J 201 6.62 -21.20 -11.82
C SER J 201 6.64 -22.34 -12.83
N ARG J 202 5.47 -22.86 -13.16
CA ARG J 202 5.32 -23.91 -14.15
C ARG J 202 6.28 -25.09 -13.92
N PRO J 203 6.16 -25.76 -12.76
CA PRO J 203 7.07 -26.87 -12.47
C PRO J 203 6.70 -28.19 -13.13
N THR J 204 5.60 -28.26 -13.87
CA THR J 204 5.15 -29.50 -14.51
C THR J 204 5.43 -29.53 -16.00
N GLU J 205 5.23 -28.42 -16.70
CA GLU J 205 5.54 -28.35 -18.12
C GLU J 205 7.03 -28.54 -18.36
N LYS J 206 7.85 -27.92 -17.53
CA LYS J 206 9.29 -27.97 -17.70
C LYS J 206 9.81 -29.40 -17.58
N THR J 207 9.21 -30.20 -16.70
CA THR J 207 9.60 -31.61 -16.61
C THR J 207 9.34 -32.33 -17.93
N ILE J 208 8.19 -32.07 -18.55
CA ILE J 208 7.86 -32.69 -19.82
C ILE J 208 8.90 -32.33 -20.87
N PHE J 209 9.23 -31.04 -20.96
CA PHE J 209 10.21 -30.61 -21.97
C PHE J 209 11.59 -31.20 -21.68
N ILE J 210 11.97 -31.29 -20.40
CA ILE J 210 13.24 -31.89 -20.04
C ILE J 210 13.32 -33.33 -20.52
N ILE J 211 12.24 -34.09 -20.31
CA ILE J 211 12.23 -35.48 -20.74
C ILE J 211 12.32 -35.58 -22.26
N PHE J 212 11.60 -34.70 -22.97
CA PHE J 212 11.70 -34.68 -24.42
C PHE J 212 13.15 -34.48 -24.88
N MET J 213 13.82 -33.48 -24.32
CA MET J 213 15.18 -33.19 -24.73
C MET J 213 16.12 -34.35 -24.39
N LEU J 214 15.91 -34.98 -23.24
CA LEU J 214 16.72 -36.15 -22.88
C LEU J 214 16.59 -37.25 -23.92
N VAL J 215 15.35 -37.54 -24.33
CA VAL J 215 15.14 -38.58 -25.33
C VAL J 215 15.84 -38.22 -26.64
N VAL J 216 15.72 -36.96 -27.06
CA VAL J 216 16.37 -36.53 -28.30
C VAL J 216 17.88 -36.73 -28.22
N SER J 217 18.47 -36.35 -27.08
CA SER J 217 19.92 -36.49 -26.93
C SER J 217 20.35 -37.95 -26.99
N LEU J 218 19.60 -38.83 -26.33
CA LEU J 218 19.94 -40.25 -26.36
C LEU J 218 19.88 -40.79 -27.78
N VAL J 219 18.84 -40.42 -28.53
CA VAL J 219 18.71 -40.89 -29.91
C VAL J 219 19.92 -40.43 -30.73
N SER J 220 20.30 -39.16 -30.57
CA SER J 220 21.44 -38.64 -31.32
C SER J 220 22.72 -39.40 -30.97
N LEU J 221 22.93 -39.68 -29.69
CA LEU J 221 24.13 -40.41 -29.28
C LEU J 221 24.17 -41.80 -29.92
N ALA J 222 23.04 -42.51 -29.90
CA ALA J 222 23.01 -43.84 -30.50
C ALA J 222 23.31 -43.78 -31.99
N LEU J 223 22.68 -42.83 -32.70
CA LEU J 223 22.90 -42.72 -34.13
C LEU J 223 24.35 -42.38 -34.44
N ASN J 224 25.01 -41.62 -33.58
CA ASN J 224 26.43 -41.32 -33.81
C ASN J 224 27.32 -42.51 -33.54
N ILE J 225 27.00 -43.33 -32.54
CA ILE J 225 27.82 -44.51 -32.26
C ILE J 225 27.72 -45.53 -33.39
N ILE J 226 26.53 -45.65 -33.99
CA ILE J 226 26.34 -46.61 -35.07
C ILE J 226 27.32 -46.32 -36.21
N GLU J 227 27.51 -45.04 -36.54
CA GLU J 227 28.40 -44.68 -37.63
C GLU J 227 29.83 -45.11 -37.34
N LEU J 228 30.30 -44.90 -36.10
CA LEU J 228 31.65 -45.34 -35.74
C LEU J 228 31.80 -46.83 -35.90
N PHE J 229 30.82 -47.60 -35.41
CA PHE J 229 30.91 -49.05 -35.55
C PHE J 229 30.97 -49.46 -37.00
N TYR J 230 30.11 -48.88 -37.83
CA TYR J 230 30.09 -49.22 -39.26
C TYR J 230 31.42 -48.90 -39.92
N VAL J 231 31.97 -47.72 -39.63
CA VAL J 231 33.22 -47.30 -40.25
C VAL J 231 34.35 -48.25 -39.86
N PHE J 232 34.44 -48.58 -38.56
CA PHE J 232 35.52 -49.44 -38.11
C PHE J 232 35.38 -50.85 -38.69
N PHE J 233 34.15 -51.37 -38.78
CA PHE J 233 33.97 -52.68 -39.39
C PHE J 233 34.41 -52.68 -40.85
N LYS J 234 34.03 -51.64 -41.59
CA LYS J 234 34.44 -51.57 -42.99
C LYS J 234 35.96 -51.47 -43.11
N GLY J 235 36.59 -50.67 -42.24
CA GLY J 235 38.03 -50.50 -42.31
C GLY J 235 38.81 -51.72 -41.86
N VAL J 236 38.20 -52.58 -41.03
CA VAL J 236 38.88 -53.78 -40.56
C VAL J 236 38.70 -54.95 -41.52
N LYS J 237 37.47 -55.19 -41.98
CA LYS J 237 37.24 -56.33 -42.87
C LYS J 237 37.97 -56.15 -44.19
N ASP J 238 38.12 -54.93 -44.68
CA ASP J 238 38.83 -54.66 -45.92
C ASP J 238 39.80 -53.50 -45.74
N GLY K 2 25.02 -17.96 -62.98
CA GLY K 2 25.35 -17.24 -61.77
C GLY K 2 26.57 -17.83 -61.06
N ASP K 3 27.71 -17.83 -61.74
CA ASP K 3 28.94 -18.36 -61.16
C ASP K 3 29.60 -17.29 -60.31
N TRP K 4 29.95 -17.66 -59.07
CA TRP K 4 30.58 -16.73 -58.14
C TRP K 4 32.09 -16.93 -58.16
N SER K 5 32.69 -16.50 -59.27
CA SER K 5 34.14 -16.62 -59.45
C SER K 5 34.91 -15.40 -58.97
N ALA K 6 34.33 -14.20 -59.08
CA ALA K 6 35.01 -13.02 -58.57
C ALA K 6 35.14 -13.07 -57.06
N LEU K 7 34.15 -13.63 -56.37
CA LEU K 7 34.29 -13.85 -54.94
C LEU K 7 35.46 -14.77 -54.63
N GLY K 8 35.63 -15.83 -55.43
CA GLY K 8 36.77 -16.71 -55.24
C GLY K 8 38.09 -16.01 -55.45
N LYS K 9 38.18 -15.18 -56.49
CA LYS K 9 39.41 -14.42 -56.73
C LYS K 9 39.71 -13.51 -55.55
N LEU K 10 38.70 -12.78 -55.07
CA LEU K 10 38.91 -11.89 -53.94
C LEU K 10 39.34 -12.66 -52.70
N LEU K 11 38.69 -13.79 -52.43
CA LEU K 11 39.04 -14.60 -51.27
C LEU K 11 40.48 -15.11 -51.36
N ASP K 12 40.88 -15.58 -52.54
CA ASP K 12 42.24 -16.08 -52.69
C ASP K 12 43.26 -14.96 -52.53
N LYS K 13 42.96 -13.77 -53.05
CA LYS K 13 43.89 -12.65 -52.92
C LYS K 13 43.99 -12.21 -51.46
N VAL K 14 42.88 -12.19 -50.73
CA VAL K 14 42.89 -11.71 -49.36
C VAL K 14 43.69 -12.67 -48.46
N GLN K 15 43.56 -13.97 -48.69
CA GLN K 15 44.18 -14.99 -47.84
C GLN K 15 45.44 -15.57 -48.46
N ALA K 16 46.22 -14.75 -49.14
CA ALA K 16 47.41 -15.26 -49.82
C ALA K 16 48.52 -15.59 -48.84
N TYR K 17 48.71 -14.77 -47.80
CA TYR K 17 49.81 -14.93 -46.87
C TYR K 17 49.43 -15.70 -45.61
N SER K 18 48.21 -16.19 -45.51
CA SER K 18 47.76 -16.87 -44.31
C SER K 18 48.12 -18.35 -44.34
N THR K 19 48.15 -18.96 -43.16
CA THR K 19 48.42 -20.38 -43.03
C THR K 19 47.16 -21.18 -43.36
N ALA K 20 47.32 -22.51 -43.40
CA ALA K 20 46.19 -23.38 -43.67
C ALA K 20 45.22 -23.41 -42.48
N GLY K 21 45.75 -23.54 -41.27
CA GLY K 21 44.89 -23.59 -40.10
C GLY K 21 44.14 -22.29 -39.86
N GLY K 22 44.81 -21.16 -40.02
CA GLY K 22 44.19 -19.87 -39.75
C GLY K 22 42.97 -19.59 -40.59
N LYS K 23 42.85 -20.24 -41.75
CA LYS K 23 41.69 -20.06 -42.60
C LYS K 23 40.43 -20.70 -42.04
N VAL K 24 40.55 -21.50 -40.97
CA VAL K 24 39.44 -22.32 -40.49
C VAL K 24 39.04 -21.90 -39.08
N TRP K 25 39.99 -22.03 -38.14
CA TRP K 25 39.67 -21.79 -36.74
C TRP K 25 39.28 -20.33 -36.51
N LEU K 26 40.00 -19.40 -37.12
CA LEU K 26 39.73 -17.98 -36.90
C LEU K 26 38.38 -17.59 -37.49
N SER K 27 37.97 -18.22 -38.60
CA SER K 27 36.66 -17.93 -39.18
C SER K 27 35.54 -18.54 -38.35
N VAL K 28 35.72 -19.77 -37.87
CA VAL K 28 34.66 -20.40 -37.08
C VAL K 28 34.51 -19.73 -35.72
N LEU K 29 35.61 -19.22 -35.15
CA LEU K 29 35.54 -18.59 -33.84
C LEU K 29 34.67 -17.34 -33.86
N PHE K 30 34.71 -16.59 -34.96
CA PHE K 30 33.87 -15.40 -35.07
C PHE K 30 32.40 -15.76 -35.03
N ILE K 31 32.00 -16.81 -35.76
CA ILE K 31 30.61 -17.25 -35.76
C ILE K 31 30.21 -17.73 -34.37
N PHE K 32 31.08 -18.52 -33.74
CA PHE K 32 30.82 -18.97 -32.38
C PHE K 32 30.60 -17.79 -31.46
N ARG K 33 31.46 -16.78 -31.55
CA ARG K 33 31.38 -15.61 -30.68
C ARG K 33 30.06 -14.88 -30.88
N ILE K 34 29.69 -14.59 -32.13
CA ILE K 34 28.48 -13.81 -32.35
C ILE K 34 27.25 -14.60 -31.95
N LEU K 35 27.21 -15.90 -32.23
CA LEU K 35 26.06 -16.71 -31.82
C LEU K 35 25.91 -16.71 -30.31
N LEU K 36 27.01 -16.97 -29.59
CA LEU K 36 26.93 -17.01 -28.13
C LEU K 36 26.52 -15.65 -27.58
N LEU K 37 27.05 -14.57 -28.14
CA LEU K 37 26.71 -13.24 -27.66
C LEU K 37 25.25 -12.91 -27.89
N GLY K 38 24.71 -13.28 -29.06
CA GLY K 38 23.36 -12.88 -29.41
C GLY K 38 22.27 -13.75 -28.83
N THR K 39 22.57 -15.02 -28.56
CA THR K 39 21.53 -15.95 -28.12
C THR K 39 21.41 -16.03 -26.60
N ALA K 40 22.50 -16.37 -25.92
CA ALA K 40 22.42 -16.74 -24.51
C ALA K 40 22.63 -15.56 -23.57
N VAL K 41 23.77 -14.89 -23.67
CA VAL K 41 24.15 -13.92 -22.65
C VAL K 41 23.22 -12.71 -22.67
N GLU K 42 22.76 -12.31 -23.86
CA GLU K 42 22.00 -11.07 -23.98
C GLU K 42 20.70 -11.10 -23.19
N SER K 43 20.15 -12.29 -22.91
CA SER K 43 18.92 -12.39 -22.16
C SER K 43 19.13 -12.47 -20.66
N ALA K 44 20.32 -12.88 -20.20
CA ALA K 44 20.58 -12.96 -18.78
C ALA K 44 20.77 -11.58 -18.16
N TRP K 45 21.16 -10.60 -18.96
CA TRP K 45 21.40 -9.24 -18.49
C TRP K 45 20.17 -8.35 -18.65
N GLY K 46 19.03 -8.90 -19.05
CA GLY K 46 17.87 -8.07 -19.28
C GLY K 46 17.37 -7.38 -18.02
N ASP K 47 17.16 -8.15 -16.96
CA ASP K 47 16.69 -7.62 -15.68
C ASP K 47 17.83 -7.30 -14.73
N GLU K 48 18.79 -6.50 -15.21
CA GLU K 48 19.95 -6.14 -14.40
C GLU K 48 19.69 -4.95 -13.49
N GLN K 49 18.73 -4.11 -13.83
CA GLN K 49 18.38 -2.95 -13.00
C GLN K 49 17.02 -3.05 -12.35
N SER K 50 16.09 -3.80 -12.95
CA SER K 50 14.76 -3.96 -12.36
C SER K 50 14.78 -4.88 -11.16
N ALA K 51 15.66 -5.88 -11.15
CA ALA K 51 15.77 -6.83 -10.05
C ALA K 51 16.89 -6.47 -9.08
N PHE K 52 17.48 -5.29 -9.22
CA PHE K 52 18.50 -4.81 -8.31
C PHE K 52 17.82 -4.12 -7.14
N ARG K 53 18.13 -4.57 -5.92
CA ARG K 53 17.44 -4.12 -4.73
C ARG K 53 18.44 -3.70 -3.66
N CYS K 54 18.07 -2.67 -2.90
CA CYS K 54 18.87 -2.17 -1.79
C CYS K 54 17.98 -2.03 -0.57
N ASN K 55 18.59 -2.15 0.62
CA ASN K 55 17.87 -2.11 1.88
C ASN K 55 17.93 -0.68 2.43
N THR K 56 16.88 0.09 2.16
CA THR K 56 16.77 1.45 2.67
C THR K 56 15.43 2.02 2.25
N GLN K 57 15.05 3.12 2.90
CA GLN K 57 13.87 3.89 2.53
C GLN K 57 14.23 5.19 1.81
N GLN K 58 15.51 5.52 1.71
CA GLN K 58 15.91 6.78 1.11
C GLN K 58 15.64 6.78 -0.38
N PRO K 59 14.86 7.71 -0.91
CA PRO K 59 14.67 7.78 -2.37
C PRO K 59 15.91 8.29 -3.07
N GLY K 60 16.43 7.49 -3.99
CA GLY K 60 17.58 7.85 -4.81
C GLY K 60 18.83 7.06 -4.55
N CYS K 61 18.86 6.22 -3.51
CA CYS K 61 20.08 5.45 -3.22
C CYS K 61 20.27 4.32 -4.21
N GLU K 62 19.18 3.69 -4.66
CA GLU K 62 19.30 2.58 -5.60
C GLU K 62 19.94 3.02 -6.90
N ASN K 63 19.51 4.17 -7.45
CA ASN K 63 20.03 4.64 -8.72
C ASN K 63 21.54 4.88 -8.64
N VAL K 64 21.96 5.66 -7.64
CA VAL K 64 23.37 6.02 -7.52
C VAL K 64 24.21 4.79 -7.22
N CYS K 65 23.71 3.87 -6.39
CA CYS K 65 24.49 2.69 -6.06
C CYS K 65 24.62 1.75 -7.25
N TYR K 66 23.57 1.62 -8.06
CA TYR K 66 23.68 0.84 -9.29
C TYR K 66 24.68 1.48 -10.25
N ASP K 67 24.61 2.80 -10.42
CA ASP K 67 25.55 3.48 -11.30
C ASP K 67 26.98 3.34 -10.80
N LYS K 68 27.18 3.26 -9.49
CA LYS K 68 28.51 3.08 -8.94
C LYS K 68 29.01 1.65 -9.13
N SER K 69 28.11 0.66 -9.00
CA SER K 69 28.52 -0.72 -9.14
C SER K 69 28.83 -1.08 -10.59
N PHE K 70 28.01 -0.61 -11.52
CA PHE K 70 28.11 -0.97 -12.94
C PHE K 70 28.25 0.29 -13.79
N PRO K 71 29.46 0.83 -13.91
CA PRO K 71 29.66 1.97 -14.81
C PRO K 71 29.39 1.65 -16.26
N ILE K 72 29.51 0.39 -16.67
CA ILE K 72 29.17 -0.02 -18.03
C ILE K 72 28.91 -1.53 -18.00
N SER K 73 27.84 -1.93 -18.68
CA SER K 73 27.44 -3.32 -18.70
C SER K 73 28.44 -4.17 -19.48
N HIS K 74 28.50 -5.45 -19.14
CA HIS K 74 29.44 -6.35 -19.78
C HIS K 74 29.09 -6.59 -21.24
N VAL K 75 27.80 -6.72 -21.56
CA VAL K 75 27.40 -7.04 -22.93
C VAL K 75 27.83 -5.94 -23.89
N ARG K 76 27.63 -4.68 -23.51
CA ARG K 76 28.02 -3.58 -24.39
C ARG K 76 29.53 -3.45 -24.49
N PHE K 77 30.25 -3.74 -23.40
CA PHE K 77 31.70 -3.81 -23.44
C PHE K 77 32.16 -4.85 -24.47
N TRP K 78 31.52 -6.02 -24.47
CA TRP K 78 31.89 -7.08 -25.41
C TRP K 78 31.52 -6.70 -26.84
N VAL K 79 30.40 -6.01 -27.03
CA VAL K 79 30.03 -5.53 -28.36
C VAL K 79 31.08 -4.57 -28.89
N LEU K 80 31.51 -3.62 -28.06
CA LEU K 80 32.58 -2.73 -28.47
C LEU K 80 33.86 -3.51 -28.78
N GLN K 81 34.18 -4.49 -27.94
CA GLN K 81 35.39 -5.28 -28.14
C GLN K 81 35.37 -5.99 -29.48
N ILE K 82 34.25 -6.61 -29.82
CA ILE K 82 34.16 -7.37 -31.07
C ILE K 82 34.04 -6.46 -32.28
N ILE K 83 33.55 -5.24 -32.10
CA ILE K 83 33.52 -4.30 -33.23
C ILE K 83 34.92 -3.76 -33.51
N PHE K 84 35.66 -3.39 -32.47
CA PHE K 84 37.00 -2.83 -32.67
C PHE K 84 37.99 -3.85 -33.21
N VAL K 85 37.70 -5.15 -33.06
CA VAL K 85 38.64 -6.18 -33.49
C VAL K 85 38.45 -6.58 -34.95
N SER K 86 37.32 -6.23 -35.56
CA SER K 86 36.98 -6.73 -36.89
C SER K 86 37.06 -5.67 -37.99
N VAL K 87 37.27 -4.40 -37.65
CA VAL K 87 37.28 -3.34 -38.65
C VAL K 87 38.56 -3.37 -39.49
N PRO K 88 39.73 -3.72 -38.92
CA PRO K 88 40.93 -3.74 -39.78
C PRO K 88 40.81 -4.70 -40.95
N THR K 89 40.19 -5.86 -40.74
CA THR K 89 40.02 -6.81 -41.83
C THR K 89 39.14 -6.24 -42.92
N LEU K 90 38.07 -5.54 -42.53
CA LEU K 90 37.19 -4.93 -43.53
C LEU K 90 37.92 -3.86 -44.32
N LEU K 91 38.73 -3.04 -43.64
CA LEU K 91 39.54 -2.04 -44.33
C LEU K 91 40.48 -2.70 -45.34
N TYR K 92 41.16 -3.76 -44.92
CA TYR K 92 42.08 -4.46 -45.81
C TYR K 92 41.34 -5.06 -47.00
N LEU K 93 40.16 -5.61 -46.75
CA LEU K 93 39.37 -6.20 -47.84
C LEU K 93 38.98 -5.14 -48.86
N ALA K 94 38.52 -3.98 -48.40
CA ALA K 94 38.17 -2.91 -49.32
C ALA K 94 39.39 -2.45 -50.11
N HIS K 95 40.53 -2.31 -49.44
CA HIS K 95 41.76 -1.92 -50.12
C HIS K 95 42.10 -2.91 -51.23
N VAL K 96 42.01 -4.21 -50.94
CA VAL K 96 42.33 -5.22 -51.95
C VAL K 96 41.33 -5.14 -53.10
N PHE K 97 40.05 -4.95 -52.79
CA PHE K 97 39.04 -4.83 -53.83
C PHE K 97 39.38 -3.71 -54.81
N TYR K 98 39.65 -2.52 -54.28
CA TYR K 98 39.95 -1.38 -55.14
C TYR K 98 41.24 -1.61 -55.92
N VAL K 99 42.26 -2.18 -55.27
CA VAL K 99 43.52 -2.44 -55.97
C VAL K 99 43.30 -3.40 -57.13
N MET K 100 42.50 -4.45 -56.92
CA MET K 100 42.23 -5.40 -57.99
C MET K 100 41.50 -4.73 -59.15
N ARG K 101 40.50 -3.89 -58.84
CA ARG K 101 39.79 -3.20 -59.92
C ARG K 101 40.74 -2.31 -60.71
N LYS K 102 41.61 -1.57 -60.02
CA LYS K 102 42.55 -0.70 -60.71
C LYS K 102 43.52 -1.51 -61.58
N GLU K 103 43.99 -2.64 -61.06
CA GLU K 103 44.90 -3.48 -61.85
C GLU K 103 44.21 -4.01 -63.10
N GLU K 104 42.95 -4.44 -62.98
CA GLU K 104 42.23 -4.92 -64.15
C GLU K 104 42.07 -3.81 -65.18
N LYS K 105 41.72 -2.60 -64.73
CA LYS K 105 41.59 -1.48 -65.66
C LYS K 105 42.91 -1.19 -66.36
N LEU K 106 44.01 -1.19 -65.61
CA LEU K 106 45.32 -0.96 -66.20
C LEU K 106 45.65 -2.02 -67.24
N ASN K 107 45.40 -3.29 -66.91
CA ASN K 107 45.72 -4.37 -67.84
C ASN K 107 44.94 -4.23 -69.14
N LYS K 108 43.64 -3.89 -69.04
CA LYS K 108 42.84 -3.80 -70.26
C LYS K 108 43.13 -2.52 -71.04
N LYS K 109 43.57 -1.45 -70.35
CA LYS K 109 43.78 -0.18 -71.04
C LYS K 109 45.08 -0.18 -71.84
N GLU K 110 46.20 -0.48 -71.18
CA GLU K 110 47.52 -0.37 -71.80
C GLU K 110 47.93 -1.65 -72.53
N GLU K 111 46.95 -2.48 -72.93
CA GLU K 111 47.23 -3.66 -73.74
C GLU K 111 46.23 -3.75 -74.89
N GLU K 112 45.70 -2.62 -75.32
CA GLU K 112 44.71 -2.58 -76.40
C GLU K 112 45.34 -2.98 -77.73
N ARG K 148 56.17 -9.39 -52.83
CA ARG K 148 56.09 -8.86 -51.48
C ARG K 148 56.21 -7.35 -51.48
N GLY K 149 55.16 -6.67 -51.02
CA GLY K 149 55.13 -5.22 -51.03
C GLY K 149 54.18 -4.62 -50.01
N GLY K 150 53.42 -3.60 -50.45
CA GLY K 150 52.59 -2.87 -49.51
C GLY K 150 51.52 -3.72 -48.86
N LEU K 151 50.95 -4.66 -49.62
CA LEU K 151 49.86 -5.49 -49.08
C LEU K 151 50.33 -6.29 -47.89
N LEU K 152 51.55 -6.84 -47.95
CA LEU K 152 52.10 -7.57 -46.81
C LEU K 152 52.23 -6.67 -45.59
N ARG K 153 52.69 -5.43 -45.80
CA ARG K 153 52.83 -4.49 -44.69
C ARG K 153 51.47 -4.19 -44.07
N THR K 154 50.44 -3.98 -44.90
CA THR K 154 49.11 -3.71 -44.38
C THR K 154 48.59 -4.91 -43.60
N TYR K 155 48.82 -6.12 -44.11
CA TYR K 155 48.41 -7.33 -43.40
C TYR K 155 49.06 -7.40 -42.03
N ILE K 156 50.36 -7.13 -41.96
CA ILE K 156 51.07 -7.19 -40.68
C ILE K 156 50.51 -6.14 -39.73
N ILE K 157 50.25 -4.93 -40.23
CA ILE K 157 49.74 -3.87 -39.37
C ILE K 157 48.39 -4.24 -38.80
N SER K 158 47.50 -4.79 -39.64
CA SER K 158 46.18 -5.19 -39.18
C SER K 158 46.29 -6.27 -38.10
N ILE K 159 47.14 -7.27 -38.34
CA ILE K 159 47.29 -8.36 -37.37
C ILE K 159 47.82 -7.81 -36.05
N LEU K 160 48.73 -6.84 -36.11
CA LEU K 160 49.26 -6.24 -34.88
C LEU K 160 48.15 -5.50 -34.12
N PHE K 161 47.35 -4.72 -34.84
CA PHE K 161 46.34 -3.90 -34.18
C PHE K 161 45.26 -4.76 -33.54
N LYS K 162 44.89 -5.88 -34.16
CA LYS K 162 43.89 -6.75 -33.55
C LYS K 162 44.35 -7.24 -32.18
N SER K 163 45.60 -7.71 -32.10
CA SER K 163 46.13 -8.18 -30.82
C SER K 163 46.23 -7.03 -29.82
N ILE K 164 46.63 -5.85 -30.29
CA ILE K 164 46.74 -4.70 -29.39
C ILE K 164 45.38 -4.40 -28.75
N PHE K 165 44.32 -4.38 -29.57
CA PHE K 165 42.99 -4.12 -29.03
C PHE K 165 42.56 -5.21 -28.06
N GLU K 166 42.81 -6.48 -28.40
CA GLU K 166 42.46 -7.56 -27.48
C GLU K 166 43.11 -7.35 -26.12
N VAL K 167 44.42 -7.10 -26.11
CA VAL K 167 45.14 -6.94 -24.84
C VAL K 167 44.61 -5.74 -24.08
N ALA K 168 44.37 -4.62 -24.77
CA ALA K 168 43.90 -3.42 -24.09
C ALA K 168 42.55 -3.67 -23.42
N PHE K 169 41.62 -4.31 -24.14
CA PHE K 169 40.31 -4.58 -23.56
C PHE K 169 40.41 -5.52 -22.37
N LEU K 170 41.24 -6.56 -22.48
CA LEU K 170 41.42 -7.47 -21.36
C LEU K 170 41.96 -6.75 -20.13
N LEU K 171 42.96 -5.89 -20.32
CA LEU K 171 43.53 -5.16 -19.20
C LEU K 171 42.51 -4.23 -18.56
N ILE K 172 41.72 -3.52 -19.37
CA ILE K 172 40.72 -2.63 -18.82
C ILE K 172 39.69 -3.41 -18.01
N GLN K 173 39.22 -4.55 -18.56
CA GLN K 173 38.25 -5.36 -17.84
C GLN K 173 38.82 -5.86 -16.52
N TRP K 174 40.09 -6.29 -16.53
CA TRP K 174 40.72 -6.74 -15.29
C TRP K 174 40.78 -5.62 -14.26
N TYR K 175 41.13 -4.41 -14.71
CA TYR K 175 41.28 -3.30 -13.76
C TYR K 175 39.94 -2.87 -13.19
N ILE K 176 38.89 -2.83 -14.01
CA ILE K 176 37.62 -2.24 -13.55
C ILE K 176 36.81 -3.24 -12.74
N TYR K 177 36.60 -4.44 -13.27
CA TYR K 177 35.69 -5.41 -12.67
C TYR K 177 36.43 -6.58 -12.06
N GLY K 178 37.27 -7.27 -12.83
CA GLY K 178 37.79 -8.56 -12.44
C GLY K 178 37.20 -9.65 -13.31
N PHE K 179 37.06 -10.86 -12.77
CA PHE K 179 36.46 -11.96 -13.50
C PHE K 179 35.52 -12.75 -12.60
N SER K 180 34.71 -12.04 -11.82
CA SER K 180 33.74 -12.67 -10.94
C SER K 180 32.79 -11.61 -10.42
N LEU K 181 31.65 -12.06 -9.88
CA LEU K 181 30.66 -11.17 -9.29
C LEU K 181 30.21 -11.73 -7.95
N SER K 182 29.99 -10.85 -6.99
CA SER K 182 29.52 -11.21 -5.67
C SER K 182 28.07 -10.79 -5.50
N ALA K 183 27.36 -11.52 -4.64
CA ALA K 183 25.92 -11.31 -4.50
C ALA K 183 25.57 -10.05 -3.73
N VAL K 184 26.44 -9.62 -2.81
CA VAL K 184 26.15 -8.49 -1.93
C VAL K 184 27.17 -7.39 -2.22
N TYR K 185 26.69 -6.16 -2.34
CA TYR K 185 27.51 -4.99 -2.62
C TYR K 185 27.29 -3.96 -1.52
N THR K 186 28.35 -3.27 -1.14
CA THR K 186 28.31 -2.25 -0.10
C THR K 186 28.50 -0.88 -0.74
N CYS K 187 27.57 0.03 -0.48
CA CYS K 187 27.49 1.33 -1.13
C CYS K 187 27.67 2.43 -0.09
N LYS K 188 28.54 3.38 -0.38
CA LYS K 188 28.83 4.51 0.49
C LYS K 188 28.83 5.81 -0.31
N ARG K 189 27.79 6.01 -1.11
CA ARG K 189 27.61 7.21 -1.91
C ARG K 189 26.37 7.96 -1.45
N ASP K 190 26.47 9.29 -1.44
CA ASP K 190 25.34 10.11 -1.04
C ASP K 190 24.21 9.96 -2.06
N PRO K 191 22.95 10.12 -1.61
CA PRO K 191 22.48 10.46 -0.26
C PRO K 191 22.28 9.25 0.67
N CYS K 192 22.85 8.09 0.37
CA CYS K 192 22.67 6.93 1.23
C CYS K 192 23.30 7.21 2.60
N PRO K 193 22.58 6.94 3.72
CA PRO K 193 23.11 7.30 5.04
C PRO K 193 24.09 6.28 5.60
N HIS K 194 25.37 6.64 5.57
CA HIS K 194 26.49 5.98 6.23
C HIS K 194 26.89 4.64 5.62
N GLN K 195 25.98 3.98 4.90
CA GLN K 195 26.28 2.74 4.20
C GLN K 195 24.97 2.13 3.70
N VAL K 196 25.05 1.21 2.75
CA VAL K 196 23.86 0.47 2.32
C VAL K 196 24.32 -0.87 1.75
N ASP K 197 23.52 -1.90 2.01
CA ASP K 197 23.71 -3.22 1.41
C ASP K 197 22.75 -3.38 0.25
N CYS K 198 23.27 -3.81 -0.90
CA CYS K 198 22.49 -4.01 -2.10
C CYS K 198 22.74 -5.40 -2.64
N PHE K 199 21.77 -5.93 -3.39
CA PHE K 199 21.78 -7.31 -3.84
C PHE K 199 21.60 -7.36 -5.35
N LEU K 200 22.38 -8.24 -6.00
CA LEU K 200 22.44 -8.34 -7.44
C LEU K 200 21.52 -9.45 -7.95
N SER K 201 21.38 -9.51 -9.27
CA SER K 201 20.57 -10.49 -9.95
C SER K 201 21.46 -11.45 -10.73
N ARG K 202 21.24 -12.75 -10.56
CA ARG K 202 21.97 -13.79 -11.26
C ARG K 202 23.48 -13.59 -11.19
N PRO K 203 24.07 -13.60 -9.99
CA PRO K 203 25.51 -13.40 -9.86
C PRO K 203 26.36 -14.62 -10.14
N THR K 204 25.77 -15.78 -10.43
CA THR K 204 26.52 -17.01 -10.68
C THR K 204 26.60 -17.36 -12.16
N GLU K 205 25.52 -17.19 -12.90
CA GLU K 205 25.53 -17.44 -14.34
C GLU K 205 26.49 -16.49 -15.05
N LYS K 206 26.47 -15.22 -14.65
CA LYS K 206 27.29 -14.22 -15.30
C LYS K 206 28.77 -14.53 -15.15
N THR K 207 29.18 -15.08 -14.01
CA THR K 207 30.57 -15.51 -13.84
C THR K 207 30.95 -16.57 -14.86
N ILE K 208 30.06 -17.54 -15.08
CA ILE K 208 30.32 -18.60 -16.06
C ILE K 208 30.51 -18.00 -17.45
N PHE K 209 29.61 -17.10 -17.83
CA PHE K 209 29.72 -16.51 -19.16
C PHE K 209 30.99 -15.65 -19.29
N ILE K 210 31.35 -14.94 -18.22
CA ILE K 210 32.57 -14.14 -18.24
C ILE K 210 33.78 -15.03 -18.49
N ILE K 211 33.84 -16.17 -17.80
CA ILE K 211 34.97 -17.08 -17.98
C ILE K 211 34.99 -17.61 -19.41
N PHE K 212 33.82 -17.98 -19.95
CA PHE K 212 33.77 -18.42 -21.34
C PHE K 212 34.37 -17.39 -22.28
N MET K 213 33.94 -16.13 -22.14
CA MET K 213 34.41 -15.09 -23.05
C MET K 213 35.91 -14.85 -22.88
N LEU K 214 36.41 -14.93 -21.64
CA LEU K 214 37.83 -14.79 -21.41
C LEU K 214 38.62 -15.86 -22.17
N VAL K 215 38.16 -17.12 -22.07
CA VAL K 215 38.84 -18.20 -22.77
C VAL K 215 38.84 -17.96 -24.28
N VAL K 216 37.70 -17.54 -24.81
CA VAL K 216 37.61 -17.28 -26.25
C VAL K 216 38.60 -16.20 -26.67
N SER K 217 38.69 -15.12 -25.89
CA SER K 217 39.60 -14.03 -26.21
C SER K 217 41.05 -14.50 -26.19
N LEU K 218 41.42 -15.29 -25.19
CA LEU K 218 42.80 -15.79 -25.13
C LEU K 218 43.12 -16.66 -26.34
N VAL K 219 42.19 -17.53 -26.72
CA VAL K 219 42.42 -18.38 -27.89
C VAL K 219 42.64 -17.53 -29.13
N SER K 220 41.80 -16.50 -29.31
CA SER K 220 41.94 -15.64 -30.47
C SER K 220 43.30 -14.94 -30.47
N LEU K 221 43.74 -14.45 -29.32
CA LEU K 221 45.02 -13.78 -29.24
C LEU K 221 46.16 -14.71 -29.64
N ALA K 222 46.14 -15.94 -29.12
CA ALA K 222 47.20 -16.89 -29.47
C ALA K 222 47.21 -17.18 -30.96
N LEU K 223 46.03 -17.42 -31.53
CA LEU K 223 45.96 -17.72 -32.96
C LEU K 223 46.44 -16.56 -33.81
N ASN K 224 46.23 -15.32 -33.34
CA ASN K 224 46.72 -14.17 -34.09
C ASN K 224 48.24 -14.03 -33.97
N ILE K 225 48.81 -14.33 -32.81
CA ILE K 225 50.27 -14.22 -32.65
C ILE K 225 50.99 -15.26 -33.51
N ILE K 226 50.40 -16.45 -33.63
CA ILE K 226 51.03 -17.50 -34.43
C ILE K 226 51.24 -17.03 -35.86
N GLU K 227 50.26 -16.32 -36.43
CA GLU K 227 50.37 -15.85 -37.80
C GLU K 227 51.53 -14.88 -37.96
N LEU K 228 51.70 -13.96 -37.01
CA LEU K 228 52.81 -13.02 -37.07
C LEU K 228 54.14 -13.76 -37.04
N PHE K 229 54.28 -14.74 -36.14
CA PHE K 229 55.53 -15.47 -36.06
C PHE K 229 55.81 -16.20 -37.38
N TYR K 230 54.79 -16.85 -37.94
CA TYR K 230 54.97 -17.58 -39.20
C TYR K 230 55.39 -16.63 -40.32
N VAL K 231 54.72 -15.49 -40.43
CA VAL K 231 55.02 -14.54 -41.49
C VAL K 231 56.45 -14.04 -41.37
N PHE K 232 56.86 -13.65 -40.15
CA PHE K 232 58.20 -13.12 -39.98
C PHE K 232 59.26 -14.18 -40.25
N PHE K 233 59.02 -15.43 -39.83
CA PHE K 233 59.97 -16.48 -40.13
C PHE K 233 60.11 -16.70 -41.63
N LYS K 234 58.99 -16.72 -42.35
CA LYS K 234 59.07 -16.88 -43.80
C LYS K 234 59.80 -15.71 -44.44
N GLY K 235 59.54 -14.49 -43.99
CA GLY K 235 60.19 -13.32 -44.56
C GLY K 235 61.66 -13.21 -44.23
N VAL K 236 62.10 -13.81 -43.13
CA VAL K 236 63.50 -13.75 -42.75
C VAL K 236 64.31 -14.87 -43.40
N LYS K 237 63.81 -16.10 -43.37
CA LYS K 237 64.58 -17.21 -43.93
C LYS K 237 64.75 -17.05 -45.44
N ASP K 238 63.76 -16.46 -46.12
CA ASP K 238 63.85 -16.25 -47.56
C ASP K 238 63.42 -14.83 -47.91
N GLY L 2 24.40 -13.69 -64.23
CA GLY L 2 24.07 -12.60 -63.34
C GLY L 2 25.27 -11.73 -63.01
N ASP L 3 25.87 -11.12 -64.03
CA ASP L 3 27.02 -10.26 -63.83
C ASP L 3 26.57 -8.85 -63.43
N TRP L 4 27.14 -8.35 -62.35
CA TRP L 4 26.78 -7.01 -61.83
C TRP L 4 27.77 -5.98 -62.35
N SER L 5 27.68 -5.71 -63.65
CA SER L 5 28.57 -4.75 -64.29
C SER L 5 28.02 -3.32 -64.30
N ALA L 6 26.70 -3.16 -64.38
CA ALA L 6 26.12 -1.83 -64.33
C ALA L 6 26.33 -1.19 -62.96
N LEU L 7 26.31 -1.99 -61.90
CA LEU L 7 26.66 -1.48 -60.58
C LEU L 7 28.09 -0.98 -60.56
N GLY L 8 29.00 -1.71 -61.20
CA GLY L 8 30.38 -1.24 -61.27
C GLY L 8 30.51 0.06 -62.03
N LYS L 9 29.81 0.19 -63.15
CA LYS L 9 29.85 1.44 -63.90
C LYS L 9 29.33 2.60 -63.06
N LEU L 10 28.20 2.40 -62.38
CA LEU L 10 27.64 3.46 -61.54
C LEU L 10 28.61 3.83 -60.42
N LEU L 11 29.21 2.83 -59.78
CA LEU L 11 30.14 3.08 -58.70
C LEU L 11 31.36 3.87 -59.19
N ASP L 12 31.90 3.49 -60.35
CA ASP L 12 33.05 4.20 -60.88
C ASP L 12 32.70 5.63 -61.25
N LYS L 13 31.51 5.85 -61.81
CA LYS L 13 31.10 7.19 -62.17
C LYS L 13 30.90 8.06 -60.93
N VAL L 14 30.30 7.49 -59.88
CA VAL L 14 30.02 8.26 -58.68
C VAL L 14 31.30 8.69 -57.98
N GLN L 15 32.31 7.81 -57.95
CA GLN L 15 33.54 8.05 -57.20
C GLN L 15 34.68 8.46 -58.12
N ALA L 16 34.39 9.24 -59.16
CA ALA L 16 35.43 9.63 -60.11
C ALA L 16 36.39 10.65 -59.52
N TYR L 17 35.87 11.61 -58.76
CA TYR L 17 36.68 12.71 -58.24
C TYR L 17 37.19 12.48 -56.83
N SER L 18 36.93 11.31 -56.25
CA SER L 18 37.32 11.05 -54.87
C SER L 18 38.75 10.53 -54.80
N THR L 19 39.35 10.66 -53.62
CA THR L 19 40.68 10.15 -53.38
C THR L 19 40.64 8.65 -53.12
N ALA L 20 41.82 8.04 -53.01
CA ALA L 20 41.90 6.61 -52.74
C ALA L 20 41.47 6.30 -51.31
N GLY L 21 41.95 7.08 -50.34
CA GLY L 21 41.59 6.83 -48.96
C GLY L 21 40.12 7.04 -48.67
N GLY L 22 39.54 8.10 -49.23
CA GLY L 22 38.15 8.42 -48.97
C GLY L 22 37.18 7.34 -49.37
N LYS L 23 37.57 6.47 -50.30
CA LYS L 23 36.72 5.37 -50.72
C LYS L 23 36.60 4.27 -49.67
N VAL L 24 37.39 4.33 -48.60
CA VAL L 24 37.49 3.23 -47.65
C VAL L 24 37.02 3.67 -46.27
N TRP L 25 37.71 4.66 -45.70
CA TRP L 25 37.43 5.07 -44.34
C TRP L 25 36.01 5.63 -44.21
N LEU L 26 35.61 6.47 -45.16
CA LEU L 26 34.29 7.09 -45.09
C LEU L 26 33.18 6.06 -45.24
N SER L 27 33.41 5.00 -46.02
CA SER L 27 32.41 3.96 -46.17
C SER L 27 32.33 3.08 -44.92
N VAL L 28 33.49 2.73 -44.34
CA VAL L 28 33.49 1.88 -43.15
C VAL L 28 32.93 2.63 -41.94
N LEU L 29 33.15 3.94 -41.87
CA LEU L 29 32.69 4.71 -40.72
C LEU L 29 31.17 4.72 -40.64
N PHE L 30 30.49 4.74 -41.79
CA PHE L 30 29.03 4.70 -41.79
C PHE L 30 28.51 3.41 -41.18
N ILE L 31 29.12 2.27 -41.57
CA ILE L 31 28.72 0.98 -41.03
C ILE L 31 28.99 0.93 -39.53
N PHE L 32 30.17 1.39 -39.12
CA PHE L 32 30.50 1.46 -37.70
C PHE L 32 29.44 2.27 -36.94
N ARG L 33 29.08 3.43 -37.48
CA ARG L 33 28.12 4.31 -36.83
C ARG L 33 26.76 3.63 -36.67
N ILE L 34 26.24 3.05 -37.75
CA ILE L 34 24.91 2.46 -37.67
C ILE L 34 24.90 1.25 -36.75
N LEU L 35 25.95 0.43 -36.79
CA LEU L 35 26.01 -0.73 -35.90
C LEU L 35 26.03 -0.30 -34.45
N LEU L 36 26.90 0.66 -34.11
CA LEU L 36 26.98 1.13 -32.73
C LEU L 36 25.67 1.75 -32.28
N LEU L 37 25.03 2.53 -33.16
CA LEU L 37 23.76 3.16 -32.79
C LEU L 37 22.67 2.12 -32.56
N GLY L 38 22.61 1.09 -33.41
CA GLY L 38 21.50 0.16 -33.33
C GLY L 38 21.66 -0.93 -32.29
N THR L 39 22.89 -1.27 -31.93
CA THR L 39 23.12 -2.40 -31.04
C THR L 39 23.23 -1.98 -29.57
N ALA L 40 24.16 -1.08 -29.26
CA ALA L 40 24.52 -0.82 -27.87
C ALA L 40 23.70 0.32 -27.25
N VAL L 41 23.77 1.51 -27.84
CA VAL L 41 23.24 2.70 -27.17
C VAL L 41 21.72 2.62 -27.06
N GLU L 42 21.05 2.06 -28.07
CA GLU L 42 19.60 2.09 -28.11
C GLU L 42 18.97 1.39 -26.93
N SER L 43 19.66 0.43 -26.30
CA SER L 43 19.12 -0.29 -25.16
C SER L 43 19.40 0.39 -23.83
N ALA L 44 20.43 1.24 -23.76
CA ALA L 44 20.73 1.92 -22.51
C ALA L 44 19.74 3.03 -22.21
N TRP L 45 19.09 3.56 -23.24
CA TRP L 45 18.12 4.64 -23.10
C TRP L 45 16.69 4.14 -22.96
N GLY L 46 16.49 2.82 -22.85
CA GLY L 46 15.13 2.30 -22.80
C GLY L 46 14.37 2.74 -21.57
N ASP L 47 14.97 2.57 -20.39
CA ASP L 47 14.35 2.97 -19.13
C ASP L 47 14.79 4.36 -18.69
N GLU L 48 14.61 5.34 -19.59
CA GLU L 48 15.02 6.71 -19.28
C GLU L 48 13.95 7.49 -18.53
N GLN L 49 12.68 7.08 -18.64
CA GLN L 49 11.59 7.74 -17.94
C GLN L 49 10.96 6.89 -16.86
N SER L 50 11.02 5.57 -16.98
CA SER L 50 10.46 4.70 -15.95
C SER L 50 11.32 4.65 -14.70
N ALA L 51 12.64 4.80 -14.85
CA ALA L 51 13.56 4.77 -13.72
C ALA L 51 13.95 6.17 -13.26
N PHE L 52 13.29 7.20 -13.77
CA PHE L 52 13.52 8.57 -13.34
C PHE L 52 12.64 8.87 -12.13
N ARG L 53 13.27 9.29 -11.04
CA ARG L 53 12.59 9.46 -9.77
C ARG L 53 12.86 10.84 -9.19
N CYS L 54 11.86 11.38 -8.51
CA CYS L 54 11.95 12.66 -7.83
C CYS L 54 11.43 12.51 -6.41
N ASN L 55 11.95 13.35 -5.51
CA ASN L 55 11.60 13.30 -4.09
C ASN L 55 10.49 14.30 -3.82
N THR L 56 9.25 13.82 -3.85
CA THR L 56 8.09 14.65 -3.54
C THR L 56 6.84 13.79 -3.55
N GLN L 57 5.76 14.32 -2.98
CA GLN L 57 4.44 13.72 -3.05
C GLN L 57 3.52 14.41 -4.04
N GLN L 58 3.94 15.52 -4.62
CA GLN L 58 3.08 16.29 -5.50
C GLN L 58 2.84 15.53 -6.80
N PRO L 59 1.59 15.25 -7.17
CA PRO L 59 1.33 14.59 -8.46
C PRO L 59 1.55 15.55 -9.62
N GLY L 60 2.44 15.17 -10.53
CA GLY L 60 2.71 15.94 -11.73
C GLY L 60 4.09 16.56 -11.79
N CYS L 61 4.87 16.53 -10.72
CA CYS L 61 6.19 17.14 -10.74
C CYS L 61 7.18 16.32 -11.56
N GLU L 62 7.07 14.98 -11.51
CA GLU L 62 7.99 14.13 -12.24
C GLU L 62 7.90 14.38 -13.74
N ASN L 63 6.67 14.47 -14.27
CA ASN L 63 6.50 14.64 -15.70
C ASN L 63 7.12 15.95 -16.18
N VAL L 64 6.78 17.05 -15.51
CA VAL L 64 7.27 18.36 -15.95
C VAL L 64 8.77 18.46 -15.77
N CYS L 65 9.31 17.88 -14.69
CA CYS L 65 10.75 17.97 -14.46
C CYS L 65 11.52 17.13 -15.47
N TYR L 66 11.00 15.96 -15.84
CA TYR L 66 11.62 15.17 -16.89
C TYR L 66 11.58 15.92 -18.22
N ASP L 67 10.43 16.52 -18.55
CA ASP L 67 10.34 17.26 -19.80
C ASP L 67 11.28 18.45 -19.81
N LYS L 68 11.53 19.05 -18.65
CA LYS L 68 12.46 20.17 -18.57
C LYS L 68 13.90 19.71 -18.69
N SER L 69 14.23 18.55 -18.12
CA SER L 69 15.60 18.07 -18.17
C SER L 69 15.98 17.58 -19.57
N PHE L 70 15.07 16.86 -20.22
CA PHE L 70 15.33 16.22 -21.51
C PHE L 70 14.31 16.69 -22.54
N PRO L 71 14.51 17.85 -23.15
CA PRO L 71 13.62 18.29 -24.23
C PRO L 71 13.64 17.36 -25.44
N ILE L 72 14.73 16.63 -25.66
CA ILE L 72 14.80 15.66 -26.74
C ILE L 72 15.90 14.66 -26.40
N SER L 73 15.59 13.38 -26.60
CA SER L 73 16.54 12.32 -26.26
C SER L 73 17.74 12.35 -27.21
N HIS L 74 18.86 11.82 -26.71
CA HIS L 74 20.08 11.82 -27.48
C HIS L 74 19.99 10.89 -28.68
N VAL L 75 19.36 9.73 -28.52
CA VAL L 75 19.31 8.75 -29.59
C VAL L 75 18.57 9.30 -30.81
N ARG L 76 17.44 9.98 -30.59
CA ARG L 76 16.69 10.53 -31.70
C ARG L 76 17.41 11.71 -32.33
N PHE L 77 18.12 12.50 -31.52
CA PHE L 77 18.98 13.55 -32.04
C PHE L 77 20.03 12.96 -32.99
N TRP L 78 20.65 11.85 -32.59
CA TRP L 78 21.66 11.22 -33.43
C TRP L 78 21.05 10.61 -34.69
N VAL L 79 19.84 10.07 -34.58
CA VAL L 79 19.16 9.54 -35.76
C VAL L 79 18.90 10.65 -36.77
N LEU L 80 18.41 11.80 -36.29
CA LEU L 80 18.23 12.95 -37.17
C LEU L 80 19.56 13.38 -37.78
N GLN L 81 20.62 13.41 -36.95
CA GLN L 81 21.93 13.84 -37.44
C GLN L 81 22.42 12.94 -38.57
N ILE L 82 22.29 11.63 -38.39
CA ILE L 82 22.79 10.70 -39.40
C ILE L 82 21.88 10.64 -40.63
N ILE L 83 20.61 11.00 -40.49
CA ILE L 83 19.74 11.07 -41.66
C ILE L 83 20.06 12.31 -42.49
N PHE L 84 20.22 13.46 -41.83
CA PHE L 84 20.48 14.70 -42.56
C PHE L 84 21.84 14.70 -43.24
N VAL L 85 22.77 13.84 -42.80
CA VAL L 85 24.11 13.85 -43.36
C VAL L 85 24.25 12.95 -44.59
N SER L 86 23.29 12.06 -44.83
CA SER L 86 23.43 11.04 -45.87
C SER L 86 22.52 11.26 -47.07
N VAL L 87 21.61 12.23 -47.03
CA VAL L 87 20.67 12.43 -48.12
C VAL L 87 21.34 13.08 -49.33
N PRO L 88 22.32 13.99 -49.16
CA PRO L 88 22.95 14.57 -50.35
C PRO L 88 23.59 13.54 -51.25
N THR L 89 24.24 12.52 -50.67
CA THR L 89 24.86 11.48 -51.48
C THR L 89 23.81 10.71 -52.27
N LEU L 90 22.66 10.42 -51.65
CA LEU L 90 21.61 9.71 -52.36
C LEU L 90 21.07 10.55 -53.52
N LEU L 91 20.89 11.85 -53.28
CA LEU L 91 20.45 12.74 -54.36
C LEU L 91 21.46 12.74 -55.51
N TYR L 92 22.74 12.85 -55.19
CA TYR L 92 23.77 12.85 -56.23
C TYR L 92 23.78 11.52 -56.98
N LEU L 93 23.60 10.41 -56.27
CA LEU L 93 23.59 9.10 -56.92
C LEU L 93 22.43 8.98 -57.89
N ALA L 94 21.23 9.44 -57.48
CA ALA L 94 20.10 9.40 -58.39
C ALA L 94 20.33 10.29 -59.61
N HIS L 95 20.89 11.47 -59.39
CA HIS L 95 21.21 12.36 -60.50
C HIS L 95 22.14 11.68 -61.50
N VAL L 96 23.19 11.03 -60.99
CA VAL L 96 24.13 10.36 -61.89
C VAL L 96 23.44 9.22 -62.62
N PHE L 97 22.59 8.46 -61.93
CA PHE L 97 21.87 7.37 -62.57
C PHE L 97 21.05 7.87 -63.76
N TYR L 98 20.25 8.91 -63.54
CA TYR L 98 19.42 9.42 -64.62
C TYR L 98 20.27 10.01 -65.75
N VAL L 99 21.35 10.70 -65.41
CA VAL L 99 22.22 11.26 -66.45
C VAL L 99 22.81 10.15 -67.31
N MET L 100 23.26 9.07 -66.68
CA MET L 100 23.83 7.96 -67.43
C MET L 100 22.78 7.33 -68.35
N ARG L 101 21.56 7.13 -67.85
CA ARG L 101 20.53 6.58 -68.71
C ARG L 101 20.26 7.48 -69.91
N LYS L 102 20.17 8.78 -69.68
CA LYS L 102 19.93 9.71 -70.78
C LYS L 102 21.08 9.69 -71.79
N GLU L 103 22.31 9.64 -71.30
CA GLU L 103 23.46 9.60 -72.22
C GLU L 103 23.44 8.32 -73.06
N GLU L 104 23.11 7.18 -72.45
CA GLU L 104 23.02 5.94 -73.21
C GLU L 104 21.94 6.04 -74.28
N LYS L 105 20.78 6.59 -73.93
CA LYS L 105 19.71 6.73 -74.92
C LYS L 105 20.15 7.64 -76.06
N LEU L 106 20.82 8.75 -75.74
CA LEU L 106 21.30 9.65 -76.78
C LEU L 106 22.30 8.95 -77.69
N ASN L 107 23.24 8.20 -77.11
CA ASN L 107 24.25 7.52 -77.91
C ASN L 107 23.62 6.53 -78.86
N LYS L 108 22.63 5.76 -78.38
CA LYS L 108 22.02 4.76 -79.26
C LYS L 108 21.06 5.37 -80.27
N LYS L 109 20.47 6.52 -79.96
CA LYS L 109 19.48 7.10 -80.86
C LYS L 109 20.16 7.80 -82.05
N GLU L 110 21.06 8.74 -81.77
CA GLU L 110 21.66 9.57 -82.80
C GLU L 110 22.90 8.93 -83.43
N GLU L 111 23.02 7.60 -83.34
CA GLU L 111 24.10 6.87 -84.01
C GLU L 111 23.55 5.65 -84.72
N GLU L 112 22.29 5.68 -85.11
CA GLU L 112 21.64 4.56 -85.78
C GLU L 112 22.22 4.34 -87.16
N ARG L 148 35.20 18.30 -66.79
CA ARG L 148 34.80 19.03 -65.59
C ARG L 148 33.61 19.93 -65.87
N GLY L 149 32.50 19.67 -65.19
CA GLY L 149 31.28 20.42 -65.41
C GLY L 149 30.32 20.38 -64.24
N GLY L 150 29.03 20.20 -64.53
CA GLY L 150 28.02 20.31 -63.49
C GLY L 150 28.18 19.27 -62.40
N LEU L 151 28.60 18.06 -62.76
CA LEU L 151 28.72 17.00 -61.77
C LEU L 151 29.73 17.36 -60.69
N LEU L 152 30.85 17.96 -61.08
CA LEU L 152 31.83 18.40 -60.10
C LEU L 152 31.24 19.44 -59.15
N ARG L 153 30.46 20.38 -59.69
CA ARG L 153 29.83 21.39 -58.86
C ARG L 153 28.86 20.76 -57.87
N THR L 154 28.06 19.79 -58.32
CA THR L 154 27.15 19.10 -57.42
C THR L 154 27.90 18.36 -56.33
N TYR L 155 29.00 17.70 -56.70
CA TYR L 155 29.82 17.00 -55.72
C TYR L 155 30.33 17.96 -54.65
N ILE L 156 30.84 19.12 -55.08
CA ILE L 156 31.36 20.10 -54.14
C ILE L 156 30.24 20.58 -53.22
N ILE L 157 29.06 20.85 -53.77
CA ILE L 157 27.95 21.35 -52.96
C ILE L 157 27.55 20.33 -51.92
N SER L 158 27.45 19.06 -52.31
CA SER L 158 27.09 18.01 -51.36
C SER L 158 28.11 17.90 -50.24
N ILE L 159 29.40 17.93 -50.59
CA ILE L 159 30.44 17.82 -49.59
C ILE L 159 30.38 19.00 -48.63
N LEU L 160 30.08 20.20 -49.14
CA LEU L 160 29.95 21.36 -48.27
C LEU L 160 28.78 21.20 -47.31
N PHE L 161 27.63 20.76 -47.83
CA PHE L 161 26.44 20.67 -46.99
C PHE L 161 26.60 19.62 -45.89
N LYS L 162 27.28 18.51 -46.17
CA LYS L 162 27.49 17.51 -45.13
C LYS L 162 28.25 18.10 -43.94
N SER L 163 29.33 18.82 -44.22
CA SER L 163 30.09 19.45 -43.14
C SER L 163 29.26 20.51 -42.43
N ILE L 164 28.47 21.28 -43.18
CA ILE L 164 27.63 22.30 -42.56
C ILE L 164 26.69 21.66 -41.54
N PHE L 165 26.03 20.58 -41.95
CA PHE L 165 25.12 19.90 -41.03
C PHE L 165 25.85 19.35 -39.82
N GLU L 166 27.01 18.73 -40.03
CA GLU L 166 27.78 18.22 -38.89
C GLU L 166 28.05 19.34 -37.88
N VAL L 167 28.56 20.47 -38.36
CA VAL L 167 28.93 21.56 -37.46
C VAL L 167 27.68 22.09 -36.75
N ALA L 168 26.58 22.25 -37.48
CA ALA L 168 25.36 22.78 -36.87
C ALA L 168 24.87 21.87 -35.75
N PHE L 169 24.84 20.56 -36.00
CA PHE L 169 24.37 19.64 -34.97
C PHE L 169 25.29 19.65 -33.76
N LEU L 170 26.60 19.68 -33.99
CA LEU L 170 27.53 19.73 -32.87
C LEU L 170 27.32 20.99 -32.02
N LEU L 171 27.14 22.14 -32.68
CA LEU L 171 26.93 23.38 -31.94
C LEU L 171 25.63 23.33 -31.14
N ILE L 172 24.55 22.81 -31.74
CA ILE L 172 23.29 22.73 -31.02
C ILE L 172 23.43 21.83 -29.80
N GLN L 173 24.08 20.67 -29.97
CA GLN L 173 24.26 19.76 -28.85
C GLN L 173 25.08 20.42 -27.74
N TRP L 174 26.14 21.15 -28.12
CA TRP L 174 26.95 21.83 -27.11
C TRP L 174 26.12 22.86 -26.35
N TYR L 175 25.28 23.61 -27.07
CA TYR L 175 24.51 24.66 -26.42
C TYR L 175 23.44 24.09 -25.49
N ILE L 176 22.77 23.02 -25.90
CA ILE L 176 21.61 22.54 -25.14
C ILE L 176 22.05 21.69 -23.95
N TYR L 177 22.89 20.68 -24.19
CA TYR L 177 23.23 19.69 -23.18
C TYR L 177 24.66 19.85 -22.67
N GLY L 178 25.63 19.84 -23.58
CA GLY L 178 27.02 19.69 -23.19
C GLY L 178 27.54 18.34 -23.63
N PHE L 179 28.50 17.79 -22.89
CA PHE L 179 29.04 16.47 -23.20
C PHE L 179 29.24 15.66 -21.92
N SER L 180 28.25 15.71 -21.03
CA SER L 180 28.29 14.96 -19.78
C SER L 180 26.92 15.01 -19.13
N LEU L 181 26.70 14.11 -18.18
CA LEU L 181 25.46 14.03 -17.44
C LEU L 181 25.76 13.88 -15.96
N SER L 182 24.97 14.56 -15.13
CA SER L 182 25.10 14.49 -13.68
C SER L 182 23.95 13.67 -13.09
N ALA L 183 24.22 13.05 -11.94
CA ALA L 183 23.27 12.13 -11.35
C ALA L 183 22.08 12.82 -10.71
N VAL L 184 22.26 14.04 -10.21
CA VAL L 184 21.23 14.77 -9.48
C VAL L 184 20.86 16.02 -10.27
N TYR L 185 19.56 16.26 -10.41
CA TYR L 185 19.02 17.41 -11.12
C TYR L 185 18.12 18.21 -10.19
N THR L 186 18.16 19.53 -10.31
CA THR L 186 17.35 20.42 -9.48
C THR L 186 16.28 21.07 -10.35
N CYS L 187 15.03 20.93 -9.93
CA CYS L 187 13.87 21.34 -10.71
C CYS L 187 13.13 22.44 -9.97
N LYS L 188 12.80 23.51 -10.69
CA LYS L 188 12.07 24.65 -10.15
C LYS L 188 10.93 25.05 -11.09
N ARG L 189 10.14 24.07 -11.50
CA ARG L 189 9.00 24.29 -12.38
C ARG L 189 7.72 23.92 -11.64
N ASP L 190 6.67 24.71 -11.86
CA ASP L 190 5.39 24.44 -11.24
C ASP L 190 4.82 23.12 -11.76
N PRO L 191 4.02 22.41 -10.95
CA PRO L 191 3.57 22.74 -9.59
C PRO L 191 4.52 22.29 -8.47
N CYS L 192 5.78 21.98 -8.77
CA CYS L 192 6.70 21.54 -7.73
C CYS L 192 6.91 22.68 -6.72
N PRO L 193 6.81 22.40 -5.40
CA PRO L 193 6.89 23.49 -4.40
C PRO L 193 8.32 23.89 -4.07
N HIS L 194 8.73 25.04 -4.59
CA HIS L 194 9.94 25.78 -4.25
C HIS L 194 11.23 25.14 -4.76
N GLN L 195 11.23 23.84 -5.00
CA GLN L 195 12.38 23.13 -5.57
C GLN L 195 12.13 21.63 -5.49
N VAL L 196 12.87 20.85 -6.26
CA VAL L 196 12.80 19.39 -6.14
C VAL L 196 14.13 18.81 -6.62
N ASP L 197 14.56 17.75 -5.94
CA ASP L 197 15.71 16.97 -6.36
C ASP L 197 15.25 15.72 -7.08
N CYS L 198 15.81 15.46 -8.26
CA CYS L 198 15.46 14.31 -9.08
C CYS L 198 16.73 13.56 -9.45
N PHE L 199 16.57 12.27 -9.73
CA PHE L 199 17.70 11.36 -9.94
C PHE L 199 17.55 10.65 -11.27
N LEU L 200 18.65 10.54 -12.00
CA LEU L 200 18.68 9.98 -13.34
C LEU L 200 19.05 8.51 -13.33
N SER L 201 18.93 7.89 -14.50
CA SER L 201 19.26 6.49 -14.70
C SER L 201 20.51 6.37 -15.59
N ARG L 202 21.47 5.57 -15.14
CA ARG L 202 22.69 5.30 -15.89
C ARG L 202 23.37 6.58 -16.37
N PRO L 203 23.78 7.46 -15.45
CA PRO L 203 24.41 8.72 -15.86
C PRO L 203 25.89 8.60 -16.22
N THR L 204 26.50 7.43 -16.11
CA THR L 204 27.92 7.25 -16.41
C THR L 204 28.16 6.58 -17.75
N GLU L 205 27.36 5.58 -18.09
CA GLU L 205 27.49 4.92 -19.39
C GLU L 205 27.19 5.89 -20.53
N LYS L 206 26.15 6.71 -20.34
CA LYS L 206 25.73 7.63 -21.39
C LYS L 206 26.81 8.64 -21.70
N THR L 207 27.58 9.08 -20.70
CA THR L 207 28.70 9.96 -20.96
C THR L 207 29.72 9.30 -21.88
N ILE L 208 30.02 8.03 -21.62
CA ILE L 208 30.98 7.31 -22.45
C ILE L 208 30.50 7.26 -23.90
N PHE L 209 29.22 6.92 -24.09
CA PHE L 209 28.71 6.82 -25.45
C PHE L 209 28.69 8.20 -26.13
N ILE L 210 28.37 9.25 -25.38
CA ILE L 210 28.38 10.60 -25.92
C ILE L 210 29.77 10.95 -26.44
N ILE L 211 30.79 10.64 -25.65
CA ILE L 211 32.16 10.94 -26.06
C ILE L 211 32.53 10.14 -27.31
N PHE L 212 32.15 8.86 -27.35
CA PHE L 212 32.40 8.07 -28.55
C PHE L 212 31.80 8.73 -29.79
N MET L 213 30.54 9.12 -29.71
CA MET L 213 29.88 9.71 -30.87
C MET L 213 30.51 11.04 -31.26
N LEU L 214 30.93 11.83 -30.27
CA LEU L 214 31.63 13.08 -30.57
C LEU L 214 32.90 12.82 -31.36
N VAL L 215 33.69 11.83 -30.94
CA VAL L 215 34.93 11.52 -31.65
C VAL L 215 34.62 11.10 -33.08
N VAL L 216 33.60 10.25 -33.26
CA VAL L 216 33.25 9.78 -34.60
C VAL L 216 32.87 10.97 -35.48
N SER L 217 32.07 11.90 -34.95
CA SER L 217 31.65 13.05 -35.74
C SER L 217 32.84 13.92 -36.15
N LEU L 218 33.77 14.14 -35.22
CA LEU L 218 34.95 14.94 -35.55
C LEU L 218 35.77 14.27 -36.65
N VAL L 219 35.95 12.96 -36.56
CA VAL L 219 36.72 12.25 -37.59
C VAL L 219 36.04 12.40 -38.95
N SER L 220 34.71 12.26 -38.99
CA SER L 220 33.99 12.40 -40.25
C SER L 220 34.17 13.80 -40.82
N LEU L 221 34.08 14.83 -39.97
CA LEU L 221 34.24 16.20 -40.44
C LEU L 221 35.61 16.42 -41.05
N ALA L 222 36.66 15.93 -40.38
CA ALA L 222 38.01 16.09 -40.92
C ALA L 222 38.16 15.39 -42.26
N LEU L 223 37.67 14.15 -42.36
CA LEU L 223 37.79 13.42 -43.60
C LEU L 223 37.02 14.10 -44.73
N ASN L 224 35.92 14.77 -44.42
CA ASN L 224 35.19 15.49 -45.46
C ASN L 224 35.91 16.76 -45.89
N ILE L 225 36.56 17.46 -44.96
CA ILE L 225 37.29 18.68 -45.33
C ILE L 225 38.48 18.35 -46.21
N ILE L 226 39.15 17.22 -45.94
CA ILE L 226 40.30 16.85 -46.73
C ILE L 226 39.94 16.73 -48.21
N GLU L 227 38.77 16.15 -48.50
CA GLU L 227 38.36 15.99 -49.89
C GLU L 227 38.18 17.33 -50.58
N LEU L 228 37.57 18.30 -49.90
CA LEU L 228 37.41 19.62 -50.48
C LEU L 228 38.75 20.25 -50.79
N PHE L 229 39.69 20.17 -49.85
CA PHE L 229 41.01 20.75 -50.11
C PHE L 229 41.68 20.08 -51.30
N TYR L 230 41.62 18.76 -51.38
CA TYR L 230 42.23 18.05 -52.49
C TYR L 230 41.61 18.46 -53.82
N VAL L 231 40.27 18.52 -53.86
CA VAL L 231 39.59 18.86 -55.10
C VAL L 231 39.97 20.26 -55.55
N PHE L 232 39.96 21.22 -54.62
CA PHE L 232 40.28 22.59 -55.01
C PHE L 232 41.72 22.73 -55.45
N PHE L 233 42.64 22.03 -54.79
CA PHE L 233 44.04 22.09 -55.24
C PHE L 233 44.19 21.52 -56.64
N LYS L 234 43.54 20.39 -56.93
CA LYS L 234 43.62 19.83 -58.26
C LYS L 234 43.01 20.77 -59.30
N GLY L 235 41.88 21.40 -58.97
CA GLY L 235 41.23 22.30 -59.90
C GLY L 235 41.97 23.61 -60.11
N VAL L 236 42.79 24.02 -59.15
CA VAL L 236 43.55 25.27 -59.29
C VAL L 236 44.87 25.04 -59.99
N LYS L 237 45.63 24.01 -59.59
CA LYS L 237 46.93 23.79 -60.21
C LYS L 237 46.80 23.45 -61.70
N ASP L 238 45.73 22.76 -62.08
CA ASP L 238 45.49 22.42 -63.48
C ASP L 238 44.06 22.72 -63.87
#